data_2L3L
#
_entry.id   2L3L
#
_entity_poly.entity_id   1
_entity_poly.type   'polypeptide(L)'
_entity_poly.pdbx_seq_one_letter_code
;MPERLQRREQERQLEVERRKQKRQNQEVEKENSHFFVATFARERAAVEELLERAESVERLEEAASRLQGLQKLINDSVFF
LAAYDLRQGQEALARLQAALAERRRGLQPKK
;
_entity_poly.pdbx_strand_id   A
#
# COMPACT_ATOMS: atom_id res chain seq x y z
N MET A 1 -12.83 -22.53 32.58
CA MET A 1 -11.97 -21.73 33.49
C MET A 1 -11.30 -22.64 34.52
N PRO A 2 -10.24 -23.39 34.13
CA PRO A 2 -9.56 -24.34 35.03
C PRO A 2 -8.64 -23.67 36.05
N GLU A 3 -8.07 -22.50 35.72
CA GLU A 3 -7.15 -21.69 36.54
C GLU A 3 -5.89 -22.44 37.04
N ARG A 4 -5.49 -23.53 36.35
CA ARG A 4 -4.33 -24.38 36.65
C ARG A 4 -3.01 -23.84 36.08
N LEU A 5 -1.89 -24.44 36.49
CA LEU A 5 -0.52 -24.17 36.02
C LEU A 5 -0.21 -24.93 34.73
N GLN A 6 -0.48 -24.32 33.57
CA GLN A 6 -0.15 -24.86 32.25
C GLN A 6 1.36 -24.75 31.95
N ARG A 7 2.17 -25.68 32.48
CA ARG A 7 3.62 -25.79 32.23
C ARG A 7 3.98 -26.74 31.07
N ARG A 8 3.05 -27.57 30.63
CA ARG A 8 3.21 -28.55 29.53
C ARG A 8 3.54 -27.90 28.18
N GLU A 9 3.08 -26.68 27.95
CA GLU A 9 3.42 -25.89 26.74
C GLU A 9 4.93 -25.68 26.57
N GLN A 10 5.68 -25.54 27.67
CA GLN A 10 7.14 -25.43 27.67
C GLN A 10 7.84 -26.72 27.19
N GLU A 11 7.25 -27.90 27.38
CA GLU A 11 7.80 -29.16 26.84
C GLU A 11 7.80 -29.12 25.31
N ARG A 12 6.72 -28.63 24.70
CA ARG A 12 6.59 -28.46 23.24
C ARG A 12 7.50 -27.35 22.68
N GLN A 13 7.88 -26.38 23.51
CA GLN A 13 8.78 -25.27 23.13
C GLN A 13 10.12 -25.79 22.55
N LEU A 14 10.58 -26.98 22.98
CA LEU A 14 11.78 -27.66 22.45
C LEU A 14 11.73 -27.90 20.93
N GLU A 15 10.55 -27.83 20.31
CA GLU A 15 10.38 -27.94 18.84
C GLU A 15 11.14 -26.83 18.09
N VAL A 16 11.45 -25.70 18.75
CA VAL A 16 12.25 -24.60 18.20
C VAL A 16 13.68 -25.05 17.84
N GLU A 17 14.19 -26.10 18.50
CA GLU A 17 15.50 -26.67 18.17
C GLU A 17 15.56 -27.22 16.74
N ARG A 18 14.43 -27.65 16.20
CA ARG A 18 14.27 -28.11 14.81
C ARG A 18 14.41 -26.96 13.82
N ARG A 19 13.86 -25.76 14.13
CA ARG A 19 14.00 -24.55 13.30
C ARG A 19 15.46 -24.09 13.20
N LYS A 20 16.28 -24.31 14.24
CA LYS A 20 17.72 -23.97 14.23
C LYS A 20 18.53 -24.68 13.12
N GLN A 21 18.08 -25.86 12.67
CA GLN A 21 18.69 -26.60 11.54
C GLN A 21 18.38 -26.02 10.15
N LYS A 22 17.32 -25.21 10.02
CA LYS A 22 16.94 -24.49 8.79
C LYS A 22 17.76 -23.20 8.65
N ARG A 23 17.45 -22.41 7.62
CA ARG A 23 18.03 -21.07 7.35
C ARG A 23 17.83 -20.11 8.53
N GLN A 24 18.54 -18.98 8.51
CA GLN A 24 18.52 -17.96 9.56
C GLN A 24 17.10 -17.45 9.84
N ASN A 25 16.81 -17.08 11.10
CA ASN A 25 15.52 -16.52 11.52
C ASN A 25 15.17 -15.16 10.85
N GLN A 26 16.10 -14.56 10.12
CA GLN A 26 15.89 -13.31 9.37
C GLN A 26 14.75 -13.37 8.33
N GLU A 27 14.47 -14.58 7.85
CA GLU A 27 13.36 -14.89 6.95
C GLU A 27 11.99 -14.95 7.63
N VAL A 28 11.96 -15.12 8.96
CA VAL A 28 10.72 -15.09 9.75
C VAL A 28 10.05 -13.72 9.65
N GLU A 29 10.83 -12.66 9.40
CA GLU A 29 10.31 -11.30 9.19
C GLU A 29 9.39 -11.19 7.97
N LYS A 30 9.57 -12.06 6.97
CA LYS A 30 8.77 -12.14 5.73
C LYS A 30 7.28 -12.45 5.98
N GLU A 31 6.93 -12.94 7.17
CA GLU A 31 5.53 -13.18 7.56
C GLU A 31 4.80 -11.87 7.94
N ASN A 32 5.53 -10.81 8.29
CA ASN A 32 4.98 -9.48 8.62
C ASN A 32 4.54 -8.69 7.38
N SER A 33 5.03 -9.04 6.18
CA SER A 33 4.63 -8.38 4.92
C SER A 33 3.13 -8.58 4.65
N HIS A 34 2.58 -9.75 5.01
CA HIS A 34 1.15 -10.07 4.91
C HIS A 34 0.31 -9.10 5.76
N PHE A 35 0.78 -8.72 6.96
CA PHE A 35 0.10 -7.73 7.80
C PHE A 35 -0.04 -6.40 7.08
N PHE A 36 1.05 -5.88 6.51
CA PHE A 36 1.03 -4.64 5.71
C PHE A 36 0.00 -4.72 4.58
N VAL A 37 0.06 -5.76 3.74
CA VAL A 37 -0.91 -5.94 2.64
C VAL A 37 -2.35 -5.94 3.16
N ALA A 38 -2.61 -6.57 4.32
CA ALA A 38 -3.93 -6.58 4.96
C ALA A 38 -4.38 -5.18 5.39
N THR A 39 -3.63 -4.52 6.29
CA THR A 39 -3.95 -3.17 6.81
C THR A 39 -4.04 -2.14 5.67
N PHE A 40 -3.14 -2.19 4.70
CA PHE A 40 -3.12 -1.29 3.53
C PHE A 40 -4.34 -1.50 2.62
N ALA A 41 -4.63 -2.74 2.21
CA ALA A 41 -5.81 -3.07 1.39
C ALA A 41 -7.13 -2.63 2.05
N ARG A 42 -7.24 -2.82 3.38
CA ARG A 42 -8.39 -2.39 4.20
C ARG A 42 -8.49 -0.87 4.31
N GLU A 43 -7.38 -0.17 4.49
CA GLU A 43 -7.34 1.30 4.57
C GLU A 43 -7.67 1.95 3.23
N ARG A 44 -7.02 1.51 2.13
CA ARG A 44 -7.22 2.09 0.79
C ARG A 44 -8.71 2.05 0.39
N ALA A 45 -9.37 0.95 0.74
CA ALA A 45 -10.79 0.72 0.48
C ALA A 45 -11.70 1.71 1.22
N ALA A 46 -11.40 2.02 2.49
CA ALA A 46 -12.15 3.00 3.27
C ALA A 46 -12.05 4.42 2.68
N VAL A 47 -10.85 4.86 2.29
CA VAL A 47 -10.65 6.16 1.61
C VAL A 47 -11.40 6.21 0.27
N GLU A 48 -11.35 5.13 -0.51
CA GLU A 48 -12.08 4.97 -1.78
C GLU A 48 -13.61 5.09 -1.62
N GLU A 49 -14.14 4.77 -0.44
CA GLU A 49 -15.57 4.89 -0.13
C GLU A 49 -15.95 6.25 0.48
N LEU A 50 -15.06 6.88 1.26
CA LEU A 50 -15.24 8.23 1.81
C LEU A 50 -15.43 9.28 0.71
N LEU A 51 -14.54 9.29 -0.29
CA LEU A 51 -14.65 10.21 -1.44
C LEU A 51 -15.97 10.04 -2.24
N GLU A 52 -16.55 8.85 -2.21
CA GLU A 52 -17.85 8.54 -2.82
C GLU A 52 -19.01 9.04 -1.94
N ARG A 53 -18.89 8.95 -0.62
CA ARG A 53 -19.88 9.48 0.36
C ARG A 53 -19.86 11.01 0.47
N ALA A 54 -18.74 11.66 0.14
CA ALA A 54 -18.59 13.12 0.12
C ALA A 54 -19.61 13.80 -0.82
N GLU A 55 -20.21 14.92 -0.38
CA GLU A 55 -21.22 15.69 -1.12
C GLU A 55 -20.81 17.14 -1.42
N SER A 56 -19.82 17.66 -0.68
CA SER A 56 -19.28 19.03 -0.78
C SER A 56 -17.76 19.03 -0.53
N VAL A 57 -17.12 20.17 -0.80
CA VAL A 57 -15.66 20.36 -0.63
C VAL A 57 -15.17 20.07 0.79
N GLU A 58 -16.02 20.24 1.81
CA GLU A 58 -15.71 19.96 3.22
C GLU A 58 -15.26 18.49 3.45
N ARG A 59 -16.07 17.53 2.99
CA ARG A 59 -15.78 16.08 3.05
C ARG A 59 -14.63 15.69 2.12
N LEU A 60 -14.50 16.38 0.98
CA LEU A 60 -13.42 16.19 0.01
C LEU A 60 -12.03 16.51 0.62
N GLU A 61 -11.91 17.63 1.34
CA GLU A 61 -10.71 18.04 2.07
C GLU A 61 -10.33 17.03 3.17
N GLU A 62 -11.32 16.42 3.84
CA GLU A 62 -11.10 15.36 4.83
C GLU A 62 -10.46 14.10 4.21
N ALA A 63 -10.97 13.64 3.06
CA ALA A 63 -10.41 12.52 2.30
C ALA A 63 -8.94 12.73 1.90
N ALA A 64 -8.53 13.96 1.61
CA ALA A 64 -7.13 14.29 1.31
C ALA A 64 -6.18 14.07 2.52
N SER A 65 -6.70 14.06 3.75
CA SER A 65 -5.93 13.74 4.97
C SER A 65 -5.83 12.23 5.20
N ARG A 66 -6.86 11.47 4.82
CA ARG A 66 -6.86 10.00 4.89
C ARG A 66 -5.79 9.39 3.97
N LEU A 67 -5.68 9.88 2.74
CA LEU A 67 -4.68 9.40 1.77
C LEU A 67 -3.24 9.73 2.22
N GLN A 68 -3.03 10.90 2.83
CA GLN A 68 -1.75 11.35 3.41
C GLN A 68 -1.27 10.50 4.60
N GLY A 69 -2.20 9.91 5.34
CA GLY A 69 -1.90 9.03 6.47
C GLY A 69 -1.52 7.61 6.02
N LEU A 70 -2.14 7.14 4.94
CA LEU A 70 -1.81 5.85 4.32
C LEU A 70 -0.37 5.78 3.80
N GLN A 71 0.19 6.86 3.23
CA GLN A 71 1.61 6.87 2.81
C GLN A 71 2.58 6.67 3.99
N LYS A 72 2.20 7.10 5.21
CA LYS A 72 3.00 6.96 6.43
C LYS A 72 3.17 5.50 6.90
N LEU A 73 2.19 4.64 6.63
CA LEU A 73 2.23 3.21 6.91
C LEU A 73 3.43 2.55 6.20
N ILE A 74 3.60 2.82 4.91
CA ILE A 74 4.76 2.33 4.13
C ILE A 74 6.05 2.97 4.65
N ASN A 75 6.06 4.28 4.95
CA ASN A 75 7.24 5.00 5.44
C ASN A 75 7.87 4.39 6.72
N ASP A 76 7.08 3.72 7.56
CA ASP A 76 7.59 3.01 8.74
C ASP A 76 8.42 1.75 8.38
N SER A 77 7.90 0.91 7.49
CA SER A 77 8.50 -0.37 7.05
C SER A 77 9.14 -0.28 5.65
N VAL A 78 9.50 0.92 5.19
CA VAL A 78 10.00 1.19 3.83
C VAL A 78 11.25 0.40 3.48
N PHE A 79 12.20 0.29 4.41
CA PHE A 79 13.44 -0.48 4.27
C PHE A 79 13.20 -2.00 4.43
N PHE A 80 11.97 -2.40 4.77
CA PHE A 80 11.57 -3.80 4.95
C PHE A 80 10.81 -4.32 3.72
N LEU A 81 9.87 -3.52 3.21
CA LEU A 81 9.11 -3.81 1.99
C LEU A 81 10.06 -3.84 0.77
N ALA A 82 9.96 -4.91 -0.03
CA ALA A 82 10.70 -5.06 -1.28
C ALA A 82 10.36 -3.92 -2.27
N ALA A 83 11.22 -3.67 -3.26
CA ALA A 83 10.98 -2.68 -4.33
C ALA A 83 9.62 -2.90 -5.04
N TYR A 84 9.13 -4.14 -5.12
CA TYR A 84 7.81 -4.49 -5.66
C TYR A 84 6.69 -3.90 -4.80
N ASP A 85 6.66 -4.24 -3.50
CA ASP A 85 5.58 -3.88 -2.57
C ASP A 85 5.62 -2.41 -2.15
N LEU A 86 6.82 -1.86 -1.97
CA LEU A 86 7.06 -0.45 -1.67
C LEU A 86 6.46 0.41 -2.79
N ARG A 87 6.83 0.11 -4.04
CA ARG A 87 6.34 0.85 -5.22
C ARG A 87 4.83 0.69 -5.40
N GLN A 88 4.30 -0.49 -5.09
CA GLN A 88 2.87 -0.82 -5.10
C GLN A 88 2.08 0.02 -4.10
N GLY A 89 2.43 -0.02 -2.81
CA GLY A 89 1.73 0.75 -1.78
C GLY A 89 1.80 2.27 -2.00
N GLN A 90 2.92 2.78 -2.51
CA GLN A 90 3.06 4.19 -2.86
C GLN A 90 2.15 4.59 -4.05
N GLU A 91 2.23 3.89 -5.19
CA GLU A 91 1.43 4.20 -6.38
C GLU A 91 -0.07 3.91 -6.23
N ALA A 92 -0.42 2.98 -5.37
CA ALA A 92 -1.80 2.64 -5.02
C ALA A 92 -2.57 3.85 -4.48
N LEU A 93 -1.96 4.67 -3.61
CA LEU A 93 -2.60 5.91 -3.15
C LEU A 93 -2.93 6.87 -4.30
N ALA A 94 -2.00 7.02 -5.26
CA ALA A 94 -2.19 7.85 -6.46
C ALA A 94 -3.41 7.40 -7.28
N ARG A 95 -3.66 6.09 -7.34
CA ARG A 95 -4.81 5.49 -8.04
C ARG A 95 -6.15 6.01 -7.50
N LEU A 96 -6.28 6.08 -6.16
CA LEU A 96 -7.44 6.62 -5.44
C LEU A 96 -7.49 8.15 -5.48
N GLN A 97 -6.34 8.82 -5.56
CA GLN A 97 -6.22 10.28 -5.65
C GLN A 97 -7.00 10.84 -6.86
N ALA A 98 -6.99 10.12 -7.98
CA ALA A 98 -7.76 10.45 -9.18
C ALA A 98 -9.27 10.49 -8.87
N ALA A 99 -9.80 9.51 -8.13
CA ALA A 99 -11.22 9.48 -7.73
C ALA A 99 -11.64 10.75 -6.96
N LEU A 100 -10.73 11.38 -6.21
CA LEU A 100 -10.99 12.65 -5.52
C LEU A 100 -10.96 13.80 -6.52
N ALA A 101 -9.89 13.92 -7.32
CA ALA A 101 -9.72 15.00 -8.29
C ALA A 101 -10.87 15.05 -9.33
N GLU A 102 -11.41 13.89 -9.70
CA GLU A 102 -12.56 13.70 -10.60
C GLU A 102 -13.87 14.26 -10.02
N ARG A 103 -14.00 14.35 -8.69
CA ARG A 103 -15.15 14.96 -7.99
C ARG A 103 -14.85 16.43 -7.71
N ARG A 104 -13.62 16.77 -7.31
CA ARG A 104 -13.13 18.12 -7.04
C ARG A 104 -13.41 19.09 -8.19
N ARG A 105 -13.06 18.71 -9.42
CA ARG A 105 -13.29 19.51 -10.64
C ARG A 105 -14.75 19.95 -10.87
N GLY A 106 -15.72 19.17 -10.37
CA GLY A 106 -17.15 19.47 -10.43
C GLY A 106 -17.70 20.13 -9.15
N LEU A 107 -16.96 20.07 -8.04
CA LEU A 107 -17.30 20.67 -6.74
C LEU A 107 -16.76 22.12 -6.63
N GLN A 108 -15.44 22.27 -6.53
CA GLN A 108 -14.76 23.57 -6.51
C GLN A 108 -14.99 24.37 -7.81
N PRO A 109 -14.84 25.72 -7.76
CA PRO A 109 -14.96 26.57 -8.95
C PRO A 109 -13.81 26.34 -9.94
N LYS A 110 -14.06 26.67 -11.22
CA LYS A 110 -13.08 26.63 -12.32
C LYS A 110 -12.62 28.04 -12.73
N LYS A 111 -11.49 28.12 -13.43
CA LYS A 111 -10.94 29.36 -14.00
C LYS A 111 -11.73 29.78 -15.25
N MET A 1 9.39 -5.92 -32.15
CA MET A 1 9.81 -5.85 -30.73
C MET A 1 8.75 -6.50 -29.81
N PRO A 2 8.73 -7.84 -29.65
CA PRO A 2 7.83 -8.54 -28.72
C PRO A 2 8.29 -8.41 -27.26
N GLU A 3 7.45 -8.85 -26.32
CA GLU A 3 7.77 -8.89 -24.88
C GLU A 3 8.50 -10.19 -24.48
N ARG A 4 9.30 -10.14 -23.41
CA ARG A 4 10.00 -11.31 -22.81
C ARG A 4 9.18 -11.94 -21.67
N LEU A 5 8.47 -11.12 -20.91
CA LEU A 5 7.60 -11.51 -19.78
C LEU A 5 6.30 -12.16 -20.27
N GLN A 6 6.34 -13.46 -20.53
CA GLN A 6 5.21 -14.30 -20.93
C GLN A 6 4.95 -15.42 -19.91
N ARG A 7 3.84 -16.15 -20.08
CA ARG A 7 3.40 -17.29 -19.25
C ARG A 7 3.29 -16.96 -17.76
N ARG A 8 2.94 -15.72 -17.42
CA ARG A 8 2.74 -15.22 -16.03
C ARG A 8 1.79 -16.08 -15.18
N GLU A 9 0.80 -16.70 -15.83
CA GLU A 9 -0.14 -17.66 -15.21
C GLU A 9 0.52 -19.01 -14.90
N GLN A 10 1.43 -19.49 -15.75
CA GLN A 10 2.22 -20.70 -15.53
C GLN A 10 3.14 -20.58 -14.30
N GLU A 11 3.55 -19.36 -13.95
CA GLU A 11 4.35 -19.08 -12.73
C GLU A 11 3.59 -19.49 -11.45
N ARG A 12 2.24 -19.55 -11.50
CA ARG A 12 1.40 -20.02 -10.39
C ARG A 12 1.56 -21.52 -10.11
N GLN A 13 1.98 -22.30 -11.10
CA GLN A 13 2.28 -23.73 -10.97
C GLN A 13 3.56 -23.96 -10.15
N LEU A 14 4.55 -23.05 -10.25
CA LEU A 14 5.79 -23.14 -9.48
C LEU A 14 5.56 -23.10 -7.96
N GLU A 15 4.47 -22.50 -7.50
CA GLU A 15 4.06 -22.45 -6.08
C GLU A 15 3.94 -23.84 -5.44
N VAL A 16 3.61 -24.88 -6.22
CA VAL A 16 3.56 -26.28 -5.75
C VAL A 16 4.99 -26.78 -5.47
N GLU A 17 5.87 -26.70 -6.46
CA GLU A 17 7.28 -27.13 -6.35
C GLU A 17 8.11 -26.24 -5.40
N ARG A 18 7.64 -25.02 -5.14
CA ARG A 18 8.20 -24.06 -4.19
C ARG A 18 8.32 -24.68 -2.80
N ARG A 19 7.34 -25.48 -2.38
CA ARG A 19 7.32 -26.24 -1.11
C ARG A 19 8.39 -27.34 -1.03
N LYS A 20 8.93 -27.81 -2.15
CA LYS A 20 10.04 -28.79 -2.21
C LYS A 20 11.42 -28.11 -2.06
N GLN A 21 11.53 -26.87 -2.52
CA GLN A 21 12.75 -26.03 -2.51
C GLN A 21 12.71 -24.89 -1.47
N LYS A 22 11.63 -24.79 -0.68
CA LYS A 22 11.44 -23.77 0.37
C LYS A 22 12.62 -23.78 1.35
N ARG A 23 13.03 -22.59 1.78
CA ARG A 23 14.08 -22.42 2.81
C ARG A 23 13.56 -22.84 4.19
N GLN A 24 14.44 -22.81 5.18
CA GLN A 24 14.13 -23.12 6.57
C GLN A 24 13.01 -22.21 7.12
N ASN A 25 12.53 -22.51 8.34
CA ASN A 25 11.53 -21.69 9.04
C ASN A 25 11.98 -20.22 9.23
N GLN A 26 13.25 -19.89 9.00
CA GLN A 26 13.78 -18.52 9.03
C GLN A 26 13.19 -17.59 7.96
N GLU A 27 12.62 -18.15 6.90
CA GLU A 27 11.91 -17.39 5.83
C GLU A 27 10.45 -17.05 6.21
N VAL A 28 9.91 -17.65 7.27
CA VAL A 28 8.57 -17.33 7.80
C VAL A 28 8.49 -15.88 8.29
N GLU A 29 9.63 -15.25 8.57
CA GLU A 29 9.73 -13.83 8.94
C GLU A 29 9.15 -12.89 7.87
N LYS A 30 9.15 -13.35 6.61
CA LYS A 30 8.57 -12.67 5.43
C LYS A 30 7.04 -12.59 5.44
N GLU A 31 6.38 -13.42 6.25
CA GLU A 31 4.91 -13.39 6.44
C GLU A 31 4.42 -12.07 7.06
N ASN A 32 5.30 -11.27 7.66
CA ASN A 32 4.96 -9.94 8.19
C ASN A 32 4.43 -9.00 7.08
N SER A 33 4.72 -9.29 5.80
CA SER A 33 4.21 -8.55 4.64
C SER A 33 2.67 -8.64 4.57
N HIS A 34 2.07 -9.75 5.02
CA HIS A 34 0.62 -9.93 5.11
C HIS A 34 -0.03 -8.90 6.05
N PHE A 35 0.62 -8.57 7.18
CA PHE A 35 0.14 -7.54 8.10
C PHE A 35 -0.04 -6.20 7.39
N PHE A 36 1.02 -5.73 6.70
CA PHE A 36 0.98 -4.51 5.90
C PHE A 36 -0.14 -4.55 4.87
N VAL A 37 -0.21 -5.61 4.05
CA VAL A 37 -1.26 -5.79 3.04
C VAL A 37 -2.66 -5.66 3.68
N ALA A 38 -2.86 -6.23 4.87
CA ALA A 38 -4.12 -6.14 5.61
C ALA A 38 -4.46 -4.69 5.99
N THR A 39 -3.60 -4.03 6.77
CA THR A 39 -3.78 -2.64 7.23
C THR A 39 -3.88 -1.65 6.06
N PHE A 40 -3.04 -1.81 5.02
CA PHE A 40 -3.02 -0.98 3.82
C PHE A 40 -4.31 -1.11 3.00
N ALA A 41 -4.72 -2.33 2.66
CA ALA A 41 -5.96 -2.59 1.92
C ALA A 41 -7.20 -2.06 2.67
N ARG A 42 -7.27 -2.30 3.99
CA ARG A 42 -8.34 -1.80 4.86
C ARG A 42 -8.41 -0.27 4.89
N GLU A 43 -7.25 0.40 5.03
CA GLU A 43 -7.16 1.86 4.99
C GLU A 43 -7.54 2.44 3.62
N ARG A 44 -6.92 1.96 2.53
CA ARG A 44 -7.15 2.50 1.17
C ARG A 44 -8.62 2.35 0.78
N ALA A 45 -9.23 1.22 1.15
CA ALA A 45 -10.64 0.93 0.93
C ALA A 45 -11.56 1.93 1.64
N ALA A 46 -11.30 2.22 2.92
CA ALA A 46 -12.07 3.20 3.70
C ALA A 46 -12.05 4.59 3.03
N VAL A 47 -10.89 5.08 2.59
CA VAL A 47 -10.76 6.37 1.90
C VAL A 47 -11.38 6.35 0.49
N GLU A 48 -11.17 5.27 -0.27
CA GLU A 48 -11.79 5.07 -1.59
C GLU A 48 -13.33 5.06 -1.52
N GLU A 49 -13.90 4.60 -0.41
CA GLU A 49 -15.36 4.63 -0.17
C GLU A 49 -15.83 6.03 0.29
N LEU A 50 -15.03 6.73 1.10
CA LEU A 50 -15.28 8.10 1.54
C LEU A 50 -15.36 9.09 0.36
N LEU A 51 -14.36 9.09 -0.55
CA LEU A 51 -14.36 10.02 -1.70
C LEU A 51 -15.59 9.85 -2.61
N GLU A 52 -16.13 8.64 -2.70
CA GLU A 52 -17.37 8.31 -3.44
C GLU A 52 -18.64 8.84 -2.74
N ARG A 53 -18.63 8.93 -1.40
CA ARG A 53 -19.74 9.46 -0.59
C ARG A 53 -19.56 10.93 -0.17
N ALA A 54 -18.49 11.59 -0.63
CA ALA A 54 -18.18 13.00 -0.40
C ALA A 54 -19.03 13.94 -1.29
N GLU A 55 -20.34 14.02 -1.04
CA GLU A 55 -21.27 14.92 -1.76
C GLU A 55 -21.00 16.42 -1.46
N SER A 56 -20.31 16.71 -0.35
CA SER A 56 -19.86 18.04 0.05
C SER A 56 -18.33 18.15 -0.02
N VAL A 57 -17.84 19.35 -0.33
CA VAL A 57 -16.40 19.70 -0.37
C VAL A 57 -15.69 19.32 0.93
N GLU A 58 -16.32 19.52 2.08
CA GLU A 58 -15.78 19.16 3.40
C GLU A 58 -15.39 17.67 3.50
N ARG A 59 -16.29 16.76 3.09
CA ARG A 59 -16.01 15.31 3.03
C ARG A 59 -14.95 14.95 1.98
N LEU A 60 -14.81 15.74 0.92
CA LEU A 60 -13.81 15.53 -0.12
C LEU A 60 -12.41 15.92 0.37
N GLU A 61 -12.29 17.12 0.96
CA GLU A 61 -11.05 17.63 1.55
C GLU A 61 -10.55 16.77 2.72
N GLU A 62 -11.42 16.33 3.63
CA GLU A 62 -11.01 15.43 4.73
C GLU A 62 -10.50 14.07 4.22
N ALA A 63 -11.07 13.52 3.12
CA ALA A 63 -10.61 12.29 2.50
C ALA A 63 -9.12 12.37 2.07
N ALA A 64 -8.73 13.51 1.49
CA ALA A 64 -7.35 13.81 1.13
C ALA A 64 -6.39 13.79 2.34
N SER A 65 -6.86 14.10 3.55
CA SER A 65 -6.07 14.02 4.79
C SER A 65 -5.98 12.59 5.32
N ARG A 66 -7.05 11.79 5.17
CA ARG A 66 -7.06 10.37 5.55
C ARG A 66 -6.05 9.57 4.71
N LEU A 67 -6.00 9.79 3.40
CA LEU A 67 -5.05 9.12 2.49
C LEU A 67 -3.59 9.59 2.69
N GLN A 68 -3.35 10.84 3.08
CA GLN A 68 -2.01 11.37 3.36
C GLN A 68 -1.28 10.63 4.51
N GLY A 69 -2.03 10.01 5.41
CA GLY A 69 -1.50 9.17 6.50
C GLY A 69 -1.15 7.73 6.07
N LEU A 70 -1.70 7.27 4.94
CA LEU A 70 -1.38 5.96 4.36
C LEU A 70 0.05 5.91 3.81
N GLN A 71 0.58 6.99 3.22
CA GLN A 71 1.99 7.02 2.77
C GLN A 71 2.97 6.84 3.96
N LYS A 72 2.63 7.33 5.16
CA LYS A 72 3.43 7.17 6.38
C LYS A 72 3.50 5.72 6.89
N LEU A 73 2.51 4.88 6.62
CA LEU A 73 2.53 3.45 6.95
C LEU A 73 3.69 2.74 6.22
N ILE A 74 3.84 2.96 4.91
CA ILE A 74 4.95 2.40 4.14
C ILE A 74 6.28 3.02 4.57
N ASN A 75 6.34 4.33 4.83
CA ASN A 75 7.57 5.02 5.27
C ASN A 75 8.25 4.35 6.50
N ASP A 76 7.47 3.74 7.39
CA ASP A 76 7.99 2.99 8.54
C ASP A 76 8.70 1.68 8.13
N SER A 77 8.01 0.83 7.36
CA SER A 77 8.46 -0.50 6.89
C SER A 77 9.07 -0.48 5.47
N VAL A 78 9.53 0.68 4.99
CA VAL A 78 10.04 0.87 3.62
C VAL A 78 11.23 -0.03 3.28
N PHE A 79 12.19 -0.17 4.20
CA PHE A 79 13.35 -1.05 4.07
C PHE A 79 13.00 -2.54 4.31
N PHE A 80 11.76 -2.81 4.70
CA PHE A 80 11.24 -4.18 4.93
C PHE A 80 10.46 -4.69 3.71
N LEU A 81 9.56 -3.87 3.18
CA LEU A 81 8.77 -4.16 1.98
C LEU A 81 9.68 -4.35 0.75
N ALA A 82 9.39 -5.40 -0.04
CA ALA A 82 10.09 -5.66 -1.29
C ALA A 82 9.89 -4.49 -2.28
N ALA A 83 10.81 -4.31 -3.24
CA ALA A 83 10.69 -3.26 -4.26
C ALA A 83 9.35 -3.33 -5.03
N TYR A 84 8.78 -4.52 -5.18
CA TYR A 84 7.46 -4.78 -5.78
C TYR A 84 6.34 -4.12 -4.95
N ASP A 85 6.22 -4.52 -3.68
CA ASP A 85 5.16 -4.09 -2.77
C ASP A 85 5.30 -2.60 -2.36
N LEU A 86 6.54 -2.15 -2.16
CA LEU A 86 6.86 -0.76 -1.87
C LEU A 86 6.35 0.15 -3.00
N ARG A 87 6.74 -0.13 -4.24
CA ARG A 87 6.30 0.64 -5.42
C ARG A 87 4.80 0.57 -5.63
N GLN A 88 4.20 -0.59 -5.33
CA GLN A 88 2.75 -0.81 -5.36
C GLN A 88 2.01 0.09 -4.36
N GLY A 89 2.34 0.01 -3.06
CA GLY A 89 1.68 0.80 -2.01
C GLY A 89 1.87 2.31 -2.19
N GLN A 90 3.03 2.75 -2.68
CA GLN A 90 3.29 4.16 -2.98
C GLN A 90 2.40 4.67 -4.14
N GLU A 91 2.43 4.02 -5.30
CA GLU A 91 1.64 4.46 -6.47
C GLU A 91 0.12 4.27 -6.31
N ALA A 92 -0.27 3.30 -5.49
CA ALA A 92 -1.65 3.02 -5.10
C ALA A 92 -2.36 4.22 -4.49
N LEU A 93 -1.70 4.99 -3.62
CA LEU A 93 -2.28 6.23 -3.06
C LEU A 93 -2.55 7.28 -4.16
N ALA A 94 -1.59 7.47 -5.07
CA ALA A 94 -1.74 8.40 -6.19
C ALA A 94 -2.94 8.04 -7.09
N ARG A 95 -3.26 6.75 -7.20
CA ARG A 95 -4.43 6.26 -7.95
C ARG A 95 -5.74 6.85 -7.44
N LEU A 96 -5.86 7.00 -6.11
CA LEU A 96 -7.02 7.59 -5.41
C LEU A 96 -7.08 9.12 -5.57
N GLN A 97 -5.93 9.80 -5.64
CA GLN A 97 -5.83 11.24 -5.88
C GLN A 97 -6.54 11.66 -7.18
N ALA A 98 -6.37 10.88 -8.25
CA ALA A 98 -7.07 11.08 -9.52
C ALA A 98 -8.60 10.93 -9.37
N ALA A 99 -9.07 9.85 -8.72
CA ALA A 99 -10.49 9.64 -8.42
C ALA A 99 -11.11 10.82 -7.61
N LEU A 100 -10.34 11.40 -6.68
CA LEU A 100 -10.75 12.58 -5.91
C LEU A 100 -10.88 13.80 -6.84
N ALA A 101 -9.84 14.10 -7.63
CA ALA A 101 -9.78 15.22 -8.55
C ALA A 101 -10.90 15.23 -9.61
N GLU A 102 -11.29 14.04 -10.10
CA GLU A 102 -12.41 13.85 -11.04
C GLU A 102 -13.73 14.45 -10.52
N ARG A 103 -14.10 14.18 -9.25
CA ARG A 103 -15.30 14.75 -8.61
C ARG A 103 -15.06 16.17 -8.09
N ARG A 104 -13.84 16.47 -7.65
CA ARG A 104 -13.41 17.81 -7.19
C ARG A 104 -13.72 18.91 -8.21
N ARG A 105 -13.64 18.59 -9.51
CA ARG A 105 -13.94 19.48 -10.64
C ARG A 105 -15.32 20.15 -10.60
N GLY A 106 -16.28 19.56 -9.88
CA GLY A 106 -17.63 20.11 -9.64
C GLY A 106 -17.84 20.63 -8.21
N LEU A 107 -17.14 20.04 -7.23
CA LEU A 107 -17.20 20.39 -5.80
C LEU A 107 -16.34 21.63 -5.47
N GLN A 108 -15.02 21.52 -5.58
CA GLN A 108 -14.01 22.56 -5.33
C GLN A 108 -13.23 22.83 -6.64
N PRO A 109 -13.84 23.52 -7.63
CA PRO A 109 -13.17 23.87 -8.88
C PRO A 109 -11.99 24.83 -8.63
N LYS A 110 -11.01 24.82 -9.54
CA LYS A 110 -9.84 25.71 -9.49
C LYS A 110 -10.27 27.19 -9.60
N LYS A 111 -9.75 28.03 -8.70
CA LYS A 111 -10.06 29.47 -8.59
C LYS A 111 -9.18 30.31 -9.51
N MET A 1 24.27 -20.00 -0.65
CA MET A 1 25.47 -20.33 0.17
C MET A 1 26.76 -19.92 -0.58
N PRO A 2 27.09 -18.61 -0.68
CA PRO A 2 28.30 -18.15 -1.41
C PRO A 2 29.62 -18.40 -0.66
N GLU A 3 29.57 -18.66 0.65
CA GLU A 3 30.75 -18.94 1.48
C GLU A 3 31.46 -20.26 1.10
N ARG A 4 30.71 -21.25 0.61
CA ARG A 4 31.20 -22.56 0.15
C ARG A 4 31.03 -22.70 -1.38
N LEU A 5 31.76 -23.65 -1.97
CA LEU A 5 31.78 -23.93 -3.42
C LEU A 5 30.95 -25.16 -3.82
N GLN A 6 30.19 -25.74 -2.88
CA GLN A 6 29.32 -26.90 -3.10
C GLN A 6 28.12 -26.57 -4.00
N ARG A 7 27.59 -27.60 -4.69
CA ARG A 7 26.38 -27.52 -5.54
C ARG A 7 25.10 -28.03 -4.84
N ARG A 8 25.23 -28.56 -3.61
CA ARG A 8 24.12 -29.09 -2.77
C ARG A 8 23.02 -28.05 -2.51
N GLU A 9 23.32 -26.75 -2.59
CA GLU A 9 22.34 -25.66 -2.47
C GLU A 9 21.18 -25.79 -3.47
N GLN A 10 21.39 -26.41 -4.63
CA GLN A 10 20.33 -26.67 -5.61
C GLN A 10 19.24 -27.62 -5.06
N GLU A 11 19.60 -28.55 -4.17
CA GLU A 11 18.64 -29.45 -3.49
C GLU A 11 17.82 -28.72 -2.41
N ARG A 12 18.36 -27.64 -1.82
CA ARG A 12 17.66 -26.80 -0.81
C ARG A 12 16.41 -26.12 -1.34
N GLN A 13 16.25 -26.02 -2.67
CA GLN A 13 15.06 -25.49 -3.33
C GLN A 13 13.79 -26.23 -2.88
N LEU A 14 13.84 -27.56 -2.77
CA LEU A 14 12.75 -28.39 -2.25
C LEU A 14 12.71 -28.46 -0.72
N GLU A 15 13.79 -28.10 -0.04
CA GLU A 15 13.82 -28.02 1.43
C GLU A 15 13.12 -26.76 1.97
N VAL A 16 12.93 -25.70 1.17
CA VAL A 16 12.23 -24.46 1.58
C VAL A 16 10.85 -24.75 2.18
N GLU A 17 10.03 -25.56 1.51
CA GLU A 17 8.70 -25.96 1.99
C GLU A 17 8.74 -26.83 3.27
N ARG A 18 9.87 -27.50 3.50
CA ARG A 18 10.17 -28.33 4.68
C ARG A 18 10.57 -27.44 5.88
N ARG A 19 11.46 -26.47 5.66
CA ARG A 19 11.90 -25.46 6.65
C ARG A 19 10.73 -24.67 7.26
N LYS A 20 9.65 -24.47 6.49
CA LYS A 20 8.39 -23.83 6.93
C LYS A 20 7.70 -24.57 8.09
N GLN A 21 7.93 -25.88 8.23
CA GLN A 21 7.42 -26.76 9.29
C GLN A 21 8.49 -27.24 10.29
N LYS A 22 9.77 -27.14 9.92
CA LYS A 22 10.97 -27.43 10.74
C LYS A 22 11.12 -26.40 11.88
N ARG A 23 12.17 -26.57 12.70
CA ARG A 23 12.56 -25.64 13.80
C ARG A 23 12.96 -24.26 13.24
N GLN A 24 13.17 -23.30 14.14
CA GLN A 24 13.56 -21.91 13.87
C GLN A 24 12.42 -21.09 13.23
N ASN A 25 11.46 -20.66 14.05
CA ASN A 25 10.30 -19.85 13.62
C ASN A 25 10.70 -18.45 13.11
N GLN A 26 11.98 -18.07 13.17
CA GLN A 26 12.49 -16.77 12.72
C GLN A 26 12.27 -16.49 11.23
N GLU A 27 12.09 -17.55 10.45
CA GLU A 27 11.79 -17.51 9.01
C GLU A 27 10.31 -17.22 8.70
N VAL A 28 9.42 -17.41 9.70
CA VAL A 28 7.99 -17.09 9.62
C VAL A 28 7.72 -15.60 9.82
N GLU A 29 8.68 -14.85 10.39
CA GLU A 29 8.58 -13.39 10.54
C GLU A 29 8.40 -12.66 9.20
N LYS A 30 8.89 -13.26 8.12
CA LYS A 30 8.74 -12.77 6.72
C LYS A 30 7.27 -12.68 6.27
N GLU A 31 6.35 -13.36 6.94
CA GLU A 31 4.91 -13.26 6.66
C GLU A 31 4.31 -11.90 7.08
N ASN A 32 5.05 -11.05 7.80
CA ASN A 32 4.61 -9.69 8.15
C ASN A 32 4.25 -8.85 6.91
N SER A 33 4.77 -9.18 5.72
CA SER A 33 4.42 -8.53 4.46
C SER A 33 2.92 -8.68 4.14
N HIS A 34 2.29 -9.81 4.53
CA HIS A 34 0.84 -10.02 4.37
C HIS A 34 0.03 -9.08 5.27
N PHE A 35 0.49 -8.81 6.50
CA PHE A 35 -0.15 -7.86 7.42
C PHE A 35 -0.26 -6.47 6.79
N PHE A 36 0.83 -5.97 6.20
CA PHE A 36 0.84 -4.69 5.48
C PHE A 36 -0.25 -4.61 4.42
N VAL A 37 -0.34 -5.60 3.51
CA VAL A 37 -1.40 -5.66 2.49
C VAL A 37 -2.80 -5.56 3.13
N ALA A 38 -3.01 -6.20 4.28
CA ALA A 38 -4.28 -6.16 5.01
C ALA A 38 -4.61 -4.75 5.54
N THR A 39 -3.72 -4.15 6.33
CA THR A 39 -3.89 -2.79 6.89
C THR A 39 -3.98 -1.72 5.80
N PHE A 40 -3.15 -1.81 4.76
CA PHE A 40 -3.15 -0.93 3.59
C PHE A 40 -4.47 -1.02 2.82
N ALA A 41 -4.98 -2.23 2.56
CA ALA A 41 -6.28 -2.48 1.92
C ALA A 41 -7.45 -1.85 2.71
N ARG A 42 -7.47 -2.01 4.04
CA ARG A 42 -8.50 -1.40 4.91
C ARG A 42 -8.50 0.12 4.82
N GLU A 43 -7.32 0.74 4.87
CA GLU A 43 -7.16 2.19 4.79
C GLU A 43 -7.53 2.74 3.40
N ARG A 44 -6.95 2.20 2.31
CA ARG A 44 -7.25 2.65 0.94
C ARG A 44 -8.75 2.56 0.63
N ALA A 45 -9.40 1.47 1.06
CA ALA A 45 -10.84 1.27 0.89
C ALA A 45 -11.67 2.33 1.61
N ALA A 46 -11.32 2.68 2.86
CA ALA A 46 -11.98 3.77 3.59
C ALA A 46 -11.91 5.11 2.84
N VAL A 47 -10.75 5.47 2.28
CA VAL A 47 -10.58 6.69 1.46
C VAL A 47 -11.45 6.63 0.19
N GLU A 48 -11.38 5.53 -0.55
CA GLU A 48 -12.11 5.29 -1.81
C GLU A 48 -13.64 5.34 -1.60
N GLU A 49 -14.13 4.92 -0.43
CA GLU A 49 -15.54 5.01 -0.07
C GLU A 49 -15.94 6.45 0.33
N LEU A 50 -15.05 7.18 1.01
CA LEU A 50 -15.26 8.56 1.46
C LEU A 50 -15.44 9.51 0.26
N LEU A 51 -14.51 9.49 -0.71
CA LEU A 51 -14.62 10.32 -1.93
C LEU A 51 -15.88 10.01 -2.75
N GLU A 52 -16.37 8.77 -2.74
CA GLU A 52 -17.62 8.38 -3.40
C GLU A 52 -18.87 8.92 -2.66
N ARG A 53 -18.77 9.13 -1.35
CA ARG A 53 -19.81 9.68 -0.46
C ARG A 53 -19.56 11.16 -0.08
N ALA A 54 -18.75 11.87 -0.85
CA ALA A 54 -18.46 13.30 -0.71
C ALA A 54 -19.65 14.17 -1.16
N GLU A 55 -20.60 14.41 -0.27
CA GLU A 55 -21.80 15.25 -0.52
C GLU A 55 -21.47 16.75 -0.65
N SER A 56 -20.35 17.18 -0.06
CA SER A 56 -19.83 18.57 -0.04
C SER A 56 -18.31 18.59 -0.12
N VAL A 57 -17.73 19.77 -0.44
CA VAL A 57 -16.27 20.00 -0.55
C VAL A 57 -15.52 19.65 0.74
N GLU A 58 -16.14 19.87 1.90
CA GLU A 58 -15.60 19.56 3.22
C GLU A 58 -15.22 18.07 3.35
N ARG A 59 -16.10 17.15 2.92
CA ARG A 59 -15.83 15.70 2.88
C ARG A 59 -14.72 15.34 1.88
N LEU A 60 -14.64 16.07 0.77
CA LEU A 60 -13.60 15.89 -0.24
C LEU A 60 -12.20 16.14 0.32
N GLU A 61 -12.00 17.28 0.98
CA GLU A 61 -10.71 17.63 1.60
C GLU A 61 -10.35 16.69 2.77
N GLU A 62 -11.34 16.14 3.47
CA GLU A 62 -11.14 15.15 4.54
C GLU A 62 -10.47 13.87 4.01
N ALA A 63 -10.92 13.34 2.87
CA ALA A 63 -10.30 12.19 2.19
C ALA A 63 -8.83 12.42 1.81
N ALA A 64 -8.44 13.66 1.47
CA ALA A 64 -7.04 14.01 1.19
C ALA A 64 -6.12 13.86 2.43
N SER A 65 -6.68 13.88 3.63
CA SER A 65 -5.96 13.64 4.90
C SER A 65 -5.83 12.14 5.19
N ARG A 66 -6.85 11.35 4.85
CA ARG A 66 -6.85 9.89 4.97
C ARG A 66 -5.73 9.25 4.14
N LEU A 67 -5.57 9.69 2.88
CA LEU A 67 -4.51 9.19 1.99
C LEU A 67 -3.09 9.62 2.44
N GLN A 68 -2.95 10.81 3.04
CA GLN A 68 -1.67 11.28 3.60
C GLN A 68 -1.13 10.39 4.74
N GLY A 69 -2.04 9.78 5.50
CA GLY A 69 -1.72 8.80 6.55
C GLY A 69 -1.29 7.43 6.02
N LEU A 70 -1.70 7.05 4.81
CA LEU A 70 -1.26 5.80 4.17
C LEU A 70 0.24 5.84 3.85
N GLN A 71 0.79 6.99 3.44
CA GLN A 71 2.22 7.09 3.07
C GLN A 71 3.13 6.81 4.28
N LYS A 72 2.70 7.24 5.48
CA LYS A 72 3.36 6.98 6.78
C LYS A 72 3.44 5.49 7.15
N LEU A 73 2.44 4.69 6.79
CA LEU A 73 2.44 3.24 6.99
C LEU A 73 3.63 2.59 6.26
N ILE A 74 3.83 2.90 4.98
CA ILE A 74 4.99 2.42 4.24
C ILE A 74 6.29 3.04 4.74
N ASN A 75 6.31 4.34 5.04
CA ASN A 75 7.50 5.05 5.53
C ASN A 75 8.11 4.39 6.79
N ASP A 76 7.30 3.72 7.62
CA ASP A 76 7.78 2.96 8.79
C ASP A 76 8.57 1.70 8.39
N SER A 77 7.96 0.83 7.57
CA SER A 77 8.50 -0.48 7.13
C SER A 77 9.15 -0.43 5.73
N VAL A 78 9.58 0.75 5.26
CA VAL A 78 10.10 0.98 3.90
C VAL A 78 11.31 0.11 3.55
N PHE A 79 12.26 -0.02 4.49
CA PHE A 79 13.45 -0.86 4.35
C PHE A 79 13.14 -2.37 4.53
N PHE A 80 11.90 -2.68 4.94
CA PHE A 80 11.41 -4.06 5.12
C PHE A 80 10.67 -4.57 3.88
N LEU A 81 9.78 -3.75 3.31
CA LEU A 81 9.06 -4.08 2.07
C LEU A 81 10.03 -4.21 0.88
N ALA A 82 9.82 -5.25 0.06
CA ALA A 82 10.58 -5.46 -1.17
C ALA A 82 10.31 -4.33 -2.17
N ALA A 83 11.18 -4.15 -3.17
CA ALA A 83 10.98 -3.14 -4.22
C ALA A 83 9.62 -3.32 -4.96
N TYR A 84 9.15 -4.55 -5.08
CA TYR A 84 7.84 -4.91 -5.64
C TYR A 84 6.70 -4.29 -4.81
N ASP A 85 6.63 -4.62 -3.51
CA ASP A 85 5.54 -4.21 -2.62
C ASP A 85 5.58 -2.72 -2.27
N LEU A 86 6.79 -2.17 -2.07
CA LEU A 86 7.04 -0.75 -1.84
C LEU A 86 6.49 0.09 -3.00
N ARG A 87 6.87 -0.26 -4.24
CA ARG A 87 6.40 0.43 -5.46
C ARG A 87 4.90 0.25 -5.71
N GLN A 88 4.33 -0.87 -5.26
CA GLN A 88 2.88 -1.15 -5.34
C GLN A 88 2.09 -0.23 -4.39
N GLY A 89 2.44 -0.22 -3.10
CA GLY A 89 1.76 0.60 -2.08
C GLY A 89 1.86 2.10 -2.35
N GLN A 90 3.04 2.62 -2.69
CA GLN A 90 3.21 4.03 -3.06
C GLN A 90 2.37 4.44 -4.29
N GLU A 91 2.29 3.60 -5.34
CA GLU A 91 1.45 3.86 -6.52
C GLU A 91 -0.06 3.89 -6.22
N ALA A 92 -0.49 3.04 -5.30
CA ALA A 92 -1.89 2.94 -4.87
C ALA A 92 -2.42 4.26 -4.27
N LEU A 93 -1.63 5.00 -3.47
CA LEU A 93 -2.05 6.32 -2.95
C LEU A 93 -2.43 7.26 -4.10
N ALA A 94 -1.60 7.30 -5.15
CA ALA A 94 -1.79 8.15 -6.32
C ALA A 94 -3.10 7.80 -7.08
N ARG A 95 -3.43 6.50 -7.10
CA ARG A 95 -4.67 5.97 -7.70
C ARG A 95 -5.91 6.57 -7.05
N LEU A 96 -5.90 6.74 -5.73
CA LEU A 96 -6.96 7.40 -4.95
C LEU A 96 -6.92 8.93 -5.04
N GLN A 97 -5.72 9.53 -5.10
CA GLN A 97 -5.52 10.97 -5.30
C GLN A 97 -6.20 11.47 -6.59
N ALA A 98 -6.08 10.74 -7.70
CA ALA A 98 -6.76 11.06 -8.95
C ALA A 98 -8.29 11.02 -8.81
N ALA A 99 -8.85 9.98 -8.17
CA ALA A 99 -10.29 9.84 -7.93
C ALA A 99 -10.89 11.07 -7.20
N LEU A 100 -10.14 11.67 -6.26
CA LEU A 100 -10.54 12.91 -5.57
C LEU A 100 -10.59 14.10 -6.52
N ALA A 101 -9.54 14.32 -7.30
CA ALA A 101 -9.48 15.44 -8.24
C ALA A 101 -10.64 15.37 -9.28
N GLU A 102 -11.00 14.17 -9.72
CA GLU A 102 -12.14 13.94 -10.63
C GLU A 102 -13.48 14.31 -9.96
N ARG A 103 -13.71 13.91 -8.69
CA ARG A 103 -14.91 14.28 -7.92
C ARG A 103 -15.01 15.79 -7.68
N ARG A 104 -13.88 16.49 -7.44
CA ARG A 104 -13.82 17.96 -7.26
C ARG A 104 -14.46 18.74 -8.40
N ARG A 105 -14.32 18.24 -9.63
CA ARG A 105 -14.86 18.77 -10.90
C ARG A 105 -16.39 18.96 -10.89
N GLY A 106 -17.12 18.20 -10.05
CA GLY A 106 -18.57 18.32 -9.83
C GLY A 106 -18.97 19.04 -8.54
N LEU A 107 -18.01 19.33 -7.65
CA LEU A 107 -18.21 20.01 -6.36
C LEU A 107 -17.85 21.50 -6.45
N GLN A 108 -16.55 21.83 -6.54
CA GLN A 108 -16.05 23.20 -6.73
C GLN A 108 -15.99 23.59 -8.23
N PRO A 109 -15.92 24.90 -8.54
CA PRO A 109 -15.75 25.37 -9.92
C PRO A 109 -14.35 25.03 -10.45
N LYS A 110 -14.24 24.90 -11.78
CA LYS A 110 -12.97 24.62 -12.49
C LYS A 110 -12.79 25.57 -13.68
N LYS A 111 -11.88 26.54 -13.53
CA LYS A 111 -11.48 27.54 -14.54
C LYS A 111 -10.48 26.96 -15.57
N MET A 1 27.20 7.95 38.09
CA MET A 1 27.46 6.53 37.74
C MET A 1 26.94 6.21 36.33
N PRO A 2 27.49 5.18 35.65
CA PRO A 2 27.02 4.73 34.32
C PRO A 2 25.61 4.11 34.37
N GLU A 3 25.00 3.94 33.19
CA GLU A 3 23.70 3.27 33.04
C GLU A 3 23.82 1.73 33.12
N ARG A 4 22.76 1.08 33.63
CA ARG A 4 22.61 -0.39 33.78
C ARG A 4 21.38 -0.96 33.05
N LEU A 5 20.31 -0.17 32.92
CA LEU A 5 19.08 -0.50 32.19
C LEU A 5 19.29 -0.36 30.67
N GLN A 6 19.94 -1.36 30.07
CA GLN A 6 20.14 -1.47 28.63
C GLN A 6 19.01 -2.29 27.96
N ARG A 7 18.98 -2.31 26.64
CA ARG A 7 18.04 -3.11 25.81
C ARG A 7 18.64 -4.47 25.45
N ARG A 8 17.83 -5.36 24.84
CA ARG A 8 18.25 -6.68 24.32
C ARG A 8 18.92 -6.59 22.94
N GLU A 9 18.84 -5.44 22.26
CA GLU A 9 19.50 -5.21 20.97
C GLU A 9 21.03 -5.45 21.02
N GLN A 10 21.65 -5.22 22.18
CA GLN A 10 23.06 -5.48 22.46
C GLN A 10 23.48 -6.94 22.17
N GLU A 11 22.70 -7.92 22.62
CA GLU A 11 22.93 -9.33 22.32
C GLU A 11 22.42 -9.66 20.91
N ARG A 12 21.28 -9.08 20.49
CA ARG A 12 20.67 -9.29 19.16
C ARG A 12 21.60 -8.94 17.99
N GLN A 13 22.51 -7.99 18.20
CA GLN A 13 23.52 -7.56 17.24
C GLN A 13 24.51 -8.69 16.91
N LEU A 14 25.06 -9.37 17.93
CA LEU A 14 25.99 -10.50 17.76
C LEU A 14 25.31 -11.86 17.55
N GLU A 15 24.07 -12.00 18.02
CA GLU A 15 23.21 -13.18 17.84
C GLU A 15 22.95 -13.52 16.37
N VAL A 16 23.07 -12.54 15.46
CA VAL A 16 22.96 -12.76 14.01
C VAL A 16 24.02 -13.74 13.48
N GLU A 17 25.18 -13.80 14.14
CA GLU A 17 26.27 -14.74 13.81
C GLU A 17 25.87 -16.22 14.00
N ARG A 18 24.91 -16.46 14.90
CA ARG A 18 24.31 -17.78 15.16
C ARG A 18 23.43 -18.21 13.98
N ARG A 19 22.45 -17.38 13.58
CA ARG A 19 21.55 -17.59 12.43
C ARG A 19 22.29 -17.89 11.12
N LYS A 20 23.50 -17.35 10.98
CA LYS A 20 24.38 -17.59 9.83
C LYS A 20 24.67 -19.08 9.57
N GLN A 21 24.49 -19.93 10.59
CA GLN A 21 24.59 -21.40 10.53
C GLN A 21 23.23 -22.07 10.75
N LYS A 22 22.78 -22.14 12.00
CA LYS A 22 21.50 -22.73 12.43
C LYS A 22 20.28 -21.90 12.01
N ARG A 23 19.10 -22.52 11.93
CA ARG A 23 17.82 -21.86 11.60
C ARG A 23 17.24 -21.09 12.81
N GLN A 24 16.91 -19.82 12.62
CA GLN A 24 16.26 -18.95 13.60
C GLN A 24 14.85 -18.53 13.15
N ASN A 25 14.07 -17.96 14.08
CA ASN A 25 12.74 -17.39 13.84
C ASN A 25 12.76 -16.08 13.01
N GLN A 26 13.94 -15.53 12.68
CA GLN A 26 14.07 -14.34 11.83
C GLN A 26 13.51 -14.53 10.40
N GLU A 27 13.36 -15.78 9.99
CA GLU A 27 12.75 -16.18 8.71
C GLU A 27 11.23 -15.95 8.67
N VAL A 28 10.60 -15.89 9.85
CA VAL A 28 9.17 -15.57 10.04
C VAL A 28 8.88 -14.08 9.81
N GLU A 29 9.89 -13.22 9.85
CA GLU A 29 9.72 -11.79 9.53
C GLU A 29 9.21 -11.55 8.10
N LYS A 30 9.47 -12.49 7.19
CA LYS A 30 8.97 -12.51 5.80
C LYS A 30 7.45 -12.60 5.68
N GLU A 31 6.76 -13.03 6.74
CA GLU A 31 5.29 -13.10 6.84
C GLU A 31 4.65 -11.74 7.14
N ASN A 32 5.39 -10.77 7.69
CA ASN A 32 4.89 -9.41 7.96
C ASN A 32 4.54 -8.64 6.67
N SER A 33 5.03 -9.08 5.50
CA SER A 33 4.70 -8.51 4.19
C SER A 33 3.19 -8.62 3.90
N HIS A 34 2.56 -9.74 4.32
CA HIS A 34 1.11 -9.94 4.20
C HIS A 34 0.34 -8.99 5.14
N PHE A 35 0.83 -8.79 6.37
CA PHE A 35 0.23 -7.86 7.33
C PHE A 35 0.10 -6.45 6.76
N PHE A 36 1.15 -5.94 6.11
CA PHE A 36 1.13 -4.65 5.42
C PHE A 36 0.00 -4.57 4.39
N VAL A 37 -0.08 -5.54 3.48
CA VAL A 37 -1.14 -5.60 2.45
C VAL A 37 -2.53 -5.57 3.09
N ALA A 38 -2.73 -6.26 4.21
CA ALA A 38 -3.97 -6.25 4.99
C ALA A 38 -4.30 -4.87 5.59
N THR A 39 -3.42 -4.30 6.43
CA THR A 39 -3.62 -2.99 7.06
C THR A 39 -3.76 -1.86 6.03
N PHE A 40 -2.96 -1.90 4.96
CA PHE A 40 -3.03 -0.98 3.83
C PHE A 40 -4.37 -1.11 3.09
N ALA A 41 -4.81 -2.32 2.78
CA ALA A 41 -6.10 -2.57 2.13
C ALA A 41 -7.28 -2.01 2.92
N ARG A 42 -7.36 -2.26 4.24
CA ARG A 42 -8.42 -1.69 5.09
C ARG A 42 -8.47 -0.16 5.02
N GLU A 43 -7.30 0.49 5.07
CA GLU A 43 -7.18 1.95 4.91
C GLU A 43 -7.61 2.39 3.51
N ARG A 44 -6.93 1.93 2.44
CA ARG A 44 -7.20 2.36 1.05
C ARG A 44 -8.67 2.17 0.65
N ALA A 45 -9.30 1.08 1.11
CA ALA A 45 -10.71 0.76 0.89
C ALA A 45 -11.65 1.79 1.54
N ALA A 46 -11.44 2.12 2.81
CA ALA A 46 -12.23 3.13 3.52
C ALA A 46 -12.14 4.50 2.83
N VAL A 47 -10.94 4.92 2.42
CA VAL A 47 -10.74 6.16 1.67
C VAL A 47 -11.47 6.13 0.33
N GLU A 48 -11.43 5.01 -0.40
CA GLU A 48 -12.14 4.84 -1.67
C GLU A 48 -13.67 5.01 -1.53
N GLU A 49 -14.27 4.49 -0.46
CA GLU A 49 -15.71 4.67 -0.16
C GLU A 49 -16.05 6.10 0.28
N LEU A 50 -15.13 6.77 0.98
CA LEU A 50 -15.29 8.17 1.41
C LEU A 50 -15.57 9.09 0.20
N LEU A 51 -15.00 8.78 -0.96
CA LEU A 51 -15.20 9.54 -2.21
C LEU A 51 -16.63 9.46 -2.76
N GLU A 52 -17.35 8.35 -2.51
CA GLU A 52 -18.76 8.19 -2.88
C GLU A 52 -19.69 9.01 -1.98
N ARG A 53 -19.52 8.93 -0.64
CA ARG A 53 -20.32 9.73 0.31
C ARG A 53 -20.01 11.24 0.28
N ALA A 54 -18.80 11.62 -0.16
CA ALA A 54 -18.35 13.01 -0.27
C ALA A 54 -19.12 13.79 -1.36
N GLU A 55 -20.03 14.67 -0.92
CA GLU A 55 -20.88 15.52 -1.77
C GLU A 55 -20.58 17.02 -1.63
N SER A 56 -19.81 17.40 -0.61
CA SER A 56 -19.37 18.76 -0.27
C SER A 56 -17.85 18.81 -0.18
N VAL A 57 -17.27 20.00 -0.40
CA VAL A 57 -15.81 20.25 -0.37
C VAL A 57 -15.18 19.79 0.96
N GLU A 58 -15.89 19.92 2.09
CA GLU A 58 -15.47 19.45 3.41
C GLU A 58 -15.18 17.92 3.45
N ARG A 59 -16.18 17.09 3.11
CA ARG A 59 -16.05 15.62 3.07
C ARG A 59 -15.01 15.19 2.04
N LEU A 60 -14.97 15.86 0.90
CA LEU A 60 -13.99 15.65 -0.18
C LEU A 60 -12.54 15.90 0.30
N GLU A 61 -12.27 17.03 0.95
CA GLU A 61 -10.97 17.36 1.53
C GLU A 61 -10.55 16.39 2.66
N GLU A 62 -11.49 15.91 3.48
CA GLU A 62 -11.19 14.92 4.53
C GLU A 62 -10.56 13.65 3.92
N ALA A 63 -11.14 13.11 2.84
CA ALA A 63 -10.60 11.97 2.11
C ALA A 63 -9.14 12.20 1.61
N ALA A 64 -8.81 13.42 1.20
CA ALA A 64 -7.46 13.78 0.74
C ALA A 64 -6.42 13.73 1.88
N SER A 65 -6.86 13.82 3.14
CA SER A 65 -6.01 13.68 4.32
C SER A 65 -5.81 12.21 4.67
N ARG A 66 -6.88 11.40 4.57
CA ARG A 66 -6.83 9.95 4.79
C ARG A 66 -5.81 9.25 3.87
N LEU A 67 -5.78 9.60 2.57
CA LEU A 67 -4.79 9.04 1.64
C LEU A 67 -3.36 9.53 1.95
N GLN A 68 -3.17 10.78 2.36
CA GLN A 68 -1.87 11.31 2.75
C GLN A 68 -1.27 10.61 3.98
N GLY A 69 -2.13 10.14 4.88
CA GLY A 69 -1.75 9.37 6.07
C GLY A 69 -1.32 7.93 5.77
N LEU A 70 -1.81 7.32 4.67
CA LEU A 70 -1.40 5.98 4.24
C LEU A 70 0.11 5.92 3.92
N GLN A 71 0.72 7.03 3.49
CA GLN A 71 2.16 7.08 3.16
C GLN A 71 3.03 6.80 4.40
N LYS A 72 2.55 7.22 5.58
CA LYS A 72 3.23 7.04 6.88
C LYS A 72 3.39 5.56 7.27
N LEU A 73 2.44 4.70 6.89
CA LEU A 73 2.49 3.25 7.09
C LEU A 73 3.71 2.67 6.36
N ILE A 74 3.86 2.99 5.07
CA ILE A 74 5.01 2.53 4.28
C ILE A 74 6.31 3.19 4.75
N ASN A 75 6.30 4.49 5.03
CA ASN A 75 7.48 5.24 5.48
C ASN A 75 8.12 4.65 6.75
N ASP A 76 7.35 3.97 7.60
CA ASP A 76 7.86 3.27 8.79
C ASP A 76 8.66 2.00 8.43
N SER A 77 8.09 1.14 7.59
CA SER A 77 8.65 -0.18 7.18
C SER A 77 9.22 -0.15 5.75
N VAL A 78 9.65 1.01 5.24
CA VAL A 78 10.09 1.23 3.87
C VAL A 78 11.31 0.38 3.48
N PHE A 79 12.28 0.25 4.40
CA PHE A 79 13.46 -0.58 4.25
C PHE A 79 13.17 -2.08 4.48
N PHE A 80 11.95 -2.40 4.91
CA PHE A 80 11.47 -3.77 5.14
C PHE A 80 10.70 -4.29 3.91
N LEU A 81 9.79 -3.48 3.35
CA LEU A 81 9.04 -3.79 2.14
C LEU A 81 9.99 -3.91 0.92
N ALA A 82 9.83 -4.99 0.15
CA ALA A 82 10.57 -5.20 -1.09
C ALA A 82 10.28 -4.06 -2.09
N ALA A 83 11.18 -3.81 -3.05
CA ALA A 83 10.98 -2.77 -4.08
C ALA A 83 9.68 -2.97 -4.88
N TYR A 84 9.25 -4.23 -5.05
CA TYR A 84 8.00 -4.65 -5.68
C TYR A 84 6.78 -4.19 -4.86
N ASP A 85 6.75 -4.53 -3.56
CA ASP A 85 5.65 -4.22 -2.64
C ASP A 85 5.56 -2.71 -2.31
N LEU A 86 6.72 -2.06 -2.20
CA LEU A 86 6.82 -0.61 -1.98
C LEU A 86 6.09 0.13 -3.11
N ARG A 87 6.40 -0.20 -4.37
CA ARG A 87 5.72 0.34 -5.55
C ARG A 87 4.23 -0.01 -5.65
N GLN A 88 3.82 -1.16 -5.11
CA GLN A 88 2.42 -1.62 -5.05
C GLN A 88 1.56 -0.82 -4.05
N GLY A 89 2.11 -0.43 -2.89
CA GLY A 89 1.42 0.42 -1.92
C GLY A 89 1.46 1.90 -2.29
N GLN A 90 2.64 2.41 -2.66
CA GLN A 90 2.84 3.82 -3.02
C GLN A 90 1.97 4.25 -4.22
N GLU A 91 1.85 3.44 -5.27
CA GLU A 91 1.00 3.75 -6.43
C GLU A 91 -0.51 3.80 -6.09
N ALA A 92 -0.91 3.00 -5.10
CA ALA A 92 -2.29 2.95 -4.63
C ALA A 92 -2.75 4.29 -4.04
N LEU A 93 -1.91 5.00 -3.25
CA LEU A 93 -2.25 6.34 -2.74
C LEU A 93 -2.69 7.28 -3.89
N ALA A 94 -1.92 7.27 -4.98
CA ALA A 94 -2.20 8.06 -6.17
C ALA A 94 -3.54 7.68 -6.82
N ARG A 95 -3.89 6.39 -6.81
CA ARG A 95 -5.14 5.85 -7.34
C ARG A 95 -6.37 6.43 -6.63
N LEU A 96 -6.32 6.50 -5.29
CA LEU A 96 -7.38 7.12 -4.46
C LEU A 96 -7.42 8.66 -4.67
N GLN A 97 -6.25 9.31 -4.78
CA GLN A 97 -6.10 10.75 -5.01
C GLN A 97 -6.61 11.18 -6.41
N ALA A 98 -6.41 10.38 -7.45
CA ALA A 98 -6.94 10.63 -8.79
C ALA A 98 -8.47 10.70 -8.82
N ALA A 99 -9.15 9.76 -8.15
CA ALA A 99 -10.61 9.77 -8.01
C ALA A 99 -11.12 11.05 -7.32
N LEU A 100 -10.34 11.63 -6.41
CA LEU A 100 -10.64 12.91 -5.76
C LEU A 100 -10.47 14.10 -6.69
N ALA A 101 -9.31 14.21 -7.37
CA ALA A 101 -9.05 15.28 -8.33
C ALA A 101 -10.11 15.34 -9.46
N GLU A 102 -10.65 14.19 -9.85
CA GLU A 102 -11.74 14.06 -10.84
C GLU A 102 -13.08 14.61 -10.27
N ARG A 103 -13.40 14.36 -9.00
CA ARG A 103 -14.58 14.90 -8.30
C ARG A 103 -14.45 16.39 -7.95
N ARG A 104 -13.24 16.88 -7.67
CA ARG A 104 -12.94 18.30 -7.39
C ARG A 104 -13.45 19.24 -8.49
N ARG A 105 -13.47 18.82 -9.75
CA ARG A 105 -14.01 19.55 -10.92
C ARG A 105 -15.48 20.01 -10.75
N GLY A 106 -16.27 19.30 -9.95
CA GLY A 106 -17.67 19.64 -9.63
C GLY A 106 -17.86 20.35 -8.28
N LEU A 107 -16.83 20.38 -7.43
CA LEU A 107 -16.84 20.96 -6.07
C LEU A 107 -15.98 22.22 -5.98
N GLN A 108 -14.64 22.05 -5.95
CA GLN A 108 -13.67 23.14 -5.97
C GLN A 108 -13.61 23.87 -7.34
N PRO A 109 -13.03 25.08 -7.39
CA PRO A 109 -12.81 25.81 -8.64
C PRO A 109 -11.68 25.20 -9.49
N LYS A 110 -11.46 25.78 -10.69
CA LYS A 110 -10.43 25.41 -11.67
C LYS A 110 -9.46 26.58 -11.87
N LYS A 111 -8.31 26.55 -11.16
CA LYS A 111 -7.21 27.53 -11.24
C LYS A 111 -6.60 27.64 -12.65
N MET A 1 34.48 -24.31 -22.35
CA MET A 1 33.55 -24.37 -21.20
C MET A 1 32.82 -23.01 -21.04
N PRO A 2 31.79 -22.71 -21.86
CA PRO A 2 31.04 -21.45 -21.73
C PRO A 2 30.15 -21.44 -20.48
N GLU A 3 29.97 -20.27 -19.87
CA GLU A 3 29.09 -20.03 -18.72
C GLU A 3 28.32 -18.70 -18.84
N ARG A 4 27.29 -18.51 -18.00
CA ARG A 4 26.51 -17.27 -17.92
C ARG A 4 27.21 -16.24 -17.03
N LEU A 5 27.65 -15.14 -17.65
CA LEU A 5 28.25 -13.98 -16.97
C LEU A 5 27.23 -12.87 -16.70
N GLN A 6 26.45 -12.47 -17.71
CA GLN A 6 25.44 -11.40 -17.58
C GLN A 6 24.24 -11.82 -16.72
N ARG A 7 24.00 -13.13 -16.58
CA ARG A 7 22.94 -13.71 -15.75
C ARG A 7 23.42 -14.19 -14.37
N ARG A 8 24.69 -13.97 -14.01
CA ARG A 8 25.26 -14.36 -12.70
C ARG A 8 24.61 -13.64 -11.51
N GLU A 9 24.23 -12.38 -11.68
CA GLU A 9 23.50 -11.61 -10.66
C GLU A 9 22.00 -11.97 -10.57
N GLN A 10 21.33 -12.21 -11.71
CA GLN A 10 19.91 -12.55 -11.74
C GLN A 10 19.64 -13.99 -11.26
N GLU A 11 20.55 -14.94 -11.50
CA GLU A 11 20.42 -16.32 -10.98
C GLU A 11 20.60 -16.37 -9.45
N ARG A 12 21.46 -15.51 -8.88
CA ARG A 12 21.68 -15.40 -7.43
C ARG A 12 20.44 -14.96 -6.67
N GLN A 13 19.51 -14.28 -7.33
CA GLN A 13 18.22 -13.90 -6.75
C GLN A 13 17.35 -15.12 -6.39
N LEU A 14 17.42 -16.21 -7.18
CA LEU A 14 16.73 -17.48 -6.90
C LEU A 14 17.36 -18.30 -5.77
N GLU A 15 18.61 -18.03 -5.41
CA GLU A 15 19.31 -18.68 -4.27
C GLU A 15 18.57 -18.38 -2.95
N VAL A 16 18.09 -17.15 -2.78
CA VAL A 16 17.30 -16.73 -1.61
C VAL A 16 15.93 -17.41 -1.57
N GLU A 17 15.34 -17.76 -2.71
CA GLU A 17 14.07 -18.49 -2.80
C GLU A 17 14.14 -19.89 -2.16
N ARG A 18 15.33 -20.50 -2.18
CA ARG A 18 15.62 -21.79 -1.53
C ARG A 18 15.52 -21.70 -0.01
N ARG A 19 15.98 -20.60 0.61
CA ARG A 19 15.88 -20.34 2.06
C ARG A 19 14.43 -20.36 2.56
N LYS A 20 13.46 -19.99 1.72
CA LYS A 20 12.02 -20.06 2.04
C LYS A 20 11.53 -21.49 2.25
N GLN A 21 12.13 -22.45 1.53
CA GLN A 21 11.81 -23.88 1.63
C GLN A 21 12.55 -24.61 2.77
N LYS A 22 13.67 -24.05 3.26
CA LYS A 22 14.44 -24.57 4.40
C LYS A 22 13.67 -24.49 5.72
N ARG A 23 14.01 -25.37 6.67
CA ARG A 23 13.46 -25.46 8.03
C ARG A 23 14.12 -24.44 8.98
N GLN A 24 13.68 -23.19 8.92
CA GLN A 24 14.11 -22.07 9.78
C GLN A 24 12.95 -21.13 10.10
N ASN A 25 13.11 -20.28 11.12
CA ASN A 25 12.15 -19.23 11.49
C ASN A 25 12.33 -17.93 10.67
N GLN A 26 13.34 -17.86 9.79
CA GLN A 26 13.64 -16.70 8.94
C GLN A 26 12.52 -16.35 7.94
N GLU A 27 11.66 -17.33 7.64
CA GLU A 27 10.46 -17.16 6.79
C GLU A 27 9.30 -16.42 7.48
N VAL A 28 9.26 -16.42 8.81
CA VAL A 28 8.22 -15.79 9.63
C VAL A 28 8.26 -14.25 9.50
N GLU A 29 9.45 -13.72 9.19
CA GLU A 29 9.66 -12.28 8.93
C GLU A 29 9.07 -11.82 7.59
N LYS A 30 8.93 -12.73 6.62
CA LYS A 30 8.29 -12.47 5.32
C LYS A 30 6.76 -12.48 5.38
N GLU A 31 6.19 -13.22 6.32
CA GLU A 31 4.74 -13.29 6.58
C GLU A 31 4.17 -11.97 7.11
N ASN A 32 4.98 -11.17 7.81
CA ASN A 32 4.61 -9.84 8.30
C ASN A 32 4.20 -8.87 7.17
N SER A 33 4.61 -9.11 5.92
CA SER A 33 4.20 -8.32 4.75
C SER A 33 2.68 -8.35 4.54
N HIS A 34 2.01 -9.43 4.95
CA HIS A 34 0.54 -9.54 4.90
C HIS A 34 -0.13 -8.48 5.77
N PHE A 35 0.43 -8.17 6.95
CA PHE A 35 -0.09 -7.14 7.85
C PHE A 35 -0.19 -5.80 7.15
N PHE A 36 0.88 -5.38 6.47
CA PHE A 36 0.89 -4.15 5.66
C PHE A 36 -0.23 -4.16 4.62
N VAL A 37 -0.33 -5.21 3.80
CA VAL A 37 -1.40 -5.33 2.80
C VAL A 37 -2.78 -5.19 3.44
N ALA A 38 -3.01 -5.76 4.63
CA ALA A 38 -4.27 -5.62 5.37
C ALA A 38 -4.55 -4.17 5.83
N THR A 39 -3.65 -3.57 6.62
CA THR A 39 -3.80 -2.20 7.13
C THR A 39 -3.88 -1.17 5.99
N PHE A 40 -3.07 -1.32 4.94
CA PHE A 40 -3.08 -0.49 3.74
C PHE A 40 -4.38 -0.64 2.95
N ALA A 41 -4.87 -1.88 2.75
CA ALA A 41 -6.16 -2.16 2.10
C ALA A 41 -7.32 -1.45 2.81
N ARG A 42 -7.42 -1.58 4.14
CA ARG A 42 -8.50 -0.93 4.91
C ARG A 42 -8.47 0.60 4.78
N GLU A 43 -7.28 1.21 4.86
CA GLU A 43 -7.10 2.64 4.67
C GLU A 43 -7.45 3.09 3.23
N ARG A 44 -6.81 2.51 2.20
CA ARG A 44 -7.06 2.88 0.79
C ARG A 44 -8.54 2.73 0.42
N ALA A 45 -9.16 1.64 0.87
CA ALA A 45 -10.56 1.33 0.60
C ALA A 45 -11.49 2.34 1.27
N ALA A 46 -11.21 2.75 2.51
CA ALA A 46 -11.98 3.78 3.21
C ALA A 46 -12.03 5.07 2.38
N VAL A 47 -10.90 5.51 1.80
CA VAL A 47 -10.85 6.68 0.91
C VAL A 47 -11.63 6.43 -0.39
N GLU A 48 -11.38 5.31 -1.07
CA GLU A 48 -12.02 4.96 -2.34
C GLU A 48 -13.56 4.89 -2.22
N GLU A 49 -14.06 4.45 -1.06
CA GLU A 49 -15.48 4.41 -0.72
C GLU A 49 -16.04 5.79 -0.34
N LEU A 50 -15.23 6.64 0.31
CA LEU A 50 -15.57 8.01 0.68
C LEU A 50 -15.93 8.86 -0.55
N LEU A 51 -15.37 8.56 -1.72
CA LEU A 51 -15.70 9.21 -3.00
C LEU A 51 -17.20 9.20 -3.33
N GLU A 52 -17.87 8.06 -3.13
CA GLU A 52 -19.33 7.89 -3.31
C GLU A 52 -20.16 8.42 -2.13
N ARG A 53 -19.53 8.61 -0.96
CA ARG A 53 -20.12 9.18 0.25
C ARG A 53 -19.80 10.69 0.43
N ALA A 54 -19.17 11.33 -0.56
CA ALA A 54 -18.74 12.73 -0.53
C ALA A 54 -19.70 13.65 -1.32
N GLU A 55 -20.68 14.22 -0.62
CA GLU A 55 -21.63 15.21 -1.18
C GLU A 55 -21.09 16.64 -1.19
N SER A 56 -20.05 16.94 -0.37
CA SER A 56 -19.40 18.24 -0.28
C SER A 56 -17.89 18.12 -0.04
N VAL A 57 -17.19 19.25 -0.16
CA VAL A 57 -15.75 19.40 0.07
C VAL A 57 -15.33 19.01 1.49
N GLU A 58 -16.21 19.25 2.49
CA GLU A 58 -15.96 18.93 3.90
C GLU A 58 -15.56 17.45 4.11
N ARG A 59 -16.19 16.53 3.38
CA ARG A 59 -15.86 15.09 3.37
C ARG A 59 -14.63 14.79 2.51
N LEU A 60 -14.55 15.38 1.32
CA LEU A 60 -13.43 15.22 0.38
C LEU A 60 -12.07 15.57 1.02
N GLU A 61 -12.01 16.67 1.77
CA GLU A 61 -10.84 17.13 2.52
C GLU A 61 -10.39 16.13 3.59
N GLU A 62 -11.32 15.54 4.35
CA GLU A 62 -11.02 14.48 5.33
C GLU A 62 -10.45 13.23 4.62
N ALA A 63 -10.99 12.87 3.45
CA ALA A 63 -10.50 11.78 2.62
C ALA A 63 -9.06 12.01 2.12
N ALA A 64 -8.72 13.25 1.71
CA ALA A 64 -7.36 13.61 1.33
C ALA A 64 -6.34 13.36 2.45
N SER A 65 -6.71 13.44 3.72
CA SER A 65 -5.80 13.16 4.84
C SER A 65 -5.56 11.66 5.01
N ARG A 66 -6.60 10.84 4.83
CA ARG A 66 -6.49 9.37 4.85
C ARG A 66 -5.55 8.86 3.76
N LEU A 67 -5.73 9.36 2.53
CA LEU A 67 -4.88 8.98 1.39
C LEU A 67 -3.46 9.54 1.49
N GLN A 68 -3.27 10.75 2.04
CA GLN A 68 -1.98 11.35 2.28
C GLN A 68 -1.20 10.58 3.36
N GLY A 69 -1.82 10.41 4.52
CA GLY A 69 -1.31 9.70 5.70
C GLY A 69 -0.85 8.28 5.41
N LEU A 70 -1.40 7.63 4.37
CA LEU A 70 -0.98 6.30 3.92
C LEU A 70 0.51 6.26 3.58
N GLN A 71 1.11 7.35 3.09
CA GLN A 71 2.55 7.39 2.77
C GLN A 71 3.43 7.12 4.00
N LYS A 72 2.95 7.52 5.18
CA LYS A 72 3.63 7.37 6.48
C LYS A 72 3.73 5.91 6.92
N LEU A 73 2.73 5.09 6.58
CA LEU A 73 2.71 3.65 6.82
C LEU A 73 3.86 2.96 6.08
N ILE A 74 4.00 3.20 4.77
CA ILE A 74 5.12 2.66 3.99
C ILE A 74 6.44 3.28 4.45
N ASN A 75 6.50 4.61 4.66
CA ASN A 75 7.72 5.31 5.10
C ASN A 75 8.33 4.72 6.40
N ASP A 76 7.50 4.21 7.32
CA ASP A 76 7.97 3.53 8.53
C ASP A 76 8.70 2.20 8.21
N SER A 77 8.05 1.30 7.48
CA SER A 77 8.54 -0.05 7.14
C SER A 77 9.13 -0.14 5.73
N VAL A 78 9.66 0.96 5.18
CA VAL A 78 10.15 1.07 3.79
C VAL A 78 11.29 0.10 3.49
N PHE A 79 12.25 -0.03 4.42
CA PHE A 79 13.37 -0.96 4.32
C PHE A 79 12.95 -2.42 4.62
N PHE A 80 11.70 -2.62 5.04
CA PHE A 80 11.13 -3.95 5.35
C PHE A 80 10.33 -4.51 4.16
N LEU A 81 9.50 -3.67 3.52
CA LEU A 81 8.74 -4.02 2.32
C LEU A 81 9.66 -4.30 1.12
N ALA A 82 9.35 -5.34 0.34
CA ALA A 82 10.05 -5.66 -0.90
C ALA A 82 9.90 -4.53 -1.93
N ALA A 83 10.83 -4.41 -2.88
CA ALA A 83 10.76 -3.43 -3.99
C ALA A 83 9.43 -3.55 -4.78
N TYR A 84 8.87 -4.75 -4.89
CA TYR A 84 7.58 -5.01 -5.53
C TYR A 84 6.42 -4.41 -4.70
N ASP A 85 6.32 -4.78 -3.43
CA ASP A 85 5.25 -4.39 -2.51
C ASP A 85 5.25 -2.88 -2.19
N LEU A 86 6.45 -2.31 -2.03
CA LEU A 86 6.68 -0.89 -1.82
C LEU A 86 6.11 -0.08 -2.99
N ARG A 87 6.50 -0.44 -4.21
CA ARG A 87 6.04 0.20 -5.45
C ARG A 87 4.54 0.01 -5.70
N GLN A 88 3.99 -1.09 -5.19
CA GLN A 88 2.55 -1.41 -5.22
C GLN A 88 1.74 -0.51 -4.27
N GLY A 89 2.28 -0.15 -3.09
CA GLY A 89 1.64 0.74 -2.11
C GLY A 89 1.81 2.22 -2.43
N GLN A 90 3.02 2.67 -2.77
CA GLN A 90 3.29 4.06 -3.14
C GLN A 90 2.47 4.53 -4.35
N GLU A 91 2.37 3.75 -5.43
CA GLU A 91 1.50 4.10 -6.57
C GLU A 91 0.00 4.04 -6.25
N ALA A 92 -0.41 3.23 -5.27
CA ALA A 92 -1.79 3.11 -4.85
C ALA A 92 -2.36 4.43 -4.29
N LEU A 93 -1.57 5.23 -3.57
CA LEU A 93 -2.00 6.55 -3.09
C LEU A 93 -2.48 7.44 -4.25
N ALA A 94 -1.74 7.43 -5.36
CA ALA A 94 -2.03 8.21 -6.56
C ALA A 94 -3.35 7.78 -7.23
N ARG A 95 -3.68 6.48 -7.13
CA ARG A 95 -4.93 5.90 -7.65
C ARG A 95 -6.15 6.54 -6.99
N LEU A 96 -6.08 6.76 -5.67
CA LEU A 96 -7.10 7.46 -4.87
C LEU A 96 -7.11 8.96 -5.19
N GLN A 97 -5.94 9.60 -5.30
CA GLN A 97 -5.79 11.01 -5.70
C GLN A 97 -6.52 11.34 -7.01
N ALA A 98 -6.31 10.57 -8.07
CA ALA A 98 -6.97 10.79 -9.37
C ALA A 98 -8.50 10.70 -9.26
N ALA A 99 -9.02 9.65 -8.63
CA ALA A 99 -10.45 9.49 -8.39
C ALA A 99 -11.04 10.63 -7.52
N LEU A 100 -10.25 11.17 -6.57
CA LEU A 100 -10.63 12.33 -5.75
C LEU A 100 -10.70 13.58 -6.64
N ALA A 101 -9.69 13.81 -7.49
CA ALA A 101 -9.57 14.97 -8.38
C ALA A 101 -10.74 15.10 -9.36
N GLU A 102 -11.21 13.98 -9.92
CA GLU A 102 -12.39 13.92 -10.81
C GLU A 102 -13.64 14.56 -10.20
N ARG A 103 -13.92 14.27 -8.91
CA ARG A 103 -15.04 14.86 -8.16
C ARG A 103 -14.70 16.24 -7.60
N ARG A 104 -13.45 16.46 -7.18
CA ARG A 104 -12.91 17.74 -6.68
C ARG A 104 -13.13 18.88 -7.68
N ARG A 105 -12.97 18.62 -8.99
CA ARG A 105 -13.22 19.58 -10.08
C ARG A 105 -14.61 20.24 -10.04
N GLY A 106 -15.62 19.55 -9.50
CA GLY A 106 -16.97 20.08 -9.29
C GLY A 106 -17.25 20.54 -7.84
N LEU A 107 -16.59 19.91 -6.85
CA LEU A 107 -16.74 20.23 -5.42
C LEU A 107 -15.92 21.45 -4.98
N GLN A 108 -14.59 21.41 -5.12
CA GLN A 108 -13.64 22.49 -4.82
C GLN A 108 -12.94 22.95 -6.10
N PRO A 109 -13.61 23.75 -6.95
CA PRO A 109 -13.00 24.34 -8.15
C PRO A 109 -11.99 25.43 -7.78
N LYS A 110 -11.19 25.86 -8.76
CA LYS A 110 -10.24 26.97 -8.63
C LYS A 110 -10.96 28.33 -8.60
N LYS A 111 -10.30 29.36 -8.07
CA LYS A 111 -10.74 30.77 -7.96
C LYS A 111 -9.72 31.77 -8.52
N MET A 1 3.96 -12.88 -31.84
CA MET A 1 2.52 -12.90 -31.45
C MET A 1 2.27 -12.09 -30.18
N PRO A 2 1.05 -11.54 -30.00
CA PRO A 2 0.68 -10.78 -28.80
C PRO A 2 0.56 -11.67 -27.55
N GLU A 3 0.50 -11.04 -26.38
CA GLU A 3 0.29 -11.72 -25.10
C GLU A 3 -1.20 -12.01 -24.85
N ARG A 4 -1.51 -13.22 -24.37
CA ARG A 4 -2.87 -13.72 -24.04
C ARG A 4 -2.93 -14.19 -22.58
N LEU A 5 -4.14 -14.28 -22.04
CA LEU A 5 -4.44 -14.68 -20.65
C LEU A 5 -5.05 -16.10 -20.53
N GLN A 6 -5.09 -16.85 -21.63
CA GLN A 6 -5.62 -18.23 -21.71
C GLN A 6 -4.87 -19.23 -20.81
N ARG A 7 -3.57 -18.95 -20.55
CA ARG A 7 -2.64 -19.70 -19.69
C ARG A 7 -2.79 -19.45 -18.17
N ARG A 8 -3.91 -18.91 -17.70
CA ARG A 8 -4.19 -18.62 -16.27
C ARG A 8 -4.00 -19.82 -15.33
N GLU A 9 -4.24 -21.06 -15.79
CA GLU A 9 -4.00 -22.29 -15.02
C GLU A 9 -2.53 -22.76 -15.04
N GLN A 10 -1.80 -22.45 -16.11
CA GLN A 10 -0.37 -22.74 -16.29
C GLN A 10 0.49 -21.98 -15.28
N GLU A 11 0.24 -20.68 -15.08
CA GLU A 11 0.94 -19.89 -14.05
C GLU A 11 0.64 -20.39 -12.63
N ARG A 12 -0.51 -21.05 -12.40
CA ARG A 12 -0.88 -21.67 -11.12
C ARG A 12 -0.22 -23.03 -10.90
N GLN A 13 0.40 -23.65 -11.91
CA GLN A 13 1.15 -24.91 -11.73
C GLN A 13 2.34 -24.73 -10.78
N LEU A 14 2.89 -23.51 -10.67
CA LEU A 14 3.96 -23.17 -9.73
C LEU A 14 3.55 -23.36 -8.26
N GLU A 15 2.26 -23.38 -7.95
CA GLU A 15 1.73 -23.65 -6.61
C GLU A 15 2.11 -25.05 -6.08
N VAL A 16 2.40 -26.00 -6.97
CA VAL A 16 2.88 -27.34 -6.60
C VAL A 16 4.37 -27.27 -6.22
N GLU A 17 5.16 -26.49 -6.97
CA GLU A 17 6.58 -26.23 -6.69
C GLU A 17 6.82 -25.44 -5.40
N ARG A 18 5.83 -24.66 -4.93
CA ARG A 18 5.90 -23.92 -3.65
C ARG A 18 6.33 -24.80 -2.48
N ARG A 19 5.73 -25.99 -2.36
CA ARG A 19 6.02 -27.01 -1.33
C ARG A 19 7.46 -27.56 -1.40
N LYS A 20 8.10 -27.48 -2.57
CA LYS A 20 9.50 -27.87 -2.83
C LYS A 20 10.48 -26.69 -2.68
N GLN A 21 10.01 -25.48 -2.97
CA GLN A 21 10.73 -24.20 -2.79
C GLN A 21 10.73 -23.70 -1.33
N LYS A 22 10.03 -24.38 -0.40
CA LYS A 22 10.00 -24.09 1.05
C LYS A 22 11.42 -23.93 1.61
N ARG A 23 11.62 -22.86 2.36
CA ARG A 23 12.85 -22.49 3.07
C ARG A 23 12.74 -22.75 4.58
N GLN A 24 13.82 -22.50 5.31
CA GLN A 24 13.93 -22.70 6.75
C GLN A 24 12.88 -21.87 7.53
N ASN A 25 12.54 -22.26 8.76
CA ASN A 25 11.55 -21.56 9.59
C ASN A 25 11.90 -20.08 9.84
N GLN A 26 13.16 -19.68 9.68
CA GLN A 26 13.61 -18.29 9.79
C GLN A 26 13.09 -17.35 8.68
N GLU A 27 12.67 -17.93 7.56
CA GLU A 27 12.04 -17.20 6.43
C GLU A 27 10.54 -16.96 6.63
N VAL A 28 9.91 -17.61 7.61
CA VAL A 28 8.49 -17.40 7.97
C VAL A 28 8.23 -15.95 8.41
N GLU A 29 9.27 -15.23 8.85
CA GLU A 29 9.19 -13.80 9.20
C GLU A 29 8.70 -12.92 8.04
N LYS A 30 8.93 -13.37 6.80
CA LYS A 30 8.47 -12.72 5.55
C LYS A 30 6.94 -12.66 5.42
N GLU A 31 6.22 -13.47 6.20
CA GLU A 31 4.74 -13.44 6.28
C GLU A 31 4.22 -12.11 6.83
N ASN A 32 5.05 -11.30 7.50
CA ASN A 32 4.68 -9.96 7.97
C ASN A 32 4.26 -9.03 6.81
N SER A 33 4.67 -9.32 5.57
CA SER A 33 4.25 -8.58 4.37
C SER A 33 2.73 -8.67 4.15
N HIS A 34 2.09 -9.77 4.57
CA HIS A 34 0.63 -9.95 4.52
C HIS A 34 -0.06 -8.93 5.43
N PHE A 35 0.48 -8.67 6.62
CA PHE A 35 -0.05 -7.68 7.57
C PHE A 35 -0.17 -6.29 6.91
N PHE A 36 0.90 -5.81 6.27
CA PHE A 36 0.91 -4.56 5.53
C PHE A 36 -0.20 -4.53 4.48
N VAL A 37 -0.25 -5.53 3.59
CA VAL A 37 -1.28 -5.62 2.55
C VAL A 37 -2.69 -5.55 3.15
N ALA A 38 -2.93 -6.20 4.30
CA ALA A 38 -4.20 -6.17 5.01
C ALA A 38 -4.56 -4.76 5.54
N THR A 39 -3.69 -4.15 6.35
CA THR A 39 -3.90 -2.80 6.91
C THR A 39 -3.98 -1.73 5.82
N PHE A 40 -3.14 -1.82 4.78
CA PHE A 40 -3.14 -0.92 3.62
C PHE A 40 -4.44 -1.04 2.81
N ALA A 41 -4.89 -2.27 2.52
CA ALA A 41 -6.17 -2.52 1.85
C ALA A 41 -7.34 -1.88 2.62
N ARG A 42 -7.39 -2.06 3.95
CA ARG A 42 -8.45 -1.49 4.80
C ARG A 42 -8.44 0.05 4.79
N GLU A 43 -7.27 0.68 4.86
CA GLU A 43 -7.12 2.14 4.76
C GLU A 43 -7.49 2.67 3.37
N ARG A 44 -6.87 2.15 2.29
CA ARG A 44 -7.13 2.60 0.92
C ARG A 44 -8.62 2.46 0.57
N ALA A 45 -9.24 1.35 0.99
CA ALA A 45 -10.65 1.08 0.78
C ALA A 45 -11.52 2.15 1.45
N ALA A 46 -11.24 2.51 2.71
CA ALA A 46 -11.99 3.56 3.41
C ALA A 46 -11.96 4.89 2.65
N VAL A 47 -10.79 5.33 2.17
CA VAL A 47 -10.67 6.56 1.38
C VAL A 47 -11.41 6.47 0.05
N GLU A 48 -11.17 5.41 -0.71
CA GLU A 48 -11.79 5.15 -2.02
C GLU A 48 -13.32 5.04 -1.92
N GLU A 49 -13.85 4.56 -0.79
CA GLU A 49 -15.29 4.48 -0.49
C GLU A 49 -15.86 5.83 -0.01
N LEU A 50 -15.09 6.63 0.73
CA LEU A 50 -15.45 7.99 1.17
C LEU A 50 -15.74 8.91 -0.03
N LEU A 51 -15.15 8.63 -1.21
CA LEU A 51 -15.41 9.36 -2.45
C LEU A 51 -16.91 9.39 -2.82
N GLU A 52 -17.68 8.34 -2.49
CA GLU A 52 -19.14 8.31 -2.69
C GLU A 52 -19.90 9.07 -1.59
N ARG A 53 -19.41 9.04 -0.33
CA ARG A 53 -19.97 9.79 0.82
C ARG A 53 -19.67 11.30 0.76
N ALA A 54 -18.70 11.73 -0.03
CA ALA A 54 -18.31 13.12 -0.23
C ALA A 54 -19.38 13.95 -0.99
N GLU A 55 -20.39 14.41 -0.27
CA GLU A 55 -21.46 15.29 -0.78
C GLU A 55 -20.97 16.73 -1.08
N SER A 56 -19.95 17.21 -0.36
CA SER A 56 -19.40 18.56 -0.47
C SER A 56 -17.87 18.58 -0.34
N VAL A 57 -17.24 19.72 -0.69
CA VAL A 57 -15.77 19.93 -0.63
C VAL A 57 -15.20 19.68 0.79
N GLU A 58 -16.00 19.91 1.84
CA GLU A 58 -15.62 19.61 3.24
C GLU A 58 -15.18 18.15 3.45
N ARG A 59 -15.99 17.19 2.98
CA ARG A 59 -15.67 15.75 3.00
C ARG A 59 -14.53 15.39 2.05
N LEU A 60 -14.43 16.09 0.92
CA LEU A 60 -13.35 15.93 -0.04
C LEU A 60 -11.97 16.19 0.59
N GLU A 61 -11.82 17.30 1.33
CA GLU A 61 -10.59 17.66 2.05
C GLU A 61 -10.16 16.58 3.07
N GLU A 62 -11.11 16.01 3.81
CA GLU A 62 -10.86 14.90 4.74
C GLU A 62 -10.29 13.66 4.04
N ALA A 63 -10.91 13.20 2.94
CA ALA A 63 -10.40 12.10 2.13
C ALA A 63 -8.95 12.33 1.63
N ALA A 64 -8.59 13.56 1.26
CA ALA A 64 -7.22 13.92 0.88
C ALA A 64 -6.20 13.80 2.04
N SER A 65 -6.64 13.92 3.29
CA SER A 65 -5.79 13.73 4.48
C SER A 65 -5.64 12.24 4.80
N ARG A 66 -6.73 11.45 4.68
CA ARG A 66 -6.68 10.00 4.87
C ARG A 66 -5.67 9.33 3.93
N LEU A 67 -5.65 9.72 2.64
CA LEU A 67 -4.64 9.21 1.70
C LEU A 67 -3.22 9.71 2.04
N GLN A 68 -3.05 10.95 2.50
CA GLN A 68 -1.74 11.46 2.95
C GLN A 68 -1.21 10.73 4.19
N GLY A 69 -2.08 10.14 5.00
CA GLY A 69 -1.71 9.32 6.16
C GLY A 69 -1.22 7.91 5.79
N LEU A 70 -1.65 7.36 4.65
CA LEU A 70 -1.20 6.05 4.16
C LEU A 70 0.31 5.99 3.89
N GLN A 71 0.96 7.09 3.48
CA GLN A 71 2.41 7.09 3.19
C GLN A 71 3.25 6.76 4.44
N LYS A 72 2.75 7.14 5.62
CA LYS A 72 3.40 6.94 6.93
C LYS A 72 3.52 5.46 7.30
N LEU A 73 2.54 4.64 6.92
CA LEU A 73 2.53 3.18 7.08
C LEU A 73 3.71 2.54 6.33
N ILE A 74 3.85 2.83 5.03
CA ILE A 74 4.98 2.32 4.24
C ILE A 74 6.30 2.92 4.75
N ASN A 75 6.36 4.22 5.01
CA ASN A 75 7.56 4.91 5.50
C ASN A 75 8.15 4.29 6.78
N ASP A 76 7.32 3.70 7.65
CA ASP A 76 7.79 2.98 8.84
C ASP A 76 8.51 1.65 8.51
N SER A 77 7.95 0.85 7.61
CA SER A 77 8.43 -0.48 7.18
C SER A 77 9.08 -0.46 5.78
N VAL A 78 9.59 0.68 5.32
CA VAL A 78 10.08 0.90 3.95
C VAL A 78 11.24 0.00 3.57
N PHE A 79 12.19 -0.18 4.49
CA PHE A 79 13.35 -1.08 4.35
C PHE A 79 12.97 -2.56 4.56
N PHE A 80 11.72 -2.83 4.95
CA PHE A 80 11.19 -4.18 5.17
C PHE A 80 10.42 -4.67 3.94
N LEU A 81 9.55 -3.83 3.38
CA LEU A 81 8.82 -4.10 2.15
C LEU A 81 9.78 -4.27 0.95
N ALA A 82 9.54 -5.30 0.15
CA ALA A 82 10.29 -5.54 -1.09
C ALA A 82 10.15 -4.36 -2.05
N ALA A 83 11.10 -4.18 -2.99
CA ALA A 83 11.03 -3.13 -4.02
C ALA A 83 9.71 -3.17 -4.82
N TYR A 84 9.16 -4.38 -5.04
CA TYR A 84 7.87 -4.62 -5.68
C TYR A 84 6.72 -4.04 -4.85
N ASP A 85 6.60 -4.47 -3.58
CA ASP A 85 5.51 -4.10 -2.66
C ASP A 85 5.55 -2.61 -2.27
N LEU A 86 6.75 -2.07 -2.07
CA LEU A 86 7.00 -0.66 -1.80
C LEU A 86 6.42 0.19 -2.94
N ARG A 87 6.78 -0.12 -4.18
CA ARG A 87 6.28 0.56 -5.38
C ARG A 87 4.76 0.44 -5.56
N GLN A 88 4.22 -0.74 -5.23
CA GLN A 88 2.78 -1.04 -5.25
C GLN A 88 1.98 -0.17 -4.24
N GLY A 89 2.40 -0.11 -2.97
CA GLY A 89 1.74 0.71 -1.95
C GLY A 89 1.88 2.20 -2.21
N GLN A 90 3.04 2.65 -2.68
CA GLN A 90 3.28 4.05 -3.02
C GLN A 90 2.41 4.54 -4.20
N GLU A 91 2.37 3.82 -5.33
CA GLU A 91 1.54 4.22 -6.48
C GLU A 91 0.03 4.17 -6.20
N ALA A 92 -0.37 3.29 -5.30
CA ALA A 92 -1.75 3.14 -4.83
C ALA A 92 -2.31 4.42 -4.18
N LEU A 93 -1.52 5.16 -3.38
CA LEU A 93 -1.96 6.46 -2.82
C LEU A 93 -2.42 7.42 -3.93
N ALA A 94 -1.61 7.51 -4.99
CA ALA A 94 -1.86 8.39 -6.14
C ALA A 94 -3.17 8.03 -6.84
N ARG A 95 -3.52 6.73 -6.88
CA ARG A 95 -4.78 6.22 -7.44
C ARG A 95 -6.00 6.85 -6.75
N LEU A 96 -5.97 6.91 -5.42
CA LEU A 96 -7.02 7.51 -4.58
C LEU A 96 -7.09 9.02 -4.79
N GLN A 97 -5.93 9.69 -4.83
CA GLN A 97 -5.80 11.13 -5.04
C GLN A 97 -6.32 11.57 -6.43
N ALA A 98 -6.03 10.81 -7.48
CA ALA A 98 -6.55 11.05 -8.83
C ALA A 98 -8.09 10.99 -8.88
N ALA A 99 -8.70 9.98 -8.26
CA ALA A 99 -10.15 9.87 -8.15
C ALA A 99 -10.78 11.05 -7.36
N LEU A 100 -10.06 11.60 -6.38
CA LEU A 100 -10.50 12.78 -5.62
C LEU A 100 -10.50 14.06 -6.49
N ALA A 101 -9.51 14.22 -7.38
CA ALA A 101 -9.47 15.34 -8.33
C ALA A 101 -10.62 15.31 -9.36
N GLU A 102 -11.14 14.12 -9.71
CA GLU A 102 -12.31 13.95 -10.59
C GLU A 102 -13.59 14.45 -9.91
N ARG A 103 -13.74 14.22 -8.59
CA ARG A 103 -14.87 14.71 -7.78
C ARG A 103 -14.90 16.23 -7.71
N ARG A 104 -13.75 16.92 -7.66
CA ARG A 104 -13.67 18.39 -7.69
C ARG A 104 -14.40 18.98 -8.90
N ARG A 105 -14.37 18.33 -10.07
CA ARG A 105 -15.04 18.80 -11.30
C ARG A 105 -16.57 18.96 -11.17
N GLY A 106 -17.19 18.27 -10.22
CA GLY A 106 -18.62 18.37 -9.88
C GLY A 106 -18.91 19.13 -8.58
N LEU A 107 -17.93 19.23 -7.67
CA LEU A 107 -18.00 19.93 -6.39
C LEU A 107 -17.52 21.40 -6.49
N GLN A 108 -16.21 21.62 -6.56
CA GLN A 108 -15.55 22.92 -6.69
C GLN A 108 -15.78 23.56 -8.09
N PRO A 109 -16.06 24.87 -8.19
CA PRO A 109 -16.19 25.56 -9.49
C PRO A 109 -14.83 25.76 -10.17
N LYS A 110 -14.84 26.15 -11.45
CA LYS A 110 -13.62 26.46 -12.23
C LYS A 110 -13.23 27.95 -12.09
N LYS A 111 -11.97 28.21 -11.72
CA LYS A 111 -11.38 29.56 -11.64
C LYS A 111 -11.32 30.29 -12.98
N MET A 1 27.60 -7.85 0.36
CA MET A 1 27.58 -8.11 -1.11
C MET A 1 28.44 -7.09 -1.85
N PRO A 2 29.02 -7.43 -3.02
CA PRO A 2 29.79 -6.50 -3.84
C PRO A 2 28.91 -5.39 -4.43
N GLU A 3 29.55 -4.31 -4.90
CA GLU A 3 28.92 -3.19 -5.60
C GLU A 3 29.20 -3.24 -7.12
N ARG A 4 28.20 -2.85 -7.92
CA ARG A 4 28.27 -2.75 -9.39
C ARG A 4 27.24 -1.73 -9.93
N LEU A 5 27.38 -1.37 -11.21
CA LEU A 5 26.50 -0.46 -11.96
C LEU A 5 25.76 -1.13 -13.13
N GLN A 6 25.86 -2.47 -13.23
CA GLN A 6 25.13 -3.30 -14.21
C GLN A 6 23.61 -3.28 -13.99
N ARG A 7 22.87 -3.72 -15.02
CA ARG A 7 21.40 -3.79 -15.06
C ARG A 7 20.83 -5.18 -14.71
N ARG A 8 21.69 -6.15 -14.40
CA ARG A 8 21.35 -7.52 -13.95
C ARG A 8 20.33 -7.56 -12.80
N GLU A 9 20.35 -6.59 -11.89
CA GLU A 9 19.38 -6.46 -10.78
C GLU A 9 17.92 -6.34 -11.24
N GLN A 10 17.69 -5.73 -12.40
CA GLN A 10 16.38 -5.61 -13.06
C GLN A 10 15.93 -6.94 -13.68
N GLU A 11 16.85 -7.71 -14.26
CA GLU A 11 16.57 -9.06 -14.80
C GLU A 11 16.39 -10.10 -13.67
N ARG A 12 17.10 -9.93 -12.54
CA ARG A 12 17.01 -10.78 -11.34
C ARG A 12 15.62 -10.76 -10.70
N GLN A 13 14.80 -9.76 -10.99
CA GLN A 13 13.41 -9.65 -10.53
C GLN A 13 12.61 -10.91 -10.90
N LEU A 14 12.69 -11.34 -12.17
CA LEU A 14 12.03 -12.57 -12.65
C LEU A 14 12.63 -13.86 -12.08
N GLU A 15 13.92 -13.84 -11.77
CA GLU A 15 14.62 -14.97 -11.15
C GLU A 15 14.20 -15.20 -9.70
N VAL A 16 14.22 -14.15 -8.86
CA VAL A 16 13.77 -14.25 -7.45
C VAL A 16 12.26 -14.49 -7.33
N GLU A 17 11.45 -14.00 -8.28
CA GLU A 17 10.00 -14.23 -8.33
C GLU A 17 9.63 -15.72 -8.45
N ARG A 18 10.49 -16.51 -9.11
CA ARG A 18 10.33 -17.98 -9.21
C ARG A 18 10.49 -18.65 -7.85
N ARG A 19 11.58 -18.36 -7.13
CA ARG A 19 11.78 -18.86 -5.75
C ARG A 19 10.66 -18.43 -4.79
N LYS A 20 10.06 -17.25 -4.99
CA LYS A 20 8.90 -16.76 -4.21
C LYS A 20 7.64 -17.62 -4.39
N GLN A 21 7.52 -18.35 -5.51
CA GLN A 21 6.43 -19.28 -5.81
C GLN A 21 6.71 -20.74 -5.38
N LYS A 22 7.99 -21.10 -5.21
CA LYS A 22 8.46 -22.43 -4.77
C LYS A 22 8.26 -22.65 -3.27
N ARG A 23 7.82 -23.85 -2.89
CA ARG A 23 7.62 -24.32 -1.50
C ARG A 23 8.94 -24.47 -0.74
N GLN A 24 9.32 -23.44 0.02
CA GLN A 24 10.52 -23.36 0.87
C GLN A 24 10.24 -22.60 2.17
N ASN A 25 11.17 -22.70 3.15
CA ASN A 25 11.11 -21.96 4.42
C ASN A 25 11.10 -20.42 4.23
N GLN A 26 11.63 -19.90 3.12
CA GLN A 26 11.59 -18.47 2.78
C GLN A 26 10.18 -17.92 2.50
N GLU A 27 9.21 -18.79 2.26
CA GLU A 27 7.80 -18.38 2.09
C GLU A 27 7.14 -17.95 3.39
N VAL A 28 7.66 -18.42 4.53
CA VAL A 28 7.18 -18.08 5.88
C VAL A 28 7.43 -16.60 6.21
N GLU A 29 8.44 -15.99 5.60
CA GLU A 29 8.76 -14.56 5.74
C GLU A 29 7.65 -13.63 5.23
N LYS A 30 6.79 -14.13 4.33
CA LYS A 30 5.63 -13.42 3.77
C LYS A 30 4.52 -13.15 4.79
N GLU A 31 4.51 -13.88 5.90
CA GLU A 31 3.54 -13.69 7.01
C GLU A 31 3.57 -12.26 7.57
N ASN A 32 4.73 -11.61 7.56
CA ASN A 32 4.89 -10.22 7.96
C ASN A 32 4.44 -9.24 6.86
N SER A 33 4.80 -9.49 5.60
CA SER A 33 4.40 -8.66 4.44
C SER A 33 2.88 -8.69 4.23
N HIS A 34 2.23 -9.82 4.51
CA HIS A 34 0.77 -9.99 4.46
C HIS A 34 0.04 -9.00 5.40
N PHE A 35 0.61 -8.74 6.59
CA PHE A 35 0.07 -7.74 7.53
C PHE A 35 -0.03 -6.37 6.89
N PHE A 36 1.03 -5.89 6.23
CA PHE A 36 1.02 -4.63 5.49
C PHE A 36 -0.12 -4.57 4.47
N VAL A 37 -0.22 -5.58 3.59
CA VAL A 37 -1.30 -5.65 2.59
C VAL A 37 -2.69 -5.55 3.26
N ALA A 38 -2.89 -6.18 4.41
CA ALA A 38 -4.13 -6.09 5.19
C ALA A 38 -4.41 -4.68 5.76
N THR A 39 -3.48 -4.10 6.52
CA THR A 39 -3.63 -2.74 7.09
C THR A 39 -3.76 -1.66 6.01
N PHE A 40 -2.99 -1.77 4.92
CA PHE A 40 -3.04 -0.90 3.76
C PHE A 40 -4.39 -1.02 3.03
N ALA A 41 -4.90 -2.24 2.81
CA ALA A 41 -6.21 -2.51 2.23
C ALA A 41 -7.35 -1.85 3.01
N ARG A 42 -7.37 -1.97 4.34
CA ARG A 42 -8.41 -1.37 5.19
C ARG A 42 -8.42 0.16 5.10
N GLU A 43 -7.25 0.79 5.09
CA GLU A 43 -7.09 2.24 4.93
C GLU A 43 -7.47 2.72 3.52
N ARG A 44 -6.88 2.15 2.44
CA ARG A 44 -7.18 2.55 1.05
C ARG A 44 -8.68 2.45 0.77
N ALA A 45 -9.32 1.36 1.23
CA ALA A 45 -10.74 1.11 1.08
C ALA A 45 -11.59 2.16 1.81
N ALA A 46 -11.22 2.54 3.05
CA ALA A 46 -11.92 3.58 3.79
C ALA A 46 -11.90 4.92 3.02
N VAL A 47 -10.74 5.37 2.53
CA VAL A 47 -10.64 6.60 1.72
C VAL A 47 -11.46 6.51 0.42
N GLU A 48 -11.33 5.41 -0.31
CA GLU A 48 -12.07 5.15 -1.55
C GLU A 48 -13.60 5.15 -1.33
N GLU A 49 -14.08 4.64 -0.19
CA GLU A 49 -15.49 4.69 0.18
C GLU A 49 -15.93 6.10 0.61
N LEU A 50 -15.07 6.82 1.34
CA LEU A 50 -15.32 8.20 1.81
C LEU A 50 -15.51 9.15 0.62
N LEU A 51 -14.59 9.15 -0.35
CA LEU A 51 -14.69 9.99 -1.55
C LEU A 51 -15.91 9.65 -2.43
N GLU A 52 -16.30 8.38 -2.52
CA GLU A 52 -17.51 7.96 -3.23
C GLU A 52 -18.80 8.43 -2.56
N ARG A 53 -18.86 8.44 -1.22
CA ARG A 53 -19.99 8.95 -0.42
C ARG A 53 -20.01 10.48 -0.25
N ALA A 54 -18.88 11.15 -0.41
CA ALA A 54 -18.71 12.61 -0.30
C ALA A 54 -19.59 13.39 -1.31
N GLU A 55 -20.61 14.10 -0.79
CA GLU A 55 -21.54 14.93 -1.56
C GLU A 55 -21.17 16.42 -1.61
N SER A 56 -20.21 16.85 -0.79
CA SER A 56 -19.73 18.24 -0.63
C SER A 56 -18.20 18.29 -0.55
N VAL A 57 -17.63 19.49 -0.79
CA VAL A 57 -16.17 19.74 -0.75
C VAL A 57 -15.56 19.42 0.62
N GLU A 58 -16.33 19.55 1.71
CA GLU A 58 -15.88 19.24 3.09
C GLU A 58 -15.34 17.80 3.23
N ARG A 59 -16.15 16.78 2.90
CA ARG A 59 -15.75 15.36 2.96
C ARG A 59 -14.71 14.99 1.90
N LEU A 60 -14.80 15.64 0.73
CA LEU A 60 -13.84 15.50 -0.37
C LEU A 60 -12.41 15.86 0.10
N GLU A 61 -12.23 17.04 0.71
CA GLU A 61 -10.94 17.46 1.28
C GLU A 61 -10.50 16.60 2.47
N GLU A 62 -11.44 16.09 3.30
CA GLU A 62 -11.13 15.18 4.41
C GLU A 62 -10.48 13.87 3.92
N ALA A 63 -11.03 13.24 2.88
CA ALA A 63 -10.44 12.05 2.26
C ALA A 63 -8.98 12.26 1.80
N ALA A 64 -8.63 13.48 1.36
CA ALA A 64 -7.25 13.84 0.99
C ALA A 64 -6.28 13.89 2.19
N SER A 65 -6.80 14.02 3.42
CA SER A 65 -6.03 13.97 4.67
C SER A 65 -5.85 12.52 5.14
N ARG A 66 -6.89 11.69 4.97
CA ARG A 66 -6.84 10.25 5.27
C ARG A 66 -5.75 9.52 4.47
N LEU A 67 -5.64 9.78 3.16
CA LEU A 67 -4.59 9.16 2.32
C LEU A 67 -3.17 9.62 2.68
N GLN A 68 -3.02 10.83 3.22
CA GLN A 68 -1.72 11.38 3.67
C GLN A 68 -1.10 10.54 4.81
N GLY A 69 -1.93 9.84 5.59
CA GLY A 69 -1.53 8.92 6.65
C GLY A 69 -1.11 7.53 6.13
N LEU A 70 -1.59 7.11 4.95
CA LEU A 70 -1.18 5.85 4.31
C LEU A 70 0.31 5.87 3.94
N GLN A 71 0.88 7.01 3.54
CA GLN A 71 2.29 7.09 3.14
C GLN A 71 3.22 6.76 4.33
N LYS A 72 2.80 7.15 5.54
CA LYS A 72 3.49 6.92 6.81
C LYS A 72 3.66 5.44 7.16
N LEU A 73 2.66 4.61 6.83
CA LEU A 73 2.68 3.15 6.98
C LEU A 73 3.86 2.54 6.18
N ILE A 74 3.99 2.90 4.89
CA ILE A 74 5.14 2.45 4.08
C ILE A 74 6.44 3.09 4.57
N ASN A 75 6.46 4.39 4.87
CA ASN A 75 7.64 5.10 5.36
C ASN A 75 8.30 4.43 6.58
N ASP A 76 7.50 3.83 7.47
CA ASP A 76 8.00 3.08 8.63
C ASP A 76 8.71 1.77 8.24
N SER A 77 8.06 0.92 7.44
CA SER A 77 8.54 -0.42 7.01
C SER A 77 9.15 -0.41 5.60
N VAL A 78 9.65 0.72 5.13
CA VAL A 78 10.14 0.94 3.75
C VAL A 78 11.30 0.00 3.39
N PHE A 79 12.28 -0.16 4.27
CA PHE A 79 13.43 -1.06 4.09
C PHE A 79 13.05 -2.54 4.33
N PHE A 80 11.81 -2.80 4.76
CA PHE A 80 11.29 -4.15 5.00
C PHE A 80 10.51 -4.66 3.77
N LEU A 81 9.62 -3.82 3.22
CA LEU A 81 8.86 -4.10 2.01
C LEU A 81 9.76 -4.30 0.79
N ALA A 82 9.45 -5.32 -0.02
CA ALA A 82 10.14 -5.60 -1.27
C ALA A 82 9.98 -4.44 -2.28
N ALA A 83 10.89 -4.31 -3.24
CA ALA A 83 10.83 -3.30 -4.31
C ALA A 83 9.47 -3.27 -5.06
N TYR A 84 8.82 -4.43 -5.18
CA TYR A 84 7.49 -4.61 -5.76
C TYR A 84 6.42 -3.99 -4.85
N ASP A 85 6.30 -4.50 -3.62
CA ASP A 85 5.30 -4.10 -2.63
C ASP A 85 5.39 -2.61 -2.25
N LEU A 86 6.60 -2.05 -2.29
CA LEU A 86 6.89 -0.63 -2.06
C LEU A 86 6.13 0.21 -3.10
N ARG A 87 6.43 -0.04 -4.39
CA ARG A 87 5.81 0.64 -5.54
C ARG A 87 4.32 0.36 -5.65
N GLN A 88 3.88 -0.82 -5.24
CA GLN A 88 2.46 -1.22 -5.19
C GLN A 88 1.67 -0.30 -4.22
N GLY A 89 2.16 -0.16 -2.98
CA GLY A 89 1.53 0.73 -1.98
C GLY A 89 1.56 2.20 -2.38
N GLN A 90 2.73 2.73 -2.78
CA GLN A 90 2.85 4.12 -3.22
C GLN A 90 1.96 4.47 -4.44
N GLU A 91 1.78 3.56 -5.40
CA GLU A 91 0.88 3.74 -6.56
C GLU A 91 -0.59 3.95 -6.15
N ALA A 92 -1.03 3.23 -5.12
CA ALA A 92 -2.39 3.31 -4.58
C ALA A 92 -2.73 4.71 -4.06
N LEU A 93 -1.88 5.34 -3.22
CA LEU A 93 -2.13 6.72 -2.75
C LEU A 93 -2.38 7.70 -3.92
N ALA A 94 -1.54 7.64 -4.95
CA ALA A 94 -1.65 8.50 -6.13
C ALA A 94 -2.93 8.22 -6.92
N ARG A 95 -3.31 6.94 -7.04
CA ARG A 95 -4.54 6.49 -7.67
C ARG A 95 -5.79 7.09 -7.00
N LEU A 96 -5.87 7.04 -5.66
CA LEU A 96 -6.96 7.64 -4.88
C LEU A 96 -6.95 9.18 -4.95
N GLN A 97 -5.76 9.79 -4.98
CA GLN A 97 -5.58 11.25 -5.16
C GLN A 97 -6.22 11.73 -6.47
N ALA A 98 -6.03 11.01 -7.57
CA ALA A 98 -6.67 11.30 -8.86
C ALA A 98 -8.21 11.19 -8.80
N ALA A 99 -8.75 10.13 -8.18
CA ALA A 99 -10.20 9.94 -8.00
C ALA A 99 -10.85 11.14 -7.29
N LEU A 100 -10.19 11.71 -6.29
CA LEU A 100 -10.64 12.93 -5.59
C LEU A 100 -10.65 14.15 -6.51
N ALA A 101 -9.54 14.42 -7.20
CA ALA A 101 -9.42 15.57 -8.09
C ALA A 101 -10.50 15.55 -9.19
N GLU A 102 -10.80 14.36 -9.74
CA GLU A 102 -11.89 14.14 -10.73
C GLU A 102 -13.28 14.56 -10.21
N ARG A 103 -13.60 14.27 -8.94
CA ARG A 103 -14.86 14.71 -8.31
C ARG A 103 -14.85 16.21 -7.99
N ARG A 104 -13.70 16.77 -7.58
CA ARG A 104 -13.53 18.20 -7.25
C ARG A 104 -13.88 19.12 -8.43
N ARG A 105 -13.66 18.68 -9.67
CA ARG A 105 -14.03 19.38 -10.92
C ARG A 105 -15.52 19.68 -11.05
N GLY A 106 -16.38 18.87 -10.44
CA GLY A 106 -17.84 19.07 -10.40
C GLY A 106 -18.34 19.78 -9.13
N LEU A 107 -17.67 19.56 -8.00
CA LEU A 107 -17.98 20.16 -6.69
C LEU A 107 -17.52 21.63 -6.58
N GLN A 108 -16.21 21.86 -6.52
CA GLN A 108 -15.60 23.19 -6.48
C GLN A 108 -15.70 23.89 -7.87
N PRO A 109 -16.04 25.19 -7.95
CA PRO A 109 -16.05 25.94 -9.20
C PRO A 109 -14.64 26.24 -9.72
N LYS A 110 -14.03 25.27 -10.43
CA LYS A 110 -12.71 25.41 -11.09
C LYS A 110 -12.80 26.41 -12.27
N LYS A 111 -11.77 27.25 -12.44
CA LYS A 111 -11.65 28.27 -13.49
C LYS A 111 -10.23 28.26 -14.09
N MET A 1 27.84 5.85 -18.98
CA MET A 1 27.10 4.67 -19.50
C MET A 1 25.69 5.05 -19.96
N PRO A 2 25.17 4.45 -21.05
CA PRO A 2 23.83 4.74 -21.58
C PRO A 2 22.71 4.26 -20.63
N GLU A 3 21.85 5.19 -20.22
CA GLU A 3 20.70 4.97 -19.32
C GLU A 3 19.34 4.96 -20.04
N ARG A 4 19.32 5.15 -21.37
CA ARG A 4 18.11 5.08 -22.23
C ARG A 4 17.47 3.69 -22.28
N LEU A 5 18.28 2.66 -22.54
CA LEU A 5 17.85 1.27 -22.70
C LEU A 5 17.58 0.58 -21.35
N GLN A 6 16.51 -0.21 -21.29
CA GLN A 6 16.10 -1.01 -20.13
C GLN A 6 16.52 -2.48 -20.28
N ARG A 7 17.64 -2.85 -19.65
CA ARG A 7 18.23 -4.21 -19.63
C ARG A 7 18.09 -4.93 -18.28
N ARG A 8 17.21 -4.44 -17.39
CA ARG A 8 16.92 -5.02 -16.06
C ARG A 8 16.61 -6.53 -16.13
N GLU A 9 15.85 -6.94 -17.15
CA GLU A 9 15.54 -8.35 -17.43
C GLU A 9 16.78 -9.19 -17.80
N GLN A 10 17.74 -8.64 -18.55
CA GLN A 10 18.99 -9.33 -18.93
C GLN A 10 19.87 -9.58 -17.69
N GLU A 11 19.99 -8.60 -16.79
CA GLU A 11 20.73 -8.78 -15.53
C GLU A 11 20.01 -9.82 -14.64
N ARG A 12 18.67 -9.72 -14.54
CA ARG A 12 17.83 -10.68 -13.82
C ARG A 12 17.91 -12.11 -14.37
N GLN A 13 18.22 -12.29 -15.65
CA GLN A 13 18.35 -13.59 -16.32
C GLN A 13 19.43 -14.47 -15.66
N LEU A 14 20.53 -13.86 -15.19
CA LEU A 14 21.60 -14.57 -14.46
C LEU A 14 21.25 -14.84 -12.98
N GLU A 15 20.40 -14.02 -12.38
CA GLU A 15 19.91 -14.18 -11.00
C GLU A 15 18.77 -15.20 -10.89
N VAL A 16 17.81 -15.20 -11.82
CA VAL A 16 16.73 -16.21 -11.88
C VAL A 16 17.30 -17.63 -12.05
N GLU A 17 18.37 -17.77 -12.83
CA GLU A 17 19.11 -19.03 -13.03
C GLU A 17 19.96 -19.47 -11.82
N ARG A 18 20.09 -18.63 -10.78
CA ARG A 18 20.77 -18.93 -9.50
C ARG A 18 19.72 -19.35 -8.47
N ARG A 19 18.71 -18.51 -8.24
CA ARG A 19 17.60 -18.80 -7.30
C ARG A 19 16.75 -20.04 -7.68
N LYS A 20 16.83 -20.53 -8.92
CA LYS A 20 16.14 -21.76 -9.40
C LYS A 20 16.48 -23.00 -8.55
N GLN A 21 17.75 -23.12 -8.15
CA GLN A 21 18.28 -24.20 -7.29
C GLN A 21 18.52 -23.79 -5.82
N LYS A 22 18.63 -22.48 -5.54
CA LYS A 22 18.76 -21.93 -4.18
C LYS A 22 17.43 -22.05 -3.41
N ARG A 23 17.48 -21.97 -2.08
CA ARG A 23 16.29 -21.95 -1.20
C ARG A 23 15.71 -20.54 -1.15
N GLN A 24 14.78 -20.25 -2.07
CA GLN A 24 14.08 -18.97 -2.25
C GLN A 24 13.19 -18.60 -1.04
N ASN A 25 13.78 -18.05 0.02
CA ASN A 25 13.09 -17.62 1.25
C ASN A 25 12.11 -16.44 1.07
N GLN A 26 11.95 -15.89 -0.15
CA GLN A 26 11.00 -14.81 -0.47
C GLN A 26 9.55 -15.15 -0.12
N GLU A 27 9.23 -16.44 -0.15
CA GLU A 27 7.91 -16.99 0.25
C GLU A 27 7.61 -16.88 1.75
N VAL A 28 8.65 -16.78 2.58
CA VAL A 28 8.54 -16.60 4.03
C VAL A 28 8.17 -15.16 4.37
N GLU A 29 8.61 -14.21 3.55
CA GLU A 29 8.26 -12.78 3.68
C GLU A 29 6.77 -12.53 3.43
N LYS A 30 6.08 -13.47 2.78
CA LYS A 30 4.63 -13.42 2.55
C LYS A 30 3.82 -13.45 3.84
N GLU A 31 4.38 -14.03 4.90
CA GLU A 31 3.76 -14.10 6.24
C GLU A 31 3.72 -12.72 6.93
N ASN A 32 4.77 -11.91 6.77
CA ASN A 32 4.90 -10.60 7.39
C ASN A 32 4.44 -9.44 6.47
N SER A 33 4.71 -9.50 5.17
CA SER A 33 4.24 -8.52 4.17
C SER A 33 2.69 -8.48 4.10
N HIS A 34 2.01 -9.60 4.39
CA HIS A 34 0.54 -9.65 4.45
C HIS A 34 -0.03 -8.69 5.49
N PHE A 35 0.67 -8.44 6.62
CA PHE A 35 0.25 -7.45 7.62
C PHE A 35 0.09 -6.06 7.00
N PHE A 36 1.12 -5.61 6.27
CA PHE A 36 1.09 -4.36 5.51
C PHE A 36 -0.05 -4.33 4.50
N VAL A 37 -0.12 -5.33 3.60
CA VAL A 37 -1.18 -5.39 2.58
C VAL A 37 -2.58 -5.34 3.23
N ALA A 38 -2.77 -6.03 4.36
CA ALA A 38 -4.03 -6.02 5.12
C ALA A 38 -4.37 -4.62 5.66
N THR A 39 -3.49 -4.03 6.49
CA THR A 39 -3.72 -2.71 7.09
C THR A 39 -3.83 -1.60 6.03
N PHE A 40 -3.01 -1.65 4.97
CA PHE A 40 -3.05 -0.74 3.82
C PHE A 40 -4.38 -0.85 3.08
N ALA A 41 -4.80 -2.07 2.70
CA ALA A 41 -6.06 -2.30 1.98
C ALA A 41 -7.28 -1.81 2.77
N ARG A 42 -7.34 -2.08 4.08
CA ARG A 42 -8.40 -1.61 4.97
C ARG A 42 -8.48 -0.08 5.03
N GLU A 43 -7.33 0.60 5.07
CA GLU A 43 -7.25 2.06 5.02
C GLU A 43 -7.66 2.60 3.65
N ARG A 44 -7.00 2.18 2.55
CA ARG A 44 -7.29 2.69 1.19
C ARG A 44 -8.76 2.51 0.79
N ALA A 45 -9.37 1.39 1.18
CA ALA A 45 -10.78 1.09 0.90
C ALA A 45 -11.74 2.10 1.55
N ALA A 46 -11.51 2.48 2.82
CA ALA A 46 -12.31 3.50 3.50
C ALA A 46 -12.26 4.86 2.78
N VAL A 47 -11.07 5.28 2.33
CA VAL A 47 -10.90 6.51 1.53
C VAL A 47 -11.61 6.40 0.18
N GLU A 48 -11.43 5.27 -0.53
CA GLU A 48 -12.08 5.00 -1.82
C GLU A 48 -13.62 5.02 -1.72
N GLU A 49 -14.19 4.55 -0.60
CA GLU A 49 -15.62 4.60 -0.32
C GLU A 49 -16.11 6.02 0.04
N LEU A 50 -15.27 6.83 0.69
CA LEU A 50 -15.55 8.24 1.01
C LEU A 50 -15.81 9.07 -0.25
N LEU A 51 -15.25 8.71 -1.40
CA LEU A 51 -15.44 9.39 -2.70
C LEU A 51 -16.92 9.54 -3.08
N GLU A 52 -17.73 8.48 -2.93
CA GLU A 52 -19.18 8.51 -3.16
C GLU A 52 -19.96 9.25 -2.06
N ARG A 53 -19.50 9.15 -0.80
CA ARG A 53 -20.06 9.84 0.36
C ARG A 53 -19.69 11.33 0.46
N ALA A 54 -18.76 11.81 -0.38
CA ALA A 54 -18.33 13.20 -0.43
C ALA A 54 -19.21 14.07 -1.36
N GLU A 55 -20.47 14.29 -0.98
CA GLU A 55 -21.39 15.19 -1.71
C GLU A 55 -21.04 16.69 -1.50
N SER A 56 -20.13 16.97 -0.56
CA SER A 56 -19.69 18.30 -0.13
C SER A 56 -18.18 18.38 0.01
N VAL A 57 -17.61 19.58 -0.21
CA VAL A 57 -16.16 19.84 -0.10
C VAL A 57 -15.62 19.49 1.29
N GLU A 58 -16.41 19.74 2.34
CA GLU A 58 -16.08 19.46 3.74
C GLU A 58 -15.82 17.96 4.02
N ARG A 59 -16.42 17.05 3.23
CA ARG A 59 -16.18 15.60 3.31
C ARG A 59 -15.09 15.15 2.35
N LEU A 60 -15.00 15.80 1.19
CA LEU A 60 -13.98 15.56 0.16
C LEU A 60 -12.55 15.89 0.64
N GLU A 61 -12.36 17.06 1.25
CA GLU A 61 -11.06 17.54 1.73
C GLU A 61 -10.47 16.63 2.82
N GLU A 62 -11.34 16.05 3.63
CA GLU A 62 -10.98 15.06 4.66
C GLU A 62 -10.42 13.77 4.04
N ALA A 63 -11.02 13.28 2.94
CA ALA A 63 -10.53 12.12 2.19
C ALA A 63 -9.08 12.32 1.69
N ALA A 64 -8.72 13.54 1.28
CA ALA A 64 -7.36 13.88 0.88
C ALA A 64 -6.35 13.71 2.04
N SER A 65 -6.76 14.03 3.27
CA SER A 65 -5.92 13.85 4.46
C SER A 65 -5.73 12.37 4.79
N ARG A 66 -6.80 11.55 4.65
CA ARG A 66 -6.71 10.10 4.84
C ARG A 66 -5.70 9.46 3.87
N LEU A 67 -5.75 9.81 2.58
CA LEU A 67 -4.78 9.31 1.58
C LEU A 67 -3.35 9.80 1.86
N GLN A 68 -3.17 11.05 2.30
CA GLN A 68 -1.86 11.59 2.71
C GLN A 68 -1.26 10.83 3.90
N GLY A 69 -2.10 10.39 4.83
CA GLY A 69 -1.72 9.59 6.01
C GLY A 69 -1.24 8.17 5.67
N LEU A 70 -1.74 7.56 4.59
CA LEU A 70 -1.31 6.24 4.12
C LEU A 70 0.18 6.18 3.73
N GLN A 71 0.79 7.29 3.32
CA GLN A 71 2.22 7.31 2.94
C GLN A 71 3.13 6.96 4.13
N LYS A 72 2.74 7.40 5.33
CA LYS A 72 3.47 7.21 6.60
C LYS A 72 3.59 5.74 7.01
N LEU A 73 2.63 4.90 6.62
CA LEU A 73 2.63 3.45 6.83
C LEU A 73 3.78 2.80 6.05
N ILE A 74 3.91 3.06 4.74
CA ILE A 74 5.06 2.55 3.96
C ILE A 74 6.36 3.17 4.49
N ASN A 75 6.38 4.48 4.78
CA ASN A 75 7.55 5.19 5.30
C ASN A 75 8.17 4.52 6.55
N ASP A 76 7.34 3.98 7.45
CA ASP A 76 7.81 3.22 8.62
C ASP A 76 8.53 1.93 8.21
N SER A 77 7.86 1.09 7.42
CA SER A 77 8.31 -0.25 7.01
C SER A 77 9.04 -0.28 5.66
N VAL A 78 9.59 0.86 5.21
CA VAL A 78 10.17 1.05 3.88
C VAL A 78 11.38 0.13 3.61
N PHE A 79 12.29 0.00 4.59
CA PHE A 79 13.43 -0.93 4.52
C PHE A 79 13.03 -2.40 4.73
N PHE A 80 11.74 -2.65 5.00
CA PHE A 80 11.20 -4.00 5.25
C PHE A 80 10.49 -4.55 4.00
N LEU A 81 9.68 -3.74 3.33
CA LEU A 81 8.98 -4.08 2.09
C LEU A 81 9.95 -4.34 0.92
N ALA A 82 9.67 -5.38 0.12
CA ALA A 82 10.42 -5.70 -1.10
C ALA A 82 10.27 -4.58 -2.14
N ALA A 83 11.19 -4.50 -3.12
CA ALA A 83 11.14 -3.51 -4.20
C ALA A 83 9.77 -3.44 -4.91
N TYR A 84 9.12 -4.60 -5.08
CA TYR A 84 7.76 -4.74 -5.63
C TYR A 84 6.72 -4.07 -4.72
N ASP A 85 6.64 -4.53 -3.47
CA ASP A 85 5.63 -4.10 -2.49
C ASP A 85 5.76 -2.62 -2.13
N LEU A 86 6.99 -2.10 -2.16
CA LEU A 86 7.34 -0.70 -1.97
C LEU A 86 6.57 0.16 -2.98
N ARG A 87 6.80 -0.14 -4.27
CA ARG A 87 6.18 0.56 -5.39
C ARG A 87 4.66 0.33 -5.49
N GLN A 88 4.19 -0.82 -5.03
CA GLN A 88 2.76 -1.16 -4.95
C GLN A 88 2.02 -0.21 -4.00
N GLY A 89 2.48 -0.08 -2.75
CA GLY A 89 1.91 0.83 -1.76
C GLY A 89 1.89 2.28 -2.24
N GLN A 90 3.02 2.76 -2.77
CA GLN A 90 3.16 4.11 -3.34
C GLN A 90 2.23 4.36 -4.54
N GLU A 91 2.10 3.40 -5.48
CA GLU A 91 1.16 3.48 -6.62
C GLU A 91 -0.30 3.59 -6.19
N ALA A 92 -0.68 2.81 -5.18
CA ALA A 92 -2.03 2.75 -4.65
C ALA A 92 -2.50 4.10 -4.05
N LEU A 93 -1.63 4.88 -3.39
CA LEU A 93 -1.99 6.23 -2.89
C LEU A 93 -2.45 7.12 -4.05
N ALA A 94 -1.71 7.08 -5.16
CA ALA A 94 -1.99 7.87 -6.37
C ALA A 94 -3.37 7.53 -6.96
N ARG A 95 -3.78 6.26 -6.87
CA ARG A 95 -5.09 5.78 -7.34
C ARG A 95 -6.25 6.51 -6.65
N LEU A 96 -6.17 6.64 -5.32
CA LEU A 96 -7.14 7.38 -4.49
C LEU A 96 -7.12 8.88 -4.84
N GLN A 97 -5.93 9.47 -4.94
CA GLN A 97 -5.72 10.88 -5.26
C GLN A 97 -6.25 11.26 -6.65
N ALA A 98 -6.02 10.43 -7.67
CA ALA A 98 -6.54 10.63 -9.03
C ALA A 98 -8.09 10.62 -9.06
N ALA A 99 -8.73 9.67 -8.37
CA ALA A 99 -10.18 9.62 -8.24
C ALA A 99 -10.75 10.85 -7.50
N LEU A 100 -10.06 11.34 -6.46
CA LEU A 100 -10.40 12.57 -5.74
C LEU A 100 -10.25 13.83 -6.60
N ALA A 101 -9.24 13.87 -7.47
CA ALA A 101 -9.01 14.96 -8.43
C ALA A 101 -10.11 15.11 -9.50
N GLU A 102 -10.99 14.10 -9.65
CA GLU A 102 -12.15 14.11 -10.54
C GLU A 102 -13.40 14.62 -9.80
N ARG A 103 -13.65 14.15 -8.57
CA ARG A 103 -14.79 14.63 -7.74
C ARG A 103 -14.63 16.10 -7.36
N ARG A 104 -13.42 16.54 -7.00
CA ARG A 104 -13.13 17.95 -6.67
C ARG A 104 -13.48 18.91 -7.78
N ARG A 105 -13.23 18.49 -9.04
CA ARG A 105 -13.54 19.23 -10.27
C ARG A 105 -15.02 19.59 -10.45
N GLY A 106 -15.93 18.82 -9.86
CA GLY A 106 -17.38 19.09 -9.85
C GLY A 106 -17.88 19.80 -8.57
N LEU A 107 -17.10 19.75 -7.49
CA LEU A 107 -17.41 20.29 -6.16
C LEU A 107 -16.79 21.70 -5.95
N GLN A 108 -15.46 21.79 -5.86
CA GLN A 108 -14.71 23.05 -5.74
C GLN A 108 -14.67 23.84 -7.07
N PRO A 109 -14.43 25.17 -7.02
CA PRO A 109 -14.29 26.02 -8.20
C PRO A 109 -12.97 25.77 -8.95
N LYS A 110 -13.05 25.34 -10.21
CA LYS A 110 -11.92 25.15 -11.14
C LYS A 110 -12.27 25.69 -12.54
N LYS A 111 -11.25 26.11 -13.30
CA LYS A 111 -11.32 26.67 -14.66
C LYS A 111 -10.28 26.07 -15.61
N MET A 1 23.10 16.69 16.68
CA MET A 1 22.87 15.73 15.54
C MET A 1 21.68 14.82 15.82
N PRO A 2 21.04 14.24 14.79
CA PRO A 2 19.91 13.31 14.94
C PRO A 2 20.30 11.91 15.45
N GLU A 3 21.60 11.57 15.49
CA GLU A 3 22.18 10.29 15.96
C GLU A 3 21.70 9.06 15.16
N ARG A 4 21.24 9.28 13.92
CA ARG A 4 20.74 8.27 12.96
C ARG A 4 21.87 7.48 12.29
N LEU A 5 21.49 6.37 11.63
CA LEU A 5 22.38 5.46 10.90
C LEU A 5 22.72 6.01 9.51
N GLN A 6 23.74 6.86 9.41
CA GLN A 6 24.16 7.55 8.18
C GLN A 6 25.68 7.43 7.96
N ARG A 7 26.13 6.27 7.45
CA ARG A 7 27.53 5.92 7.17
C ARG A 7 27.70 5.11 5.89
N ARG A 8 28.89 5.17 5.26
CA ARG A 8 29.25 4.39 4.06
C ARG A 8 29.29 2.87 4.29
N GLU A 9 29.50 2.44 5.53
CA GLU A 9 29.47 1.03 5.94
C GLU A 9 28.14 0.34 5.59
N GLN A 10 27.03 1.09 5.49
CA GLN A 10 25.73 0.55 5.06
C GLN A 10 25.80 -0.06 3.64
N GLU A 11 26.80 0.27 2.81
CA GLU A 11 26.98 -0.34 1.48
C GLU A 11 27.20 -1.87 1.60
N ARG A 12 27.73 -2.35 2.72
CA ARG A 12 27.90 -3.79 3.03
C ARG A 12 26.56 -4.53 3.07
N GLN A 13 25.43 -3.83 3.15
CA GLN A 13 24.09 -4.43 3.10
C GLN A 13 23.87 -5.21 1.80
N LEU A 14 24.60 -4.88 0.72
CA LEU A 14 24.57 -5.60 -0.57
C LEU A 14 24.96 -7.07 -0.45
N GLU A 15 25.67 -7.45 0.62
CA GLU A 15 26.03 -8.84 0.93
C GLU A 15 24.78 -9.71 1.15
N VAL A 16 23.64 -9.09 1.51
CA VAL A 16 22.35 -9.78 1.65
C VAL A 16 21.94 -10.48 0.35
N GLU A 17 22.36 -9.98 -0.82
CA GLU A 17 22.04 -10.57 -2.13
C GLU A 17 22.48 -12.04 -2.25
N ARG A 18 23.54 -12.42 -1.53
CA ARG A 18 24.04 -13.80 -1.43
C ARG A 18 23.12 -14.63 -0.54
N ARG A 19 22.91 -14.17 0.70
CA ARG A 19 22.10 -14.84 1.74
C ARG A 19 20.60 -14.90 1.42
N LYS A 20 20.11 -14.04 0.50
CA LYS A 20 18.73 -14.01 -0.01
C LYS A 20 18.33 -15.34 -0.65
N GLN A 21 19.28 -16.00 -1.32
CA GLN A 21 19.10 -17.30 -1.98
C GLN A 21 19.35 -18.51 -1.04
N LYS A 22 20.08 -18.28 0.07
CA LYS A 22 20.37 -19.28 1.12
C LYS A 22 19.16 -19.52 2.03
N ARG A 23 19.04 -20.72 2.60
CA ARG A 23 18.01 -21.08 3.58
C ARG A 23 18.37 -20.55 4.97
N GLN A 24 18.08 -19.28 5.20
CA GLN A 24 18.25 -18.56 6.46
C GLN A 24 16.89 -18.44 7.16
N ASN A 25 16.84 -18.62 8.49
CA ASN A 25 15.61 -18.42 9.29
C ASN A 25 15.02 -17.00 9.17
N GLN A 26 15.83 -16.00 8.80
CA GLN A 26 15.40 -14.62 8.55
C GLN A 26 14.44 -14.47 7.36
N GLU A 27 14.42 -15.44 6.46
CA GLU A 27 13.49 -15.50 5.32
C GLU A 27 12.02 -15.68 5.74
N VAL A 28 11.78 -16.08 7.00
CA VAL A 28 10.45 -16.20 7.60
C VAL A 28 9.89 -14.84 8.06
N GLU A 29 10.75 -13.85 8.30
CA GLU A 29 10.30 -12.48 8.68
C GLU A 29 9.48 -11.80 7.57
N LYS A 30 9.67 -12.24 6.33
CA LYS A 30 8.95 -11.80 5.12
C LYS A 30 7.44 -12.05 5.19
N GLU A 31 6.98 -12.87 6.13
CA GLU A 31 5.56 -13.15 6.35
C GLU A 31 4.81 -11.88 6.77
N ASN A 32 5.50 -10.93 7.40
CA ASN A 32 4.96 -9.62 7.78
C ASN A 32 4.57 -8.76 6.57
N SER A 33 5.07 -9.05 5.35
CA SER A 33 4.68 -8.35 4.12
C SER A 33 3.19 -8.60 3.80
N HIS A 34 2.63 -9.76 4.17
CA HIS A 34 1.20 -10.06 4.00
C HIS A 34 0.35 -9.16 4.92
N PHE A 35 0.82 -8.90 6.15
CA PHE A 35 0.17 -7.98 7.09
C PHE A 35 0.06 -6.56 6.50
N PHE A 36 1.12 -6.05 5.87
CA PHE A 36 1.11 -4.74 5.20
C PHE A 36 -0.03 -4.64 4.18
N VAL A 37 -0.13 -5.60 3.24
CA VAL A 37 -1.20 -5.62 2.23
C VAL A 37 -2.58 -5.59 2.89
N ALA A 38 -2.78 -6.33 3.99
CA ALA A 38 -4.01 -6.32 4.78
C ALA A 38 -4.32 -4.94 5.41
N THR A 39 -3.41 -4.37 6.20
CA THR A 39 -3.61 -3.05 6.84
C THR A 39 -3.77 -1.92 5.81
N PHE A 40 -2.99 -1.95 4.72
CA PHE A 40 -3.11 -1.01 3.61
C PHE A 40 -4.47 -1.14 2.90
N ALA A 41 -4.94 -2.36 2.63
CA ALA A 41 -6.26 -2.62 2.05
C ALA A 41 -7.43 -2.09 2.91
N ARG A 42 -7.41 -2.33 4.22
CA ARG A 42 -8.43 -1.85 5.16
C ARG A 42 -8.51 -0.33 5.20
N GLU A 43 -7.37 0.36 5.15
CA GLU A 43 -7.32 1.82 5.08
C GLU A 43 -7.78 2.33 3.71
N ARG A 44 -7.15 1.91 2.60
CA ARG A 44 -7.46 2.40 1.24
C ARG A 44 -8.94 2.27 0.90
N ALA A 45 -9.59 1.18 1.31
CA ALA A 45 -11.01 0.93 1.08
C ALA A 45 -11.92 1.99 1.71
N ALA A 46 -11.68 2.34 2.98
CA ALA A 46 -12.41 3.41 3.68
C ALA A 46 -12.21 4.77 2.98
N VAL A 47 -10.98 5.09 2.57
CA VAL A 47 -10.67 6.31 1.80
C VAL A 47 -11.43 6.32 0.47
N GLU A 48 -11.36 5.23 -0.30
CA GLU A 48 -12.02 5.08 -1.60
C GLU A 48 -13.54 5.29 -1.51
N GLU A 49 -14.17 4.78 -0.45
CA GLU A 49 -15.59 5.01 -0.19
C GLU A 49 -15.92 6.46 0.20
N LEU A 50 -15.01 7.15 0.90
CA LEU A 50 -15.13 8.58 1.25
C LEU A 50 -15.21 9.48 0.00
N LEU A 51 -14.58 9.10 -1.11
CA LEU A 51 -14.63 9.81 -2.40
C LEU A 51 -16.08 10.02 -2.88
N GLU A 52 -16.87 8.96 -2.98
CA GLU A 52 -18.29 9.00 -3.35
C GLU A 52 -19.18 9.56 -2.23
N ARG A 53 -18.85 9.33 -0.95
CA ARG A 53 -19.59 9.89 0.20
C ARG A 53 -19.44 11.42 0.34
N ALA A 54 -18.39 12.02 -0.21
CA ALA A 54 -18.16 13.47 -0.21
C ALA A 54 -19.16 14.24 -1.10
N GLU A 55 -20.32 14.59 -0.55
CA GLU A 55 -21.37 15.41 -1.18
C GLU A 55 -21.01 16.91 -1.25
N SER A 56 -20.06 17.37 -0.43
CA SER A 56 -19.59 18.76 -0.34
C SER A 56 -18.06 18.84 -0.29
N VAL A 57 -17.50 20.02 -0.60
CA VAL A 57 -16.05 20.30 -0.54
C VAL A 57 -15.47 20.01 0.86
N GLU A 58 -16.22 20.30 1.93
CA GLU A 58 -15.82 20.01 3.31
C GLU A 58 -15.45 18.53 3.52
N ARG A 59 -16.32 17.60 3.11
CA ARG A 59 -16.06 16.15 3.13
C ARG A 59 -14.96 15.72 2.14
N LEU A 60 -14.83 16.43 1.02
CA LEU A 60 -13.79 16.18 0.02
C LEU A 60 -12.38 16.41 0.60
N GLU A 61 -12.20 17.45 1.42
CA GLU A 61 -10.92 17.70 2.12
C GLU A 61 -10.54 16.57 3.08
N GLU A 62 -11.51 15.93 3.76
CA GLU A 62 -11.25 14.77 4.62
C GLU A 62 -10.68 13.56 3.85
N ALA A 63 -11.25 13.23 2.68
CA ALA A 63 -10.72 12.15 1.83
C ALA A 63 -9.21 12.31 1.53
N ALA A 64 -8.77 13.53 1.21
CA ALA A 64 -7.36 13.84 1.00
C ALA A 64 -6.50 13.64 2.28
N SER A 65 -7.04 13.92 3.47
CA SER A 65 -6.35 13.72 4.74
C SER A 65 -6.22 12.24 5.10
N ARG A 66 -7.28 11.44 4.85
CA ARG A 66 -7.26 9.98 5.05
C ARG A 66 -6.19 9.30 4.20
N LEU A 67 -6.07 9.66 2.91
CA LEU A 67 -5.04 9.12 2.02
C LEU A 67 -3.62 9.57 2.41
N GLN A 68 -3.46 10.81 2.88
CA GLN A 68 -2.16 11.34 3.36
C GLN A 68 -1.58 10.54 4.55
N GLY A 69 -2.44 9.88 5.33
CA GLY A 69 -2.07 8.99 6.43
C GLY A 69 -1.58 7.60 5.97
N LEU A 70 -2.02 7.11 4.81
CA LEU A 70 -1.55 5.84 4.23
C LEU A 70 -0.07 5.86 3.85
N GLN A 71 0.46 7.00 3.39
CA GLN A 71 1.88 7.11 3.03
C GLN A 71 2.81 6.85 4.23
N LYS A 72 2.35 7.21 5.44
CA LYS A 72 3.07 7.03 6.71
C LYS A 72 3.29 5.56 7.10
N LEU A 73 2.36 4.68 6.75
CA LEU A 73 2.45 3.23 6.94
C LEU A 73 3.69 2.67 6.21
N ILE A 74 3.84 3.02 4.93
CA ILE A 74 5.03 2.64 4.16
C ILE A 74 6.27 3.39 4.63
N ASN A 75 6.19 4.69 4.89
CA ASN A 75 7.31 5.49 5.37
C ASN A 75 7.99 4.88 6.62
N ASP A 76 7.22 4.21 7.48
CA ASP A 76 7.73 3.49 8.65
C ASP A 76 8.53 2.23 8.26
N SER A 77 7.93 1.33 7.48
CA SER A 77 8.47 0.02 7.06
C SER A 77 9.14 0.03 5.68
N VAL A 78 9.60 1.19 5.20
CA VAL A 78 10.11 1.39 3.83
C VAL A 78 11.33 0.52 3.51
N PHE A 79 12.28 0.42 4.44
CA PHE A 79 13.47 -0.44 4.32
C PHE A 79 13.17 -1.92 4.58
N PHE A 80 11.93 -2.24 4.98
CA PHE A 80 11.46 -3.62 5.22
C PHE A 80 10.74 -4.18 3.97
N LEU A 81 9.83 -3.40 3.38
CA LEU A 81 9.11 -3.78 2.15
C LEU A 81 10.07 -3.97 0.96
N ALA A 82 9.85 -5.03 0.18
CA ALA A 82 10.61 -5.30 -1.05
C ALA A 82 10.32 -4.24 -2.12
N ALA A 83 11.19 -4.10 -3.13
CA ALA A 83 11.00 -3.16 -4.23
C ALA A 83 9.64 -3.34 -4.94
N TYR A 84 9.17 -4.60 -5.04
CA TYR A 84 7.87 -5.00 -5.58
C TYR A 84 6.72 -4.41 -4.75
N ASP A 85 6.68 -4.75 -3.46
CA ASP A 85 5.61 -4.39 -2.52
C ASP A 85 5.55 -2.88 -2.25
N LEU A 86 6.73 -2.25 -2.19
CA LEU A 86 6.89 -0.80 -2.05
C LEU A 86 6.26 -0.06 -3.24
N ARG A 87 6.56 -0.50 -4.47
CA ARG A 87 5.97 0.04 -5.70
C ARG A 87 4.46 -0.20 -5.79
N GLN A 88 4.00 -1.36 -5.30
CA GLN A 88 2.58 -1.72 -5.20
C GLN A 88 1.81 -0.77 -4.27
N GLY A 89 2.27 -0.57 -3.03
CA GLY A 89 1.64 0.35 -2.06
C GLY A 89 1.61 1.80 -2.53
N GLN A 90 2.73 2.31 -3.05
CA GLN A 90 2.84 3.69 -3.52
C GLN A 90 1.95 3.98 -4.76
N GLU A 91 1.80 3.05 -5.70
CA GLU A 91 0.87 3.22 -6.84
C GLU A 91 -0.58 3.35 -6.40
N ALA A 92 -0.98 2.55 -5.41
CA ALA A 92 -2.32 2.58 -4.83
C ALA A 92 -2.64 3.92 -4.14
N LEU A 93 -1.68 4.52 -3.42
CA LEU A 93 -1.82 5.84 -2.80
C LEU A 93 -2.16 6.93 -3.84
N ALA A 94 -1.47 6.91 -4.97
CA ALA A 94 -1.72 7.83 -6.08
C ALA A 94 -3.13 7.67 -6.66
N ARG A 95 -3.66 6.44 -6.68
CA ARG A 95 -5.02 6.14 -7.17
C ARG A 95 -6.07 6.93 -6.39
N LEU A 96 -6.01 6.88 -5.06
CA LEU A 96 -6.94 7.59 -4.15
C LEU A 96 -6.83 9.12 -4.36
N GLN A 97 -5.61 9.63 -4.51
CA GLN A 97 -5.30 11.04 -4.72
C GLN A 97 -5.83 11.55 -6.07
N ALA A 98 -5.55 10.85 -7.16
CA ALA A 98 -6.05 11.15 -8.50
C ALA A 98 -7.59 11.06 -8.62
N ALA A 99 -8.21 10.07 -7.95
CA ALA A 99 -9.66 9.93 -7.91
C ALA A 99 -10.35 11.16 -7.28
N LEU A 100 -9.77 11.73 -6.20
CA LEU A 100 -10.28 12.96 -5.59
C LEU A 100 -10.21 14.13 -6.59
N ALA A 101 -9.11 14.19 -7.35
CA ALA A 101 -8.91 15.17 -8.42
C ALA A 101 -9.92 15.05 -9.58
N GLU A 102 -10.65 13.93 -9.70
CA GLU A 102 -11.72 13.74 -10.69
C GLU A 102 -13.07 14.18 -10.10
N ARG A 103 -13.33 13.92 -8.80
CA ARG A 103 -14.56 14.34 -8.10
C ARG A 103 -14.62 15.86 -7.90
N ARG A 104 -13.48 16.52 -7.68
CA ARG A 104 -13.38 17.99 -7.48
C ARG A 104 -14.08 18.79 -8.56
N ARG A 105 -13.99 18.33 -9.82
CA ARG A 105 -14.60 18.91 -11.04
C ARG A 105 -16.12 19.12 -10.96
N GLY A 106 -16.81 18.37 -10.09
CA GLY A 106 -18.24 18.46 -9.81
C GLY A 106 -18.61 19.14 -8.48
N LEU A 107 -17.61 19.65 -7.74
CA LEU A 107 -17.72 20.26 -6.41
C LEU A 107 -17.08 21.66 -6.37
N GLN A 108 -15.74 21.70 -6.44
CA GLN A 108 -14.96 22.94 -6.52
C GLN A 108 -15.21 23.63 -7.88
N PRO A 109 -15.52 24.94 -7.91
CA PRO A 109 -15.70 25.66 -9.17
C PRO A 109 -14.40 25.79 -9.97
N LYS A 110 -14.52 26.22 -11.23
CA LYS A 110 -13.42 26.43 -12.20
C LYS A 110 -13.40 27.89 -12.72
N LYS A 111 -12.37 28.24 -13.50
CA LYS A 111 -12.16 29.56 -14.11
C LYS A 111 -12.40 29.54 -15.63
N MET A 1 43.62 -34.94 15.57
CA MET A 1 43.59 -36.03 14.55
C MET A 1 44.00 -35.51 13.17
N PRO A 2 44.51 -36.37 12.27
CA PRO A 2 44.89 -36.00 10.90
C PRO A 2 43.68 -35.68 10.02
N GLU A 3 43.26 -34.41 10.02
CA GLU A 3 42.14 -33.86 9.25
C GLU A 3 42.46 -32.41 8.80
N ARG A 4 42.13 -32.07 7.55
CA ARG A 4 42.25 -30.71 6.99
C ARG A 4 40.91 -29.98 7.02
N LEU A 5 40.88 -28.84 7.70
CA LEU A 5 39.74 -27.92 7.81
C LEU A 5 39.84 -26.77 6.78
N GLN A 6 38.73 -26.06 6.56
CA GLN A 6 38.60 -24.91 5.65
C GLN A 6 38.03 -23.67 6.36
N ARG A 7 38.04 -22.52 5.67
CA ARG A 7 37.44 -21.25 6.14
C ARG A 7 35.92 -21.35 6.32
N ARG A 8 35.40 -20.83 7.43
CA ARG A 8 33.94 -20.76 7.70
C ARG A 8 33.21 -19.86 6.70
N GLU A 9 33.80 -18.74 6.30
CA GLU A 9 33.23 -17.82 5.29
C GLU A 9 32.91 -18.48 3.94
N GLN A 10 33.68 -19.50 3.55
CA GLN A 10 33.43 -20.32 2.35
C GLN A 10 32.21 -21.22 2.52
N GLU A 11 32.11 -21.96 3.63
CA GLU A 11 30.94 -22.78 3.95
C GLU A 11 29.66 -21.92 4.13
N ARG A 12 29.77 -20.73 4.73
CA ARG A 12 28.67 -19.76 4.87
C ARG A 12 28.06 -19.31 3.54
N GLN A 13 28.77 -19.47 2.43
CA GLN A 13 28.27 -19.18 1.09
C GLN A 13 27.17 -20.19 0.73
N LEU A 14 27.45 -21.50 0.83
CA LEU A 14 26.47 -22.56 0.55
C LEU A 14 25.33 -22.67 1.58
N GLU A 15 25.58 -22.25 2.82
CA GLU A 15 24.58 -22.21 3.90
C GLU A 15 23.34 -21.35 3.58
N VAL A 16 23.44 -20.43 2.61
CA VAL A 16 22.28 -19.64 2.15
C VAL A 16 21.15 -20.54 1.65
N GLU A 17 21.48 -21.61 0.89
CA GLU A 17 20.51 -22.58 0.38
C GLU A 17 19.86 -23.41 1.50
N ARG A 18 20.63 -23.70 2.54
CA ARG A 18 20.15 -24.38 3.75
C ARG A 18 19.10 -23.52 4.46
N ARG A 19 19.46 -22.31 4.89
CA ARG A 19 18.53 -21.36 5.56
C ARG A 19 17.31 -21.00 4.70
N LYS A 20 17.46 -20.87 3.37
CA LYS A 20 16.36 -20.63 2.41
C LYS A 20 15.28 -21.72 2.39
N GLN A 21 15.60 -22.94 2.81
CA GLN A 21 14.67 -24.08 2.96
C GLN A 21 14.41 -24.48 4.42
N LYS A 22 15.19 -23.97 5.38
CA LYS A 22 15.02 -24.17 6.83
C LYS A 22 13.72 -23.51 7.33
N ARG A 23 13.20 -24.02 8.46
CA ARG A 23 11.92 -23.65 9.09
C ARG A 23 12.07 -22.78 10.36
N GLN A 24 13.18 -22.04 10.44
CA GLN A 24 13.56 -21.21 11.60
C GLN A 24 12.52 -20.10 11.88
N ASN A 25 12.32 -19.75 13.15
CA ASN A 25 11.44 -18.66 13.57
C ASN A 25 11.84 -17.28 13.00
N GLN A 26 13.11 -17.06 12.66
CA GLN A 26 13.58 -15.80 12.06
C GLN A 26 13.07 -15.54 10.63
N GLU A 27 12.58 -16.58 9.96
CA GLU A 27 11.96 -16.51 8.64
C GLU A 27 10.47 -16.09 8.71
N VAL A 28 9.86 -16.22 9.88
CA VAL A 28 8.46 -15.78 10.13
C VAL A 28 8.30 -14.28 9.92
N GLU A 29 9.39 -13.52 10.02
CA GLU A 29 9.39 -12.08 9.74
C GLU A 29 8.96 -11.72 8.30
N LYS A 30 9.09 -12.68 7.36
CA LYS A 30 8.63 -12.55 5.97
C LYS A 30 7.10 -12.54 5.83
N GLU A 31 6.38 -12.99 6.85
CA GLU A 31 4.91 -12.95 6.92
C GLU A 31 4.36 -11.57 7.32
N ASN A 32 5.19 -10.67 7.88
CA ASN A 32 4.77 -9.30 8.21
C ASN A 32 4.40 -8.48 6.96
N SER A 33 4.77 -8.92 5.75
CA SER A 33 4.37 -8.28 4.48
C SER A 33 2.84 -8.33 4.30
N HIS A 34 2.20 -9.42 4.76
CA HIS A 34 0.74 -9.57 4.74
C HIS A 34 0.06 -8.54 5.65
N PHE A 35 0.63 -8.27 6.84
CA PHE A 35 0.12 -7.25 7.75
C PHE A 35 0.02 -5.87 7.08
N PHE A 36 1.09 -5.44 6.39
CA PHE A 36 1.10 -4.19 5.62
C PHE A 36 -0.05 -4.13 4.62
N VAL A 37 -0.20 -5.16 3.76
CA VAL A 37 -1.28 -5.25 2.78
C VAL A 37 -2.65 -5.13 3.47
N ALA A 38 -2.83 -5.74 4.64
CA ALA A 38 -4.06 -5.67 5.43
C ALA A 38 -4.36 -4.25 5.94
N THR A 39 -3.42 -3.63 6.66
CA THR A 39 -3.56 -2.27 7.21
C THR A 39 -3.70 -1.22 6.11
N PHE A 40 -2.95 -1.35 5.01
CA PHE A 40 -3.05 -0.47 3.83
C PHE A 40 -4.42 -0.64 3.14
N ALA A 41 -4.90 -1.88 2.95
CA ALA A 41 -6.21 -2.20 2.38
C ALA A 41 -7.37 -1.54 3.16
N ARG A 42 -7.41 -1.68 4.48
CA ARG A 42 -8.44 -1.07 5.34
C ARG A 42 -8.47 0.46 5.19
N GLU A 43 -7.31 1.11 5.18
CA GLU A 43 -7.21 2.56 4.99
C GLU A 43 -7.58 3.00 3.57
N ARG A 44 -7.01 2.43 2.51
CA ARG A 44 -7.31 2.79 1.11
C ARG A 44 -8.81 2.64 0.82
N ALA A 45 -9.43 1.57 1.32
CA ALA A 45 -10.85 1.31 1.17
C ALA A 45 -11.70 2.43 1.78
N ALA A 46 -11.37 2.90 2.99
CA ALA A 46 -12.07 4.02 3.63
C ALA A 46 -12.05 5.30 2.77
N VAL A 47 -10.92 5.61 2.11
CA VAL A 47 -10.77 6.75 1.18
C VAL A 47 -11.59 6.57 -0.11
N GLU A 48 -11.48 5.40 -0.73
CA GLU A 48 -12.16 5.05 -1.98
C GLU A 48 -13.70 5.04 -1.79
N GLU A 49 -14.17 4.48 -0.68
CA GLU A 49 -15.58 4.47 -0.27
C GLU A 49 -16.09 5.89 0.09
N LEU A 50 -15.22 6.77 0.61
CA LEU A 50 -15.54 8.17 0.90
C LEU A 50 -15.91 8.91 -0.39
N LEU A 51 -15.06 8.85 -1.42
CA LEU A 51 -15.30 9.48 -2.72
C LEU A 51 -16.58 8.98 -3.40
N GLU A 52 -16.94 7.70 -3.23
CA GLU A 52 -18.19 7.15 -3.74
C GLU A 52 -19.46 7.75 -3.08
N ARG A 53 -19.32 8.32 -1.88
CA ARG A 53 -20.41 8.93 -1.09
C ARG A 53 -20.23 10.44 -0.83
N ALA A 54 -19.19 11.06 -1.39
CA ALA A 54 -18.86 12.48 -1.24
C ALA A 54 -19.85 13.41 -1.97
N GLU A 55 -20.71 14.10 -1.22
CA GLU A 55 -21.70 15.08 -1.71
C GLU A 55 -21.35 16.55 -1.38
N SER A 56 -20.39 16.77 -0.47
CA SER A 56 -19.92 18.09 -0.04
C SER A 56 -18.39 18.11 0.06
N VAL A 57 -17.78 19.30 -0.04
CA VAL A 57 -16.33 19.51 0.04
C VAL A 57 -15.76 18.99 1.37
N GLU A 58 -16.53 19.02 2.46
CA GLU A 58 -16.17 18.46 3.77
C GLU A 58 -15.90 16.95 3.75
N ARG A 59 -16.57 16.18 2.87
CA ARG A 59 -16.32 14.74 2.69
C ARG A 59 -15.11 14.48 1.77
N LEU A 60 -14.90 15.36 0.80
CA LEU A 60 -13.77 15.36 -0.14
C LEU A 60 -12.43 15.66 0.55
N GLU A 61 -12.33 16.79 1.26
CA GLU A 61 -11.11 17.23 1.93
C GLU A 61 -10.61 16.23 2.98
N GLU A 62 -11.53 15.58 3.67
CA GLU A 62 -11.27 14.52 4.64
C GLU A 62 -10.64 13.28 3.99
N ALA A 63 -11.10 12.87 2.80
CA ALA A 63 -10.52 11.76 2.03
C ALA A 63 -9.00 11.96 1.78
N ALA A 64 -8.55 13.18 1.43
CA ALA A 64 -7.12 13.45 1.29
C ALA A 64 -6.38 13.27 2.63
N SER A 65 -7.00 13.64 3.75
CA SER A 65 -6.42 13.50 5.08
C SER A 65 -6.31 12.02 5.51
N ARG A 66 -7.11 11.13 4.92
CA ARG A 66 -7.01 9.68 5.17
C ARG A 66 -5.81 9.12 4.40
N LEU A 67 -5.68 9.49 3.12
CA LEU A 67 -4.57 9.08 2.25
C LEU A 67 -3.22 9.68 2.68
N GLN A 68 -3.19 10.89 3.25
CA GLN A 68 -1.97 11.57 3.71
C GLN A 68 -1.16 10.74 4.74
N GLY A 69 -1.88 9.91 5.51
CA GLY A 69 -1.34 8.95 6.48
C GLY A 69 -0.90 7.61 5.88
N LEU A 70 -1.47 7.20 4.73
CA LEU A 70 -1.05 5.98 4.02
C LEU A 70 0.39 6.08 3.51
N GLN A 71 0.80 7.19 2.91
CA GLN A 71 2.19 7.36 2.45
C GLN A 71 3.22 7.24 3.60
N LYS A 72 2.81 7.61 4.83
CA LYS A 72 3.62 7.48 6.06
C LYS A 72 3.76 6.04 6.55
N LEU A 73 2.75 5.18 6.34
CA LEU A 73 2.78 3.76 6.67
C LEU A 73 3.94 3.07 5.92
N ILE A 74 4.03 3.24 4.60
CA ILE A 74 5.17 2.71 3.83
C ILE A 74 6.48 3.38 4.27
N ASN A 75 6.50 4.71 4.45
CA ASN A 75 7.71 5.44 4.86
C ASN A 75 8.38 4.86 6.13
N ASP A 76 7.61 4.27 7.05
CA ASP A 76 8.14 3.60 8.25
C ASP A 76 8.85 2.27 7.89
N SER A 77 8.16 1.35 7.21
CA SER A 77 8.64 0.01 6.81
C SER A 77 9.26 -0.06 5.41
N VAL A 78 9.71 1.07 4.85
CA VAL A 78 10.23 1.19 3.47
C VAL A 78 11.44 0.28 3.18
N PHE A 79 12.37 0.18 4.14
CA PHE A 79 13.54 -0.71 4.06
C PHE A 79 13.20 -2.18 4.36
N PHE A 80 11.95 -2.45 4.78
CA PHE A 80 11.45 -3.80 5.08
C PHE A 80 10.66 -4.37 3.89
N LEU A 81 9.73 -3.59 3.33
CA LEU A 81 8.94 -3.95 2.16
C LEU A 81 9.82 -4.21 0.93
N ALA A 82 9.57 -5.33 0.25
CA ALA A 82 10.25 -5.68 -1.00
C ALA A 82 9.97 -4.62 -2.08
N ALA A 83 10.84 -4.51 -3.09
CA ALA A 83 10.64 -3.59 -4.22
C ALA A 83 9.28 -3.77 -4.91
N TYR A 84 8.77 -5.01 -4.97
CA TYR A 84 7.44 -5.35 -5.48
C TYR A 84 6.33 -4.73 -4.63
N ASP A 85 6.32 -5.03 -3.33
CA ASP A 85 5.29 -4.61 -2.36
C ASP A 85 5.28 -3.09 -2.12
N LEU A 86 6.47 -2.48 -2.11
CA LEU A 86 6.67 -1.05 -1.99
C LEU A 86 5.99 -0.30 -3.15
N ARG A 87 6.27 -0.73 -4.39
CA ARG A 87 5.68 -0.19 -5.62
C ARG A 87 4.17 -0.42 -5.68
N GLN A 88 3.70 -1.55 -5.15
CA GLN A 88 2.27 -1.89 -5.04
C GLN A 88 1.53 -0.90 -4.12
N GLY A 89 2.08 -0.54 -2.95
CA GLY A 89 1.50 0.43 -2.03
C GLY A 89 1.48 1.86 -2.59
N GLN A 90 2.61 2.33 -3.12
CA GLN A 90 2.70 3.67 -3.72
C GLN A 90 1.76 3.87 -4.93
N GLU A 91 1.61 2.89 -5.83
CA GLU A 91 0.66 3.00 -6.96
C GLU A 91 -0.79 3.19 -6.51
N ALA A 92 -1.18 2.50 -5.44
CA ALA A 92 -2.51 2.56 -4.85
C ALA A 92 -2.82 3.93 -4.23
N LEU A 93 -1.87 4.56 -3.54
CA LEU A 93 -1.99 5.92 -2.98
C LEU A 93 -2.34 6.95 -4.07
N ALA A 94 -1.59 6.92 -5.17
CA ALA A 94 -1.82 7.77 -6.35
C ALA A 94 -3.20 7.54 -6.98
N ARG A 95 -3.72 6.31 -6.93
CA ARG A 95 -5.04 5.95 -7.42
C ARG A 95 -6.14 6.78 -6.74
N LEU A 96 -6.04 6.96 -5.43
CA LEU A 96 -6.99 7.74 -4.61
C LEU A 96 -6.79 9.26 -4.80
N GLN A 97 -5.53 9.70 -4.92
CA GLN A 97 -5.16 11.10 -5.21
C GLN A 97 -5.80 11.62 -6.52
N ALA A 98 -5.77 10.83 -7.58
CA ALA A 98 -6.41 11.17 -8.85
C ALA A 98 -7.95 11.21 -8.75
N ALA A 99 -8.57 10.27 -8.03
CA ALA A 99 -10.01 10.25 -7.81
C ALA A 99 -10.50 11.54 -7.09
N LEU A 100 -9.66 12.12 -6.22
CA LEU A 100 -9.95 13.39 -5.55
C LEU A 100 -10.01 14.55 -6.54
N ALA A 101 -8.95 14.76 -7.32
CA ALA A 101 -8.87 15.88 -8.27
C ALA A 101 -10.06 15.89 -9.26
N GLU A 102 -10.56 14.71 -9.64
CA GLU A 102 -11.75 14.52 -10.49
C GLU A 102 -13.02 15.08 -9.83
N ARG A 103 -13.37 14.65 -8.61
CA ARG A 103 -14.55 15.13 -7.88
C ARG A 103 -14.39 16.59 -7.43
N ARG A 104 -13.17 17.01 -7.10
CA ARG A 104 -12.80 18.39 -6.75
C ARG A 104 -13.15 19.39 -7.86
N ARG A 105 -13.07 18.99 -9.14
CA ARG A 105 -13.45 19.82 -10.29
C ARG A 105 -14.91 20.26 -10.28
N GLY A 106 -15.79 19.57 -9.55
CA GLY A 106 -17.19 19.91 -9.33
C GLY A 106 -17.47 20.49 -7.93
N LEU A 107 -16.83 19.93 -6.89
CA LEU A 107 -17.01 20.30 -5.49
C LEU A 107 -16.26 21.59 -5.07
N GLN A 108 -14.93 21.64 -5.22
CA GLN A 108 -14.08 22.78 -4.89
C GLN A 108 -13.26 23.25 -6.13
N PRO A 109 -13.92 23.80 -7.17
CA PRO A 109 -13.26 24.19 -8.41
C PRO A 109 -12.26 25.34 -8.19
N LYS A 110 -10.97 25.07 -8.43
CA LYS A 110 -9.85 26.04 -8.33
C LYS A 110 -9.67 26.92 -9.57
N LYS A 111 -10.61 26.86 -10.52
CA LYS A 111 -10.63 27.57 -11.81
C LYS A 111 -11.95 28.34 -12.02
N MET A 1 11.89 -5.06 14.76
CA MET A 1 11.47 -3.92 15.62
C MET A 1 11.78 -2.58 14.95
N PRO A 2 11.03 -1.50 15.27
CA PRO A 2 11.29 -0.16 14.73
C PRO A 2 12.64 0.40 15.21
N GLU A 3 13.30 1.17 14.34
CA GLU A 3 14.55 1.89 14.61
C GLU A 3 14.61 3.22 13.82
N ARG A 4 15.47 4.16 14.27
CA ARG A 4 15.73 5.46 13.64
C ARG A 4 17.15 5.52 13.05
N LEU A 5 18.14 5.51 13.93
CA LEU A 5 19.57 5.56 13.61
C LEU A 5 20.00 4.33 12.78
N GLN A 6 20.13 4.50 11.46
CA GLN A 6 20.57 3.45 10.53
C GLN A 6 21.94 2.87 10.89
N ARG A 7 22.16 1.59 10.58
CA ARG A 7 23.36 0.80 10.89
C ARG A 7 24.12 0.42 9.62
N ARG A 8 25.42 0.12 9.74
CA ARG A 8 26.30 -0.31 8.63
C ARG A 8 25.80 -1.57 7.90
N GLU A 9 25.04 -2.41 8.60
CA GLU A 9 24.38 -3.61 8.08
C GLU A 9 23.40 -3.31 6.93
N GLN A 10 22.92 -2.06 6.79
CA GLN A 10 22.07 -1.64 5.66
C GLN A 10 22.78 -1.78 4.30
N GLU A 11 24.11 -1.72 4.29
CA GLU A 11 24.94 -1.94 3.10
C GLU A 11 25.02 -3.44 2.77
N ARG A 12 25.21 -4.29 3.80
CA ARG A 12 25.19 -5.76 3.68
C ARG A 12 23.80 -6.31 3.31
N GLN A 13 22.75 -5.52 3.43
CA GLN A 13 21.39 -5.87 3.02
C GLN A 13 21.32 -6.20 1.51
N LEU A 14 22.22 -5.64 0.69
CA LEU A 14 22.35 -5.95 -0.74
C LEU A 14 22.79 -7.40 -1.01
N GLU A 15 23.41 -8.06 -0.03
CA GLU A 15 23.80 -9.49 -0.10
C GLU A 15 22.65 -10.41 0.34
N VAL A 16 21.72 -9.92 1.16
CA VAL A 16 20.55 -10.67 1.67
C VAL A 16 19.62 -11.10 0.53
N GLU A 17 19.61 -10.40 -0.62
CA GLU A 17 18.84 -10.78 -1.82
C GLU A 17 19.17 -12.18 -2.36
N ARG A 18 20.39 -12.64 -2.12
CA ARG A 18 20.89 -13.98 -2.45
C ARG A 18 20.29 -15.03 -1.52
N ARG A 19 20.43 -14.84 -0.20
CA ARG A 19 19.89 -15.75 0.84
C ARG A 19 18.35 -15.78 0.86
N LYS A 20 17.68 -14.69 0.45
CA LYS A 20 16.21 -14.56 0.30
C LYS A 20 15.63 -15.53 -0.75
N GLN A 21 16.42 -15.96 -1.72
CA GLN A 21 16.03 -16.96 -2.74
C GLN A 21 16.06 -18.41 -2.20
N LYS A 22 16.79 -18.66 -1.11
CA LYS A 22 16.87 -19.95 -0.41
C LYS A 22 15.78 -20.05 0.66
N ARG A 23 15.53 -21.28 1.13
CA ARG A 23 14.53 -21.66 2.15
C ARG A 23 15.03 -21.42 3.60
N GLN A 24 15.91 -20.43 3.79
CA GLN A 24 16.53 -20.09 5.06
C GLN A 24 15.51 -19.52 6.07
N ASN A 25 15.89 -19.40 7.36
CA ASN A 25 15.01 -18.81 8.39
C ASN A 25 14.62 -17.34 8.09
N GLN A 26 15.42 -16.63 7.29
CA GLN A 26 15.12 -15.25 6.83
C GLN A 26 13.90 -15.14 5.91
N GLU A 27 13.48 -16.25 5.31
CA GLU A 27 12.26 -16.31 4.49
C GLU A 27 10.97 -16.17 5.33
N VAL A 28 11.04 -16.52 6.62
CA VAL A 28 9.93 -16.43 7.57
C VAL A 28 9.60 -14.99 7.96
N GLU A 29 10.60 -14.11 7.96
CA GLU A 29 10.39 -12.67 8.22
C GLU A 29 9.47 -12.01 7.19
N LYS A 30 9.45 -12.53 5.97
CA LYS A 30 8.61 -12.10 4.86
C LYS A 30 7.12 -12.31 5.08
N GLU A 31 6.73 -13.18 6.02
CA GLU A 31 5.31 -13.41 6.38
C GLU A 31 4.62 -12.14 6.90
N ASN A 32 5.38 -11.22 7.49
CA ASN A 32 4.87 -9.91 7.94
C ASN A 32 4.44 -9.00 6.77
N SER A 33 4.80 -9.28 5.52
CA SER A 33 4.34 -8.50 4.35
C SER A 33 2.82 -8.62 4.17
N HIS A 34 2.22 -9.78 4.50
CA HIS A 34 0.77 -9.99 4.48
C HIS A 34 0.05 -9.02 5.43
N PHE A 35 0.62 -8.74 6.60
CA PHE A 35 0.07 -7.75 7.53
C PHE A 35 -0.04 -6.37 6.88
N PHE A 36 1.03 -5.89 6.23
CA PHE A 36 1.03 -4.63 5.49
C PHE A 36 -0.11 -4.57 4.47
N VAL A 37 -0.22 -5.57 3.58
CA VAL A 37 -1.30 -5.61 2.58
C VAL A 37 -2.68 -5.50 3.23
N ALA A 38 -2.87 -6.13 4.40
CA ALA A 38 -4.11 -6.02 5.19
C ALA A 38 -4.37 -4.59 5.70
N THR A 39 -3.45 -4.03 6.50
CA THR A 39 -3.58 -2.68 7.09
C THR A 39 -3.69 -1.58 6.01
N PHE A 40 -2.92 -1.70 4.93
CA PHE A 40 -2.96 -0.82 3.76
C PHE A 40 -4.31 -0.88 3.03
N ALA A 41 -4.84 -2.08 2.77
CA ALA A 41 -6.16 -2.27 2.17
C ALA A 41 -7.28 -1.64 3.03
N ARG A 42 -7.26 -1.85 4.35
CA ARG A 42 -8.24 -1.26 5.28
C ARG A 42 -8.26 0.28 5.22
N GLU A 43 -7.09 0.90 5.15
CA GLU A 43 -6.95 2.35 5.01
C GLU A 43 -7.38 2.86 3.63
N ARG A 44 -6.89 2.26 2.52
CA ARG A 44 -7.18 2.71 1.15
C ARG A 44 -8.68 2.59 0.81
N ALA A 45 -9.31 1.51 1.28
CA ALA A 45 -10.74 1.27 1.12
C ALA A 45 -11.59 2.39 1.78
N ALA A 46 -11.16 2.92 2.93
CA ALA A 46 -11.82 4.05 3.57
C ALA A 46 -11.81 5.30 2.68
N VAL A 47 -10.67 5.62 2.04
CA VAL A 47 -10.53 6.73 1.07
C VAL A 47 -11.43 6.55 -0.15
N GLU A 48 -11.45 5.34 -0.71
CA GLU A 48 -12.26 4.98 -1.87
C GLU A 48 -13.77 5.10 -1.58
N GLU A 49 -14.21 4.66 -0.39
CA GLU A 49 -15.61 4.82 0.07
C GLU A 49 -15.94 6.26 0.46
N LEU A 50 -14.95 7.07 0.86
CA LEU A 50 -15.12 8.49 1.20
C LEU A 50 -15.74 9.27 0.03
N LEU A 51 -15.30 8.99 -1.20
CA LEU A 51 -15.85 9.56 -2.43
C LEU A 51 -17.32 9.21 -2.69
N GLU A 52 -17.79 8.03 -2.27
CA GLU A 52 -19.20 7.64 -2.37
C GLU A 52 -20.10 8.40 -1.39
N ARG A 53 -19.57 8.85 -0.23
CA ARG A 53 -20.26 9.64 0.79
C ARG A 53 -20.03 11.16 0.66
N ALA A 54 -18.98 11.60 -0.03
CA ALA A 54 -18.64 13.00 -0.24
C ALA A 54 -19.68 13.75 -1.12
N GLU A 55 -20.64 14.40 -0.46
CA GLU A 55 -21.69 15.24 -1.06
C GLU A 55 -21.16 16.63 -1.45
N SER A 56 -20.19 17.16 -0.70
CA SER A 56 -19.55 18.47 -0.90
C SER A 56 -18.04 18.42 -0.62
N VAL A 57 -17.32 19.51 -0.94
CA VAL A 57 -15.87 19.67 -0.70
C VAL A 57 -15.50 19.48 0.79
N GLU A 58 -16.42 19.77 1.71
CA GLU A 58 -16.28 19.55 3.17
C GLU A 58 -15.81 18.13 3.52
N ARG A 59 -16.45 17.08 2.97
CA ARG A 59 -16.02 15.68 3.15
C ARG A 59 -14.88 15.27 2.21
N LEU A 60 -14.75 15.93 1.06
CA LEU A 60 -13.64 15.72 0.12
C LEU A 60 -12.27 16.00 0.77
N GLU A 61 -12.17 17.01 1.63
CA GLU A 61 -10.94 17.30 2.39
C GLU A 61 -10.52 16.13 3.30
N GLU A 62 -11.45 15.44 3.98
CA GLU A 62 -11.13 14.29 4.83
C GLU A 62 -10.51 13.13 4.03
N ALA A 63 -11.01 12.84 2.82
CA ALA A 63 -10.45 11.83 1.93
C ALA A 63 -8.95 12.06 1.65
N ALA A 64 -8.57 13.32 1.35
CA ALA A 64 -7.17 13.71 1.16
C ALA A 64 -6.32 13.60 2.45
N SER A 65 -6.93 13.60 3.63
CA SER A 65 -6.26 13.38 4.93
C SER A 65 -6.06 11.88 5.20
N ARG A 66 -7.05 11.05 4.87
CA ARG A 66 -6.96 9.58 4.98
C ARG A 66 -5.79 9.04 4.16
N LEU A 67 -5.64 9.48 2.90
CA LEU A 67 -4.53 9.04 2.03
C LEU A 67 -3.16 9.56 2.51
N GLN A 68 -3.09 10.74 3.12
CA GLN A 68 -1.85 11.29 3.71
C GLN A 68 -1.32 10.46 4.92
N GLY A 69 -2.18 9.65 5.54
CA GLY A 69 -1.82 8.73 6.62
C GLY A 69 -1.32 7.37 6.10
N LEU A 70 -1.62 7.02 4.84
CA LEU A 70 -1.11 5.80 4.21
C LEU A 70 0.39 5.92 3.91
N GLN A 71 0.86 7.05 3.40
CA GLN A 71 2.28 7.21 3.03
C GLN A 71 3.21 6.94 4.23
N LYS A 72 2.77 7.33 5.43
CA LYS A 72 3.42 7.08 6.73
C LYS A 72 3.57 5.60 7.09
N LEU A 73 2.60 4.74 6.76
CA LEU A 73 2.66 3.29 6.94
C LEU A 73 3.84 2.69 6.16
N ILE A 74 3.94 2.97 4.86
CA ILE A 74 5.10 2.51 4.05
C ILE A 74 6.39 3.17 4.54
N ASN A 75 6.40 4.49 4.77
CA ASN A 75 7.59 5.24 5.19
C ASN A 75 8.26 4.66 6.46
N ASP A 76 7.49 4.06 7.37
CA ASP A 76 8.02 3.37 8.55
C ASP A 76 8.74 2.04 8.22
N SER A 77 8.11 1.19 7.40
CA SER A 77 8.59 -0.16 7.01
C SER A 77 9.18 -0.22 5.59
N VAL A 78 9.68 0.90 5.08
CA VAL A 78 10.18 1.05 3.69
C VAL A 78 11.37 0.13 3.38
N PHE A 79 12.32 0.01 4.30
CA PHE A 79 13.46 -0.90 4.18
C PHE A 79 13.10 -2.36 4.49
N PHE A 80 11.85 -2.62 4.89
CA PHE A 80 11.31 -3.96 5.16
C PHE A 80 10.53 -4.51 3.96
N LEU A 81 9.62 -3.70 3.39
CA LEU A 81 8.83 -4.06 2.20
C LEU A 81 9.74 -4.33 0.98
N ALA A 82 9.38 -5.36 0.20
CA ALA A 82 10.06 -5.69 -1.05
C ALA A 82 9.98 -4.53 -2.05
N ALA A 83 10.94 -4.42 -2.97
CA ALA A 83 10.96 -3.41 -4.03
C ALA A 83 9.64 -3.34 -4.82
N TYR A 84 8.99 -4.49 -5.01
CA TYR A 84 7.67 -4.64 -5.64
C TYR A 84 6.57 -4.03 -4.77
N ASP A 85 6.37 -4.56 -3.56
CA ASP A 85 5.32 -4.17 -2.61
C ASP A 85 5.38 -2.69 -2.22
N LEU A 86 6.60 -2.14 -2.16
CA LEU A 86 6.87 -0.73 -1.91
C LEU A 86 6.24 0.13 -3.02
N ARG A 87 6.68 -0.08 -4.27
CA ARG A 87 6.13 0.62 -5.45
C ARG A 87 4.63 0.39 -5.64
N GLN A 88 4.16 -0.80 -5.29
CA GLN A 88 2.73 -1.16 -5.30
C GLN A 88 1.92 -0.27 -4.33
N GLY A 89 2.35 -0.13 -3.07
CA GLY A 89 1.71 0.72 -2.07
C GLY A 89 1.75 2.20 -2.44
N GLN A 90 2.92 2.74 -2.80
CA GLN A 90 3.04 4.14 -3.20
C GLN A 90 2.16 4.50 -4.43
N GLU A 91 2.05 3.62 -5.45
CA GLU A 91 1.16 3.88 -6.59
C GLU A 91 -0.33 3.92 -6.21
N ALA A 92 -0.74 3.09 -5.25
CA ALA A 92 -2.13 3.01 -4.79
C ALA A 92 -2.63 4.36 -4.23
N LEU A 93 -1.86 5.09 -3.42
CA LEU A 93 -2.26 6.43 -2.95
C LEU A 93 -2.59 7.37 -4.12
N ALA A 94 -1.74 7.37 -5.15
CA ALA A 94 -1.92 8.19 -6.36
C ALA A 94 -3.18 7.78 -7.15
N ARG A 95 -3.49 6.48 -7.15
CA ARG A 95 -4.66 5.90 -7.80
C ARG A 95 -5.96 6.48 -7.23
N LEU A 96 -6.05 6.63 -5.90
CA LEU A 96 -7.17 7.26 -5.20
C LEU A 96 -7.18 8.79 -5.37
N GLN A 97 -6.01 9.44 -5.32
CA GLN A 97 -5.83 10.88 -5.58
C GLN A 97 -6.41 11.33 -6.93
N ALA A 98 -6.31 10.51 -7.98
CA ALA A 98 -6.88 10.82 -9.29
C ALA A 98 -8.41 10.99 -9.23
N ALA A 99 -9.12 10.06 -8.58
CA ALA A 99 -10.56 10.17 -8.38
C ALA A 99 -10.92 11.41 -7.54
N LEU A 100 -10.08 11.79 -6.56
CA LEU A 100 -10.23 13.01 -5.76
C LEU A 100 -10.17 14.25 -6.66
N ALA A 101 -9.13 14.39 -7.49
CA ALA A 101 -8.99 15.50 -8.43
C ALA A 101 -10.15 15.57 -9.44
N GLU A 102 -10.56 14.44 -10.01
CA GLU A 102 -11.71 14.38 -10.93
C GLU A 102 -13.03 14.82 -10.27
N ARG A 103 -13.33 14.34 -9.05
CA ARG A 103 -14.50 14.76 -8.26
C ARG A 103 -14.44 16.23 -7.84
N ARG A 104 -13.26 16.74 -7.46
CA ARG A 104 -13.05 18.15 -7.08
C ARG A 104 -13.51 19.13 -8.18
N ARG A 105 -13.24 18.84 -9.46
CA ARG A 105 -13.67 19.65 -10.62
C ARG A 105 -15.19 19.85 -10.73
N GLY A 106 -15.97 18.85 -10.30
CA GLY A 106 -17.44 18.91 -10.27
C GLY A 106 -18.01 19.52 -8.98
N LEU A 107 -17.27 19.42 -7.87
CA LEU A 107 -17.64 19.92 -6.54
C LEU A 107 -17.25 21.41 -6.34
N GLN A 108 -15.96 21.72 -6.25
CA GLN A 108 -15.43 23.08 -6.08
C GLN A 108 -15.58 23.90 -7.38
N PRO A 109 -16.11 25.14 -7.34
CA PRO A 109 -16.19 26.02 -8.52
C PRO A 109 -14.78 26.45 -9.00
N LYS A 110 -14.32 25.85 -10.10
CA LYS A 110 -13.03 26.12 -10.78
C LYS A 110 -13.27 26.49 -12.26
N LYS A 111 -12.64 27.57 -12.71
CA LYS A 111 -12.68 28.09 -14.09
C LYS A 111 -11.77 27.27 -15.02
N MET A 1 -10.97 -13.09 -5.45
CA MET A 1 -10.66 -14.54 -5.54
C MET A 1 -11.36 -15.30 -4.39
N PRO A 2 -12.66 -15.67 -4.55
CA PRO A 2 -13.44 -16.37 -3.52
C PRO A 2 -13.09 -17.87 -3.42
N GLU A 3 -11.96 -18.18 -2.78
CA GLU A 3 -11.54 -19.56 -2.51
C GLU A 3 -12.49 -20.25 -1.51
N ARG A 4 -12.94 -21.47 -1.85
CA ARG A 4 -13.86 -22.30 -1.04
C ARG A 4 -13.27 -23.69 -0.79
N LEU A 5 -13.27 -24.13 0.46
CA LEU A 5 -12.84 -25.48 0.87
C LEU A 5 -13.72 -26.57 0.22
N GLN A 6 -13.08 -27.64 -0.27
CA GLN A 6 -13.76 -28.82 -0.82
C GLN A 6 -13.97 -29.93 0.23
N ARG A 7 -13.27 -29.85 1.37
CA ARG A 7 -13.18 -30.84 2.44
C ARG A 7 -13.24 -30.16 3.83
N ARG A 8 -14.30 -30.44 4.59
CA ARG A 8 -14.47 -29.93 5.98
C ARG A 8 -13.46 -30.52 6.97
N GLU A 9 -12.92 -31.71 6.70
CA GLU A 9 -11.94 -32.40 7.55
C GLU A 9 -10.65 -31.58 7.75
N GLN A 10 -10.31 -30.68 6.83
CA GLN A 10 -9.16 -29.78 6.97
C GLN A 10 -9.27 -28.88 8.23
N GLU A 11 -10.49 -28.50 8.63
CA GLU A 11 -10.73 -27.69 9.83
C GLU A 11 -10.25 -28.40 11.11
N ARG A 12 -10.56 -29.70 11.26
CA ARG A 12 -10.11 -30.52 12.40
C ARG A 12 -8.65 -30.96 12.29
N GLN A 13 -8.17 -31.14 11.05
CA GLN A 13 -6.78 -31.46 10.74
C GLN A 13 -5.79 -30.36 11.18
N LEU A 14 -6.20 -29.08 11.14
CA LEU A 14 -5.37 -27.93 11.56
C LEU A 14 -4.83 -28.03 12.99
N GLU A 15 -5.50 -28.79 13.86
CA GLU A 15 -5.07 -29.09 15.23
C GLU A 15 -3.72 -29.83 15.27
N VAL A 16 -3.58 -30.89 14.48
CA VAL A 16 -2.34 -31.67 14.33
C VAL A 16 -1.38 -31.01 13.33
N GLU A 17 -1.90 -30.28 12.33
CA GLU A 17 -1.10 -29.52 11.35
C GLU A 17 -0.17 -28.48 12.01
N ARG A 18 -0.51 -28.07 13.23
CA ARG A 18 0.29 -27.17 14.07
C ARG A 18 1.66 -27.79 14.38
N ARG A 19 1.72 -29.09 14.67
CA ARG A 19 2.97 -29.85 14.87
C ARG A 19 3.81 -29.93 13.59
N LYS A 20 3.19 -29.86 12.41
CA LYS A 20 3.88 -29.81 11.10
C LYS A 20 4.48 -28.41 10.84
N GLN A 21 3.79 -27.35 11.28
CA GLN A 21 4.15 -25.93 11.11
C GLN A 21 5.05 -25.33 12.21
N LYS A 22 5.18 -25.98 13.37
CA LYS A 22 6.07 -25.57 14.48
C LYS A 22 7.56 -25.56 14.07
N ARG A 23 7.93 -26.46 13.16
CA ARG A 23 9.26 -26.58 12.56
C ARG A 23 9.54 -25.39 11.62
N GLN A 24 10.79 -24.92 11.62
CA GLN A 24 11.27 -23.68 10.98
C GLN A 24 10.34 -22.47 11.16
N ASN A 25 10.24 -21.96 12.39
CA ASN A 25 9.49 -20.74 12.69
C ASN A 25 10.07 -19.49 12.00
N GLN A 26 11.29 -19.57 11.45
CA GLN A 26 11.96 -18.48 10.73
C GLN A 26 11.25 -18.06 9.43
N GLU A 27 10.42 -18.94 8.89
CA GLU A 27 9.57 -18.70 7.72
C GLU A 27 8.32 -17.88 8.04
N VAL A 28 7.91 -17.87 9.31
CA VAL A 28 6.75 -17.11 9.82
C VAL A 28 6.97 -15.60 9.70
N GLU A 29 8.24 -15.14 9.62
CA GLU A 29 8.59 -13.73 9.40
C GLU A 29 8.03 -13.15 8.09
N LYS A 30 7.68 -14.02 7.13
CA LYS A 30 7.04 -13.64 5.86
C LYS A 30 5.65 -12.99 6.07
N GLU A 31 5.02 -13.26 7.22
CA GLU A 31 3.74 -12.68 7.65
C GLU A 31 3.82 -11.16 7.88
N ASN A 32 5.02 -10.62 8.18
CA ASN A 32 5.21 -9.19 8.41
C ASN A 32 4.85 -8.36 7.17
N SER A 33 5.11 -8.90 5.96
CA SER A 33 4.73 -8.29 4.68
C SER A 33 3.21 -8.42 4.43
N HIS A 34 2.60 -9.54 4.83
CA HIS A 34 1.14 -9.75 4.76
C HIS A 34 0.36 -8.78 5.67
N PHE A 35 0.85 -8.52 6.88
CA PHE A 35 0.25 -7.54 7.80
C PHE A 35 0.09 -6.17 7.15
N PHE A 36 1.14 -5.68 6.48
CA PHE A 36 1.09 -4.43 5.71
C PHE A 36 -0.05 -4.44 4.68
N VAL A 37 -0.11 -5.45 3.82
CA VAL A 37 -1.18 -5.57 2.80
C VAL A 37 -2.58 -5.51 3.45
N ALA A 38 -2.76 -6.16 4.61
CA ALA A 38 -4.02 -6.13 5.36
C ALA A 38 -4.37 -4.71 5.88
N THR A 39 -3.49 -4.07 6.66
CA THR A 39 -3.71 -2.73 7.20
C THR A 39 -3.87 -1.66 6.09
N PHE A 40 -3.08 -1.76 5.02
CA PHE A 40 -3.16 -0.91 3.83
C PHE A 40 -4.51 -1.07 3.10
N ALA A 41 -4.97 -2.31 2.89
CA ALA A 41 -6.28 -2.61 2.30
C ALA A 41 -7.46 -2.04 3.10
N ARG A 42 -7.42 -2.13 4.43
CA ARG A 42 -8.44 -1.52 5.31
C ARG A 42 -8.50 0.00 5.18
N GLU A 43 -7.35 0.67 5.12
CA GLU A 43 -7.26 2.12 4.96
C GLU A 43 -7.70 2.58 3.56
N ARG A 44 -7.14 2.00 2.47
CA ARG A 44 -7.50 2.38 1.08
C ARG A 44 -9.01 2.23 0.82
N ALA A 45 -9.62 1.17 1.33
CA ALA A 45 -11.06 0.90 1.20
C ALA A 45 -11.91 2.01 1.83
N ALA A 46 -11.56 2.47 3.03
CA ALA A 46 -12.20 3.60 3.69
C ALA A 46 -12.13 4.87 2.83
N VAL A 47 -10.94 5.22 2.31
CA VAL A 47 -10.75 6.39 1.43
C VAL A 47 -11.60 6.28 0.17
N GLU A 48 -11.54 5.14 -0.52
CA GLU A 48 -12.27 4.86 -1.77
C GLU A 48 -13.79 5.01 -1.58
N GLU A 49 -14.32 4.59 -0.42
CA GLU A 49 -15.74 4.78 -0.07
C GLU A 49 -16.06 6.26 0.22
N LEU A 50 -15.18 6.95 0.95
CA LEU A 50 -15.35 8.35 1.37
C LEU A 50 -15.37 9.29 0.15
N LEU A 51 -14.40 9.16 -0.76
CA LEU A 51 -14.31 9.98 -1.98
C LEU A 51 -15.52 9.79 -2.92
N GLU A 52 -16.10 8.59 -2.97
CA GLU A 52 -17.31 8.30 -3.74
C GLU A 52 -18.57 8.92 -3.09
N ARG A 53 -18.65 8.90 -1.76
CA ARG A 53 -19.73 9.51 -0.95
C ARG A 53 -19.55 11.02 -0.69
N ALA A 54 -18.57 11.68 -1.32
CA ALA A 54 -18.27 13.11 -1.16
C ALA A 54 -19.39 14.03 -1.72
N GLU A 55 -20.42 14.30 -0.91
CA GLU A 55 -21.53 15.21 -1.23
C GLU A 55 -21.12 16.69 -1.30
N SER A 56 -20.16 17.10 -0.46
CA SER A 56 -19.65 18.49 -0.33
C SER A 56 -18.13 18.51 -0.14
N VAL A 57 -17.52 19.70 -0.28
CA VAL A 57 -16.07 19.94 -0.09
C VAL A 57 -15.57 19.47 1.29
N GLU A 58 -16.40 19.60 2.32
CA GLU A 58 -16.15 19.11 3.69
C GLU A 58 -15.80 17.61 3.74
N ARG A 59 -16.48 16.79 2.94
CA ARG A 59 -16.19 15.35 2.80
C ARG A 59 -14.92 15.10 1.98
N LEU A 60 -14.72 15.85 0.89
CA LEU A 60 -13.54 15.74 0.03
C LEU A 60 -12.23 16.01 0.80
N GLU A 61 -12.19 17.06 1.63
CA GLU A 61 -11.04 17.36 2.49
C GLU A 61 -10.71 16.22 3.46
N GLU A 62 -11.73 15.52 3.97
CA GLU A 62 -11.53 14.34 4.83
C GLU A 62 -10.86 13.19 4.05
N ALA A 63 -11.40 12.80 2.88
CA ALA A 63 -10.81 11.79 2.02
C ALA A 63 -9.34 12.08 1.64
N ALA A 64 -9.01 13.34 1.30
CA ALA A 64 -7.63 13.74 1.02
C ALA A 64 -6.68 13.63 2.23
N SER A 65 -7.21 13.59 3.46
CA SER A 65 -6.43 13.39 4.69
C SER A 65 -6.25 11.90 4.98
N ARG A 66 -7.27 11.07 4.70
CA ARG A 66 -7.18 9.60 4.84
C ARG A 66 -6.07 9.03 3.96
N LEU A 67 -5.94 9.49 2.71
CA LEU A 67 -4.87 9.05 1.81
C LEU A 67 -3.48 9.53 2.24
N GLN A 68 -3.37 10.72 2.86
CA GLN A 68 -2.11 11.26 3.39
C GLN A 68 -1.55 10.40 4.54
N GLY A 69 -2.44 9.78 5.33
CA GLY A 69 -2.08 8.85 6.41
C GLY A 69 -1.56 7.50 5.89
N LEU A 70 -1.99 7.06 4.71
CA LEU A 70 -1.48 5.84 4.07
C LEU A 70 0.00 5.97 3.68
N GLN A 71 0.46 7.13 3.22
CA GLN A 71 1.86 7.31 2.81
C GLN A 71 2.83 7.09 3.99
N LYS A 72 2.44 7.54 5.19
CA LYS A 72 3.15 7.36 6.46
C LYS A 72 3.29 5.88 6.89
N LEU A 73 2.33 5.01 6.59
CA LEU A 73 2.40 3.57 6.85
C LEU A 73 3.62 2.97 6.14
N ILE A 74 3.75 3.17 4.83
CA ILE A 74 4.91 2.68 4.07
C ILE A 74 6.20 3.41 4.45
N ASN A 75 6.16 4.73 4.66
CA ASN A 75 7.34 5.51 5.03
C ASN A 75 8.05 4.98 6.30
N ASP A 76 7.32 4.29 7.18
CA ASP A 76 7.89 3.63 8.37
C ASP A 76 8.63 2.32 8.04
N SER A 77 8.01 1.40 7.27
CA SER A 77 8.54 0.10 6.85
C SER A 77 9.19 0.11 5.45
N VAL A 78 9.59 1.26 4.92
CA VAL A 78 10.12 1.43 3.55
C VAL A 78 11.36 0.57 3.27
N PHE A 79 12.30 0.51 4.20
CA PHE A 79 13.52 -0.31 4.12
C PHE A 79 13.25 -1.81 4.38
N PHE A 80 12.03 -2.15 4.79
CA PHE A 80 11.59 -3.53 5.04
C PHE A 80 10.86 -4.11 3.82
N LEU A 81 9.91 -3.36 3.25
CA LEU A 81 9.15 -3.75 2.06
C LEU A 81 10.06 -3.94 0.84
N ALA A 82 9.87 -5.05 0.12
CA ALA A 82 10.58 -5.32 -1.14
C ALA A 82 10.23 -4.27 -2.20
N ALA A 83 11.09 -4.08 -3.22
CA ALA A 83 10.83 -3.16 -4.33
C ALA A 83 9.47 -3.40 -5.02
N TYR A 84 9.03 -4.66 -5.07
CA TYR A 84 7.73 -5.10 -5.58
C TYR A 84 6.58 -4.48 -4.78
N ASP A 85 6.53 -4.77 -3.47
CA ASP A 85 5.48 -4.34 -2.55
C ASP A 85 5.47 -2.82 -2.32
N LEU A 86 6.66 -2.22 -2.28
CA LEU A 86 6.86 -0.78 -2.18
C LEU A 86 6.21 -0.05 -3.36
N ARG A 87 6.48 -0.49 -4.60
CA ARG A 87 5.82 0.07 -5.79
C ARG A 87 4.32 -0.18 -5.83
N GLN A 88 3.88 -1.33 -5.32
CA GLN A 88 2.44 -1.69 -5.23
C GLN A 88 1.67 -0.73 -4.30
N GLY A 89 2.14 -0.52 -3.06
CA GLY A 89 1.50 0.38 -2.10
C GLY A 89 1.47 1.83 -2.57
N GLN A 90 2.58 2.34 -3.10
CA GLN A 90 2.64 3.72 -3.60
C GLN A 90 1.76 3.96 -4.84
N GLU A 91 1.60 2.98 -5.75
CA GLU A 91 0.68 3.11 -6.89
C GLU A 91 -0.80 3.24 -6.49
N ALA A 92 -1.19 2.52 -5.44
CA ALA A 92 -2.53 2.55 -4.89
C ALA A 92 -2.91 3.94 -4.36
N LEU A 93 -2.03 4.65 -3.63
CA LEU A 93 -2.31 6.03 -3.20
C LEU A 93 -2.66 6.93 -4.38
N ALA A 94 -1.89 6.82 -5.47
CA ALA A 94 -2.10 7.61 -6.70
C ALA A 94 -3.47 7.33 -7.34
N ARG A 95 -3.89 6.05 -7.32
CA ARG A 95 -5.18 5.59 -7.84
C ARG A 95 -6.36 6.29 -7.14
N LEU A 96 -6.31 6.40 -5.81
CA LEU A 96 -7.28 7.12 -5.00
C LEU A 96 -7.16 8.66 -5.17
N GLN A 97 -5.93 9.19 -5.19
CA GLN A 97 -5.64 10.61 -5.44
C GLN A 97 -6.23 11.12 -6.76
N ALA A 98 -6.20 10.31 -7.82
CA ALA A 98 -6.81 10.66 -9.10
C ALA A 98 -8.32 10.91 -8.98
N ALA A 99 -9.08 9.98 -8.40
CA ALA A 99 -10.50 10.19 -8.15
C ALA A 99 -10.77 11.45 -7.30
N LEU A 100 -9.96 11.69 -6.26
CA LEU A 100 -10.01 12.88 -5.41
C LEU A 100 -9.79 14.16 -6.26
N ALA A 101 -8.71 14.22 -7.05
CA ALA A 101 -8.36 15.36 -7.89
C ALA A 101 -9.32 15.59 -9.07
N GLU A 102 -10.09 14.58 -9.47
CA GLU A 102 -11.13 14.66 -10.51
C GLU A 102 -12.46 15.15 -9.92
N ARG A 103 -12.85 14.67 -8.72
CA ARG A 103 -14.03 15.13 -7.97
C ARG A 103 -13.99 16.61 -7.60
N ARG A 104 -12.80 17.20 -7.41
CA ARG A 104 -12.64 18.64 -7.09
C ARG A 104 -13.34 19.55 -8.09
N ARG A 105 -13.30 19.21 -9.38
CA ARG A 105 -13.97 19.93 -10.49
C ARG A 105 -15.48 20.12 -10.29
N GLY A 106 -16.13 19.26 -9.49
CA GLY A 106 -17.54 19.33 -9.10
C GLY A 106 -17.81 19.79 -7.66
N LEU A 107 -16.75 20.01 -6.86
CA LEU A 107 -16.81 20.37 -5.43
C LEU A 107 -16.00 21.64 -5.12
N GLN A 108 -14.66 21.57 -5.12
CA GLN A 108 -13.73 22.67 -4.96
C GLN A 108 -12.89 22.87 -6.25
N PRO A 109 -13.45 23.52 -7.29
CA PRO A 109 -12.75 23.80 -8.55
C PRO A 109 -11.74 24.94 -8.37
N LYS A 110 -10.56 24.60 -7.83
CA LYS A 110 -9.43 25.50 -7.58
C LYS A 110 -8.11 24.91 -8.11
N LYS A 111 -7.23 25.78 -8.62
CA LYS A 111 -5.92 25.49 -9.21
C LYS A 111 -4.90 24.96 -8.19
N MET A 1 35.13 -15.67 -9.36
CA MET A 1 33.90 -14.84 -9.49
C MET A 1 33.93 -13.67 -8.48
N PRO A 2 34.56 -12.54 -8.81
CA PRO A 2 34.64 -11.37 -7.92
C PRO A 2 33.30 -10.61 -7.84
N GLU A 3 33.12 -9.82 -6.77
CA GLU A 3 31.94 -8.95 -6.58
C GLU A 3 32.01 -7.68 -7.45
N ARG A 4 31.75 -7.83 -8.76
CA ARG A 4 31.65 -6.74 -9.73
C ARG A 4 30.41 -5.86 -9.52
N LEU A 5 30.43 -4.67 -10.12
CA LEU A 5 29.36 -3.67 -10.11
C LEU A 5 28.54 -3.67 -11.42
N GLN A 6 29.21 -3.79 -12.57
CA GLN A 6 28.56 -3.90 -13.88
C GLN A 6 27.83 -5.26 -13.99
N ARG A 7 26.59 -5.22 -14.51
CA ARG A 7 25.66 -6.37 -14.65
C ARG A 7 25.40 -7.17 -13.37
N ARG A 8 25.69 -6.59 -12.19
CA ARG A 8 25.47 -7.19 -10.86
C ARG A 8 24.00 -7.50 -10.59
N GLU A 9 23.10 -6.56 -10.88
CA GLU A 9 21.65 -6.73 -10.66
C GLU A 9 21.06 -7.87 -11.51
N GLN A 10 21.66 -8.20 -12.65
CA GLN A 10 21.26 -9.33 -13.50
C GLN A 10 21.59 -10.70 -12.85
N GLU A 11 22.57 -10.77 -11.93
CA GLU A 11 22.89 -12.00 -11.18
C GLU A 11 21.69 -12.44 -10.33
N ARG A 12 20.93 -11.46 -9.80
CA ARG A 12 19.74 -11.67 -8.95
C ARG A 12 18.64 -12.49 -9.65
N GLN A 13 18.64 -12.56 -10.98
CA GLN A 13 17.72 -13.36 -11.79
C GLN A 13 17.89 -14.87 -11.51
N LEU A 14 19.12 -15.37 -11.54
CA LEU A 14 19.44 -16.77 -11.22
C LEU A 14 19.54 -17.04 -9.71
N GLU A 15 19.79 -16.00 -8.92
CA GLU A 15 19.81 -16.07 -7.44
C GLU A 15 18.46 -16.52 -6.86
N VAL A 16 17.34 -16.28 -7.55
CA VAL A 16 16.00 -16.74 -7.15
C VAL A 16 15.98 -18.28 -7.03
N GLU A 17 16.66 -18.99 -7.92
CA GLU A 17 16.80 -20.47 -7.88
C GLU A 17 17.56 -20.96 -6.65
N ARG A 18 18.44 -20.11 -6.11
CA ARG A 18 19.20 -20.36 -4.87
C ARG A 18 18.29 -20.21 -3.64
N ARG A 19 17.36 -19.25 -3.65
CA ARG A 19 16.35 -19.06 -2.58
C ARG A 19 15.25 -20.14 -2.65
N LYS A 20 14.97 -20.69 -3.84
CA LYS A 20 13.96 -21.75 -4.05
C LYS A 20 14.43 -23.16 -3.65
N GLN A 21 15.71 -23.47 -3.81
CA GLN A 21 16.30 -24.77 -3.45
C GLN A 21 16.59 -24.95 -1.95
N LYS A 22 16.87 -23.85 -1.24
CA LYS A 22 17.07 -23.78 0.22
C LYS A 22 15.72 -23.80 0.98
N ARG A 23 15.79 -23.73 2.32
CA ARG A 23 14.61 -23.64 3.22
C ARG A 23 13.65 -22.52 2.79
N GLN A 24 12.34 -22.70 3.03
CA GLN A 24 11.30 -21.72 2.69
C GLN A 24 11.26 -20.53 3.66
N ASN A 25 12.30 -19.70 3.63
CA ASN A 25 12.37 -18.46 4.42
C ASN A 25 11.29 -17.44 3.99
N GLN A 26 10.79 -17.53 2.74
CA GLN A 26 9.78 -16.61 2.19
C GLN A 26 8.41 -16.73 2.88
N GLU A 27 8.13 -17.91 3.41
CA GLU A 27 6.93 -18.25 4.15
C GLU A 27 6.86 -17.61 5.54
N VAL A 28 8.04 -17.41 6.15
CA VAL A 28 8.19 -16.70 7.44
C VAL A 28 7.86 -15.22 7.28
N GLU A 29 8.27 -14.63 6.16
CA GLU A 29 7.96 -13.24 5.84
C GLU A 29 6.47 -13.00 5.57
N LYS A 30 5.73 -14.03 5.16
CA LYS A 30 4.29 -13.98 4.92
C LYS A 30 3.47 -13.64 6.18
N GLU A 31 4.05 -13.78 7.37
CA GLU A 31 3.42 -13.39 8.65
C GLU A 31 3.49 -11.88 8.91
N ASN A 32 4.52 -11.20 8.39
CA ASN A 32 4.78 -9.77 8.60
C ASN A 32 4.46 -8.91 7.35
N SER A 33 4.73 -9.37 6.13
CA SER A 33 4.36 -8.68 4.89
C SER A 33 2.83 -8.64 4.71
N HIS A 34 2.13 -9.73 5.08
CA HIS A 34 0.67 -9.79 5.06
C HIS A 34 0.02 -8.77 6.01
N PHE A 35 0.61 -8.49 7.18
CA PHE A 35 0.10 -7.46 8.09
C PHE A 35 -0.01 -6.11 7.38
N PHE A 36 1.04 -5.72 6.65
CA PHE A 36 1.04 -4.50 5.83
C PHE A 36 -0.04 -4.55 4.75
N VAL A 37 -0.04 -5.58 3.89
CA VAL A 37 -1.03 -5.69 2.80
C VAL A 37 -2.47 -5.67 3.35
N ALA A 38 -2.71 -6.32 4.49
CA ALA A 38 -3.99 -6.33 5.18
C ALA A 38 -4.42 -4.91 5.62
N THR A 39 -3.61 -4.26 6.46
CA THR A 39 -3.91 -2.92 6.98
C THR A 39 -3.98 -1.87 5.85
N PHE A 40 -3.09 -1.93 4.85
CA PHE A 40 -3.09 -1.07 3.67
C PHE A 40 -4.36 -1.25 2.81
N ALA A 41 -4.74 -2.49 2.49
CA ALA A 41 -5.95 -2.80 1.71
C ALA A 41 -7.23 -2.27 2.39
N ARG A 42 -7.36 -2.45 3.70
CA ARG A 42 -8.49 -1.89 4.48
C ARG A 42 -8.46 -0.36 4.56
N GLU A 43 -7.28 0.24 4.72
CA GLU A 43 -7.12 1.70 4.76
C GLU A 43 -7.50 2.32 3.41
N ARG A 44 -6.92 1.86 2.29
CA ARG A 44 -7.24 2.37 0.94
C ARG A 44 -8.74 2.33 0.67
N ALA A 45 -9.39 1.25 1.09
CA ALA A 45 -10.83 1.02 0.91
C ALA A 45 -11.69 1.99 1.73
N ALA A 46 -11.33 2.23 3.00
CA ALA A 46 -12.02 3.21 3.85
C ALA A 46 -11.97 4.63 3.24
N VAL A 47 -10.83 5.04 2.67
CA VAL A 47 -10.71 6.32 1.97
C VAL A 47 -11.56 6.34 0.69
N GLU A 48 -11.50 5.28 -0.11
CA GLU A 48 -12.27 5.15 -1.35
C GLU A 48 -13.79 5.22 -1.09
N GLU A 49 -14.28 4.59 -0.02
CA GLU A 49 -15.70 4.58 0.37
C GLU A 49 -16.21 5.97 0.83
N LEU A 50 -15.32 6.85 1.27
CA LEU A 50 -15.66 8.24 1.65
C LEU A 50 -16.14 9.02 0.41
N LEU A 51 -15.54 8.77 -0.76
CA LEU A 51 -15.85 9.42 -2.04
C LEU A 51 -17.31 9.23 -2.48
N GLU A 52 -17.89 8.05 -2.24
CA GLU A 52 -19.31 7.77 -2.50
C GLU A 52 -20.26 8.60 -1.63
N ARG A 53 -19.80 9.06 -0.46
CA ARG A 53 -20.54 9.90 0.49
C ARG A 53 -20.12 11.38 0.43
N ALA A 54 -19.09 11.72 -0.34
CA ALA A 54 -18.58 13.08 -0.55
C ALA A 54 -19.42 13.87 -1.58
N GLU A 55 -20.59 14.36 -1.14
CA GLU A 55 -21.49 15.22 -1.92
C GLU A 55 -21.08 16.71 -1.90
N SER A 56 -20.13 17.09 -1.04
CA SER A 56 -19.61 18.45 -0.85
C SER A 56 -18.07 18.46 -0.89
N VAL A 57 -17.50 19.58 -1.33
CA VAL A 57 -16.04 19.81 -1.42
C VAL A 57 -15.35 19.64 -0.06
N GLU A 58 -16.05 20.01 1.02
CA GLU A 58 -15.53 19.92 2.40
C GLU A 58 -15.26 18.47 2.85
N ARG A 59 -16.11 17.51 2.45
CA ARG A 59 -15.93 16.08 2.74
C ARG A 59 -14.74 15.49 1.99
N LEU A 60 -14.49 16.01 0.79
CA LEU A 60 -13.36 15.65 -0.06
C LEU A 60 -12.01 15.97 0.61
N GLU A 61 -11.89 17.12 1.27
CA GLU A 61 -10.68 17.52 2.01
C GLU A 61 -10.31 16.49 3.10
N GLU A 62 -11.29 15.91 3.79
CA GLU A 62 -11.09 14.86 4.80
C GLU A 62 -10.50 13.59 4.18
N ALA A 63 -11.06 13.12 3.06
CA ALA A 63 -10.53 11.97 2.31
C ALA A 63 -9.07 12.18 1.88
N ALA A 64 -8.71 13.39 1.45
CA ALA A 64 -7.33 13.75 1.10
C ALA A 64 -6.36 13.66 2.28
N SER A 65 -6.81 13.79 3.52
CA SER A 65 -5.96 13.63 4.72
C SER A 65 -5.76 12.17 5.07
N ARG A 66 -6.80 11.33 4.90
CA ARG A 66 -6.71 9.88 5.11
C ARG A 66 -5.67 9.24 4.18
N LEU A 67 -5.69 9.59 2.89
CA LEU A 67 -4.70 9.08 1.92
C LEU A 67 -3.28 9.60 2.21
N GLN A 68 -3.13 10.83 2.70
CA GLN A 68 -1.82 11.39 3.11
C GLN A 68 -1.19 10.61 4.29
N GLY A 69 -2.03 10.01 5.14
CA GLY A 69 -1.62 9.16 6.27
C GLY A 69 -1.17 7.75 5.84
N LEU A 70 -1.66 7.23 4.71
CA LEU A 70 -1.21 5.93 4.17
C LEU A 70 0.28 5.91 3.81
N GLN A 71 0.91 7.04 3.47
CA GLN A 71 2.34 7.13 3.15
C GLN A 71 3.20 6.74 4.36
N LYS A 72 2.81 7.16 5.56
CA LYS A 72 3.53 6.91 6.82
C LYS A 72 3.60 5.42 7.16
N LEU A 73 2.59 4.63 6.78
CA LEU A 73 2.56 3.18 6.94
C LEU A 73 3.72 2.51 6.20
N ILE A 74 3.87 2.76 4.89
CA ILE A 74 5.00 2.24 4.11
C ILE A 74 6.32 2.81 4.64
N ASN A 75 6.40 4.11 4.95
CA ASN A 75 7.60 4.75 5.49
C ASN A 75 8.20 4.03 6.72
N ASP A 76 7.39 3.37 7.54
CA ASP A 76 7.86 2.59 8.68
C ASP A 76 8.55 1.27 8.27
N SER A 77 7.96 0.51 7.35
CA SER A 77 8.45 -0.77 6.82
C SER A 77 9.17 -0.66 5.45
N VAL A 78 9.59 0.54 5.05
CA VAL A 78 10.15 0.83 3.71
C VAL A 78 11.42 0.03 3.38
N PHE A 79 12.31 -0.16 4.36
CA PHE A 79 13.53 -0.96 4.24
C PHE A 79 13.25 -2.47 4.28
N PHE A 80 12.00 -2.85 4.54
CA PHE A 80 11.54 -4.25 4.64
C PHE A 80 10.80 -4.67 3.35
N LEU A 81 9.86 -3.84 2.89
CA LEU A 81 9.12 -4.05 1.65
C LEU A 81 10.07 -4.01 0.44
N ALA A 82 10.00 -5.04 -0.42
CA ALA A 82 10.77 -5.09 -1.66
C ALA A 82 10.43 -3.92 -2.62
N ALA A 83 11.29 -3.63 -3.59
CA ALA A 83 11.05 -2.62 -4.63
C ALA A 83 9.75 -2.84 -5.41
N TYR A 84 9.23 -4.06 -5.43
CA TYR A 84 7.94 -4.43 -6.02
C TYR A 84 6.78 -3.87 -5.18
N ASP A 85 6.69 -4.29 -3.91
CA ASP A 85 5.60 -3.95 -2.97
C ASP A 85 5.63 -2.47 -2.55
N LEU A 86 6.84 -1.92 -2.35
CA LEU A 86 7.09 -0.51 -2.05
C LEU A 86 6.47 0.38 -3.13
N ARG A 87 6.83 0.14 -4.40
CA ARG A 87 6.28 0.89 -5.54
C ARG A 87 4.77 0.67 -5.75
N GLN A 88 4.28 -0.51 -5.42
CA GLN A 88 2.85 -0.84 -5.47
C GLN A 88 2.02 -0.03 -4.46
N GLY A 89 2.40 -0.04 -3.16
CA GLY A 89 1.71 0.72 -2.12
C GLY A 89 1.76 2.23 -2.36
N GLN A 90 2.93 2.75 -2.73
CA GLN A 90 3.10 4.17 -3.07
C GLN A 90 2.23 4.61 -4.26
N GLU A 91 2.08 3.80 -5.31
CA GLU A 91 1.17 4.11 -6.44
C GLU A 91 -0.32 4.04 -6.09
N ALA A 92 -0.69 3.17 -5.16
CA ALA A 92 -2.07 3.04 -4.71
C ALA A 92 -2.60 4.33 -4.06
N LEU A 93 -1.79 5.08 -3.29
CA LEU A 93 -2.20 6.38 -2.73
C LEU A 93 -2.67 7.34 -3.84
N ALA A 94 -1.90 7.40 -4.93
CA ALA A 94 -2.21 8.21 -6.10
C ALA A 94 -3.53 7.78 -6.75
N ARG A 95 -3.81 6.47 -6.80
CA ARG A 95 -5.06 5.93 -7.34
C ARG A 95 -6.29 6.49 -6.62
N LEU A 96 -6.24 6.60 -5.29
CA LEU A 96 -7.27 7.20 -4.45
C LEU A 96 -7.32 8.72 -4.69
N GLN A 97 -6.17 9.39 -4.65
CA GLN A 97 -6.02 10.84 -4.82
C GLN A 97 -6.59 11.35 -6.16
N ALA A 98 -6.38 10.59 -7.25
CA ALA A 98 -6.91 10.90 -8.57
C ALA A 98 -8.44 11.05 -8.60
N ALA A 99 -9.17 10.26 -7.80
CA ALA A 99 -10.62 10.39 -7.67
C ALA A 99 -11.05 11.75 -7.11
N LEU A 100 -10.36 12.25 -6.07
CA LEU A 100 -10.59 13.59 -5.52
C LEU A 100 -10.27 14.66 -6.56
N ALA A 101 -9.12 14.53 -7.22
CA ALA A 101 -8.67 15.51 -8.21
C ALA A 101 -9.64 15.66 -9.41
N GLU A 102 -10.52 14.68 -9.62
CA GLU A 102 -11.60 14.66 -10.62
C GLU A 102 -12.91 15.17 -10.01
N ARG A 103 -13.33 14.60 -8.87
CA ARG A 103 -14.55 14.97 -8.13
C ARG A 103 -14.58 16.46 -7.78
N ARG A 104 -13.47 17.03 -7.30
CA ARG A 104 -13.33 18.44 -6.89
C ARG A 104 -13.79 19.43 -7.97
N ARG A 105 -13.35 19.19 -9.21
CA ARG A 105 -13.66 19.92 -10.44
C ARG A 105 -15.14 19.78 -10.86
N GLY A 106 -15.78 18.66 -10.53
CA GLY A 106 -17.20 18.42 -10.77
C GLY A 106 -18.11 18.96 -9.64
N LEU A 107 -17.51 19.25 -8.47
CA LEU A 107 -18.16 19.76 -7.26
C LEU A 107 -18.20 21.31 -7.22
N GLN A 108 -17.04 21.98 -7.20
CA GLN A 108 -16.95 23.45 -7.19
C GLN A 108 -17.67 24.12 -8.40
N PRO A 109 -18.15 25.38 -8.26
CA PRO A 109 -18.88 26.10 -9.31
C PRO A 109 -17.97 26.46 -10.50
N LYS A 110 -18.23 25.84 -11.66
CA LYS A 110 -17.51 26.04 -12.93
C LYS A 110 -18.02 27.24 -13.76
N LYS A 111 -19.02 27.96 -13.24
CA LYS A 111 -19.69 29.14 -13.83
C LYS A 111 -18.73 30.34 -13.99
N MET A 1 11.58 -16.12 -4.82
CA MET A 1 11.83 -15.49 -6.15
C MET A 1 10.67 -14.57 -6.55
N PRO A 2 10.94 -13.49 -7.33
CA PRO A 2 9.88 -12.61 -7.86
C PRO A 2 8.99 -13.32 -8.90
N GLU A 3 7.80 -12.75 -9.16
CA GLU A 3 6.75 -13.35 -10.01
C GLU A 3 6.02 -12.31 -10.89
N ARG A 4 6.81 -11.45 -11.58
CA ARG A 4 6.33 -10.41 -12.51
C ARG A 4 5.41 -10.95 -13.61
N LEU A 5 5.87 -11.95 -14.37
CA LEU A 5 5.10 -12.61 -15.44
C LEU A 5 4.11 -13.63 -14.87
N GLN A 6 2.81 -13.40 -15.05
CA GLN A 6 1.75 -14.32 -14.64
C GLN A 6 1.82 -15.60 -15.48
N ARG A 7 1.85 -16.75 -14.82
CA ARG A 7 1.85 -18.09 -15.43
C ARG A 7 0.73 -18.98 -14.87
N ARG A 8 0.11 -19.82 -15.71
CA ARG A 8 -0.95 -20.78 -15.29
C ARG A 8 -0.39 -21.83 -14.30
N GLU A 9 0.92 -22.05 -14.29
CA GLU A 9 1.58 -23.00 -13.38
C GLU A 9 1.39 -22.53 -11.91
N GLN A 10 1.21 -21.23 -11.64
CA GLN A 10 0.99 -20.70 -10.29
C GLN A 10 -0.27 -21.29 -9.63
N GLU A 11 -1.32 -21.55 -10.42
CA GLU A 11 -2.53 -22.23 -9.95
C GLU A 11 -2.23 -23.67 -9.52
N ARG A 12 -1.49 -24.43 -10.33
CA ARG A 12 -1.06 -25.81 -10.00
C ARG A 12 -0.07 -25.87 -8.84
N GLN A 13 0.78 -24.84 -8.67
CA GLN A 13 1.77 -24.76 -7.60
C GLN A 13 1.13 -24.84 -6.22
N LEU A 14 -0.14 -24.41 -6.06
CA LEU A 14 -0.86 -24.48 -4.79
C LEU A 14 -0.99 -25.90 -4.25
N GLU A 15 -0.85 -26.93 -5.12
CA GLU A 15 -0.82 -28.34 -4.75
C GLU A 15 0.44 -28.71 -3.98
N VAL A 16 1.64 -28.40 -4.50
CA VAL A 16 2.91 -28.64 -3.81
C VAL A 16 3.12 -27.65 -2.65
N GLU A 17 2.57 -26.44 -2.73
CA GLU A 17 2.59 -25.36 -1.70
C GLU A 17 2.04 -25.89 -0.34
N ARG A 18 1.17 -26.93 -0.38
CA ARG A 18 0.44 -27.37 0.79
C ARG A 18 1.56 -28.06 1.70
N ARG A 19 2.63 -28.69 1.12
CA ARG A 19 3.68 -29.30 1.89
C ARG A 19 4.48 -28.26 2.53
N LYS A 20 4.50 -26.99 1.99
CA LYS A 20 5.30 -25.87 2.49
C LYS A 20 4.82 -25.48 3.82
N GLN A 21 3.47 -25.56 4.03
CA GLN A 21 2.78 -25.28 5.30
C GLN A 21 3.14 -26.25 6.43
N LYS A 22 3.72 -27.43 6.10
CA LYS A 22 4.20 -28.46 7.05
C LYS A 22 5.68 -28.27 7.43
N ARG A 23 6.41 -27.34 6.79
CA ARG A 23 7.80 -26.97 7.10
C ARG A 23 7.89 -26.22 8.43
N GLN A 24 9.12 -25.92 8.88
CA GLN A 24 9.41 -25.23 10.12
C GLN A 24 8.81 -23.81 10.16
N ASN A 25 8.46 -23.32 11.35
CA ASN A 25 7.84 -22.00 11.58
C ASN A 25 8.72 -20.78 11.21
N GLN A 26 9.97 -20.98 10.80
CA GLN A 26 10.89 -19.92 10.35
C GLN A 26 10.40 -19.11 9.14
N GLU A 27 9.50 -19.69 8.35
CA GLU A 27 8.85 -19.00 7.22
C GLU A 27 7.74 -18.02 7.61
N VAL A 28 7.24 -18.11 8.85
CA VAL A 28 6.16 -17.25 9.40
C VAL A 28 6.61 -15.77 9.45
N GLU A 29 7.92 -15.53 9.45
CA GLU A 29 8.48 -14.15 9.48
C GLU A 29 8.07 -13.35 8.21
N LYS A 30 7.75 -14.05 7.12
CA LYS A 30 7.27 -13.50 5.84
C LYS A 30 5.82 -13.02 5.89
N GLU A 31 5.02 -13.53 6.85
CA GLU A 31 3.62 -13.16 7.06
C GLU A 31 3.45 -11.68 7.44
N ASN A 32 4.51 -11.02 7.93
CA ASN A 32 4.45 -9.62 8.32
C ASN A 32 4.17 -8.75 7.07
N SER A 33 4.50 -9.25 5.85
CA SER A 33 4.20 -8.60 4.57
C SER A 33 2.69 -8.67 4.28
N HIS A 34 2.03 -9.80 4.60
CA HIS A 34 0.57 -10.00 4.46
C HIS A 34 -0.16 -8.97 5.33
N PHE A 35 0.33 -8.73 6.56
CA PHE A 35 -0.32 -7.79 7.50
C PHE A 35 -0.31 -6.37 6.86
N PHE A 36 0.80 -5.94 6.25
CA PHE A 36 0.86 -4.66 5.52
C PHE A 36 -0.21 -4.58 4.44
N VAL A 37 -0.27 -5.58 3.53
CA VAL A 37 -1.27 -5.63 2.45
C VAL A 37 -2.69 -5.50 3.01
N ALA A 38 -2.98 -6.17 4.12
CA ALA A 38 -4.28 -6.10 4.80
C ALA A 38 -4.59 -4.68 5.31
N THR A 39 -3.72 -4.10 6.14
CA THR A 39 -3.91 -2.75 6.72
C THR A 39 -3.92 -1.65 5.65
N PHE A 40 -3.08 -1.76 4.62
CA PHE A 40 -3.01 -0.85 3.47
C PHE A 40 -4.33 -0.92 2.65
N ALA A 41 -4.81 -2.13 2.33
CA ALA A 41 -6.09 -2.34 1.65
C ALA A 41 -7.27 -1.74 2.43
N ARG A 42 -7.29 -1.92 3.76
CA ARG A 42 -8.34 -1.38 4.64
C ARG A 42 -8.38 0.15 4.63
N GLU A 43 -7.22 0.79 4.65
CA GLU A 43 -7.07 2.25 4.58
C GLU A 43 -7.47 2.80 3.21
N ARG A 44 -6.86 2.30 2.11
CA ARG A 44 -7.16 2.79 0.75
C ARG A 44 -8.64 2.68 0.41
N ALA A 45 -9.28 1.58 0.81
CA ALA A 45 -10.70 1.32 0.62
C ALA A 45 -11.56 2.37 1.33
N ALA A 46 -11.23 2.74 2.56
CA ALA A 46 -11.95 3.78 3.31
C ALA A 46 -11.86 5.16 2.59
N VAL A 47 -10.69 5.55 2.06
CA VAL A 47 -10.56 6.79 1.27
C VAL A 47 -11.38 6.74 -0.02
N GLU A 48 -11.33 5.61 -0.73
CA GLU A 48 -12.05 5.40 -1.98
C GLU A 48 -13.58 5.42 -1.77
N GLU A 49 -14.08 4.83 -0.68
CA GLU A 49 -15.50 4.84 -0.29
C GLU A 49 -15.96 6.20 0.29
N LEU A 50 -15.07 7.00 0.86
CA LEU A 50 -15.36 8.35 1.36
C LEU A 50 -15.84 9.27 0.21
N LEU A 51 -15.33 9.08 -1.01
CA LEU A 51 -15.78 9.81 -2.23
C LEU A 51 -17.26 9.56 -2.56
N GLU A 52 -17.79 8.34 -2.32
CA GLU A 52 -19.19 8.02 -2.53
C GLU A 52 -20.14 8.73 -1.55
N ARG A 53 -19.70 8.96 -0.30
CA ARG A 53 -20.45 9.68 0.72
C ARG A 53 -20.29 11.16 0.60
N ALA A 54 -19.14 11.66 0.10
CA ALA A 54 -18.75 13.07 0.03
C ALA A 54 -19.72 13.95 -0.81
N GLU A 55 -20.75 14.48 -0.15
CA GLU A 55 -21.81 15.30 -0.75
C GLU A 55 -21.33 16.74 -1.08
N SER A 56 -20.31 17.23 -0.37
CA SER A 56 -19.68 18.54 -0.58
C SER A 56 -18.15 18.48 -0.42
N VAL A 57 -17.48 19.61 -0.71
CA VAL A 57 -16.02 19.76 -0.55
C VAL A 57 -15.58 19.54 0.90
N GLU A 58 -16.44 19.77 1.92
CA GLU A 58 -16.09 19.58 3.32
C GLU A 58 -15.61 18.16 3.65
N ARG A 59 -16.20 17.13 3.04
CA ARG A 59 -15.77 15.73 3.11
C ARG A 59 -14.63 15.38 2.22
N LEU A 60 -14.51 16.09 1.06
CA LEU A 60 -13.42 15.98 0.10
C LEU A 60 -12.08 16.41 0.72
N GLU A 61 -12.07 17.43 1.59
CA GLU A 61 -10.85 17.89 2.29
C GLU A 61 -10.27 16.76 3.18
N GLU A 62 -11.12 16.03 3.90
CA GLU A 62 -10.72 14.88 4.73
C GLU A 62 -10.13 13.73 3.91
N ALA A 63 -10.65 13.45 2.71
CA ALA A 63 -10.11 12.38 1.86
C ALA A 63 -8.62 12.57 1.52
N ALA A 64 -8.18 13.82 1.25
CA ALA A 64 -6.76 14.14 1.04
C ALA A 64 -5.89 13.99 2.28
N SER A 65 -6.46 14.06 3.48
CA SER A 65 -5.77 13.82 4.75
C SER A 65 -5.63 12.33 5.06
N ARG A 66 -6.68 11.54 4.76
CA ARG A 66 -6.62 10.07 4.86
C ARG A 66 -5.53 9.45 3.98
N LEU A 67 -5.43 9.87 2.72
CA LEU A 67 -4.39 9.36 1.80
C LEU A 67 -2.97 9.78 2.21
N GLN A 68 -2.80 10.94 2.84
CA GLN A 68 -1.50 11.39 3.39
C GLN A 68 -0.99 10.51 4.54
N GLY A 69 -1.90 9.94 5.33
CA GLY A 69 -1.60 8.98 6.40
C GLY A 69 -1.23 7.58 5.90
N LEU A 70 -1.61 7.21 4.67
CA LEU A 70 -1.18 5.94 4.06
C LEU A 70 0.32 5.92 3.77
N GLN A 71 0.93 7.05 3.40
CA GLN A 71 2.36 7.10 3.10
C GLN A 71 3.21 6.77 4.35
N LYS A 72 2.77 7.23 5.52
CA LYS A 72 3.40 6.96 6.82
C LYS A 72 3.48 5.47 7.17
N LEU A 73 2.51 4.66 6.75
CA LEU A 73 2.51 3.21 6.93
C LEU A 73 3.69 2.57 6.23
N ILE A 74 3.90 2.89 4.94
CA ILE A 74 5.06 2.39 4.18
C ILE A 74 6.35 3.00 4.72
N ASN A 75 6.39 4.30 5.00
CA ASN A 75 7.58 5.00 5.50
C ASN A 75 8.16 4.35 6.77
N ASP A 76 7.31 3.77 7.62
CA ASP A 76 7.73 3.07 8.84
C ASP A 76 8.45 1.72 8.51
N SER A 77 7.84 0.90 7.64
CA SER A 77 8.34 -0.44 7.24
C SER A 77 9.03 -0.45 5.87
N VAL A 78 9.56 0.69 5.41
CA VAL A 78 10.11 0.87 4.05
C VAL A 78 11.29 -0.05 3.75
N PHE A 79 12.22 -0.20 4.68
CA PHE A 79 13.38 -1.09 4.57
C PHE A 79 13.00 -2.57 4.78
N PHE A 80 11.76 -2.83 5.17
CA PHE A 80 11.22 -4.19 5.38
C PHE A 80 10.49 -4.71 4.14
N LEU A 81 9.63 -3.88 3.54
CA LEU A 81 8.93 -4.19 2.28
C LEU A 81 9.92 -4.40 1.12
N ALA A 82 9.67 -5.43 0.31
CA ALA A 82 10.44 -5.70 -0.90
C ALA A 82 10.31 -4.53 -1.89
N ALA A 83 11.28 -4.39 -2.80
CA ALA A 83 11.22 -3.37 -3.86
C ALA A 83 9.95 -3.46 -4.73
N TYR A 84 9.39 -4.66 -4.88
CA TYR A 84 8.11 -4.92 -5.55
C TYR A 84 6.94 -4.29 -4.80
N ASP A 85 6.74 -4.69 -3.54
CA ASP A 85 5.62 -4.27 -2.69
C ASP A 85 5.68 -2.78 -2.31
N LEU A 86 6.88 -2.24 -2.11
CA LEU A 86 7.14 -0.83 -1.85
C LEU A 86 6.60 0.04 -2.98
N ARG A 87 6.97 -0.31 -4.23
CA ARG A 87 6.50 0.36 -5.46
C ARG A 87 5.00 0.21 -5.67
N GLN A 88 4.44 -0.94 -5.28
CA GLN A 88 3.01 -1.25 -5.38
C GLN A 88 2.20 -0.32 -4.43
N GLY A 89 2.59 -0.20 -3.15
CA GLY A 89 1.90 0.65 -2.16
C GLY A 89 1.98 2.14 -2.50
N GLN A 90 3.16 2.66 -2.83
CA GLN A 90 3.32 4.07 -3.21
C GLN A 90 2.52 4.46 -4.47
N GLU A 91 2.38 3.57 -5.46
CA GLU A 91 1.55 3.80 -6.65
C GLU A 91 0.06 3.93 -6.34
N ALA A 92 -0.43 3.10 -5.41
CA ALA A 92 -1.81 3.09 -4.99
C ALA A 92 -2.26 4.42 -4.37
N LEU A 93 -1.42 5.15 -3.61
CA LEU A 93 -1.80 6.47 -3.07
C LEU A 93 -2.16 7.44 -4.21
N ALA A 94 -1.34 7.41 -5.29
CA ALA A 94 -1.54 8.25 -6.48
C ALA A 94 -2.86 7.91 -7.21
N ARG A 95 -3.25 6.63 -7.16
CA ARG A 95 -4.51 6.15 -7.74
C ARG A 95 -5.73 6.83 -7.09
N LEU A 96 -5.72 6.97 -5.76
CA LEU A 96 -6.77 7.66 -5.01
C LEU A 96 -6.70 9.18 -5.18
N GLN A 97 -5.49 9.78 -5.29
CA GLN A 97 -5.27 11.19 -5.59
C GLN A 97 -6.04 11.62 -6.83
N ALA A 98 -6.00 10.79 -7.89
CA ALA A 98 -6.69 11.07 -9.15
C ALA A 98 -8.21 10.96 -8.97
N ALA A 99 -8.73 10.01 -8.15
CA ALA A 99 -10.15 9.88 -7.89
C ALA A 99 -10.74 11.10 -7.15
N LEU A 100 -9.93 11.77 -6.33
CA LEU A 100 -10.28 13.03 -5.66
C LEU A 100 -10.61 14.12 -6.66
N ALA A 101 -9.74 14.31 -7.66
CA ALA A 101 -9.92 15.26 -8.75
C ALA A 101 -11.19 15.02 -9.58
N GLU A 102 -11.59 13.76 -9.83
CA GLU A 102 -12.86 13.42 -10.55
C GLU A 102 -14.06 14.05 -9.82
N ARG A 103 -14.20 13.78 -8.51
CA ARG A 103 -15.33 14.29 -7.70
C ARG A 103 -15.17 15.83 -7.54
N ARG A 104 -13.94 16.34 -7.38
CA ARG A 104 -13.63 17.77 -7.27
C ARG A 104 -14.25 18.60 -8.39
N ARG A 105 -14.15 18.17 -9.66
CA ARG A 105 -14.71 18.93 -10.81
C ARG A 105 -16.21 19.23 -10.70
N GLY A 106 -16.97 18.34 -10.07
CA GLY A 106 -18.41 18.52 -9.80
C GLY A 106 -18.72 19.28 -8.50
N LEU A 107 -17.85 19.12 -7.49
CA LEU A 107 -17.97 19.74 -6.16
C LEU A 107 -17.46 21.19 -6.13
N GLN A 108 -16.14 21.38 -6.25
CA GLN A 108 -15.48 22.68 -6.27
C GLN A 108 -15.44 23.28 -7.70
N PRO A 109 -15.76 24.58 -7.87
CA PRO A 109 -15.70 25.23 -9.19
C PRO A 109 -14.22 25.38 -9.63
N LYS A 110 -13.98 25.35 -10.95
CA LYS A 110 -12.65 25.46 -11.56
C LYS A 110 -12.02 26.85 -11.31
N LYS A 111 -10.69 26.90 -11.19
CA LYS A 111 -9.88 28.08 -10.88
C LYS A 111 -8.71 28.25 -11.86
N MET A 1 19.90 0.13 -11.75
CA MET A 1 18.75 -0.59 -11.14
C MET A 1 17.60 -0.73 -12.16
N PRO A 2 17.65 -1.72 -13.07
CA PRO A 2 16.57 -1.99 -14.03
C PRO A 2 15.36 -2.65 -13.34
N GLU A 3 14.17 -2.50 -13.95
CA GLU A 3 12.87 -2.96 -13.42
C GLU A 3 12.00 -3.50 -14.57
N ARG A 4 11.41 -4.69 -14.37
CA ARG A 4 10.60 -5.44 -15.36
C ARG A 4 9.38 -6.11 -14.71
N LEU A 5 8.47 -6.64 -15.53
CA LEU A 5 7.30 -7.41 -15.09
C LEU A 5 7.72 -8.79 -14.53
N GLN A 6 6.79 -9.49 -13.89
CA GLN A 6 6.99 -10.84 -13.33
C GLN A 6 5.81 -11.77 -13.63
N ARG A 7 5.99 -13.08 -13.39
CA ARG A 7 5.00 -14.15 -13.61
C ARG A 7 4.46 -14.78 -12.31
N ARG A 8 4.70 -14.11 -11.17
CA ARG A 8 4.31 -14.51 -9.80
C ARG A 8 2.86 -14.96 -9.69
N GLU A 9 1.96 -14.41 -10.51
CA GLU A 9 0.54 -14.79 -10.60
C GLU A 9 0.35 -16.30 -10.89
N GLN A 10 1.01 -16.83 -11.93
CA GLN A 10 0.99 -18.26 -12.26
C GLN A 10 1.92 -19.07 -11.37
N GLU A 11 3.11 -18.55 -11.05
CA GLU A 11 4.09 -19.20 -10.17
C GLU A 11 3.53 -19.44 -8.75
N ARG A 12 2.56 -18.64 -8.29
CA ARG A 12 1.86 -18.82 -7.00
C ARG A 12 1.24 -20.20 -6.81
N GLN A 13 0.88 -20.87 -7.91
CA GLN A 13 0.32 -22.23 -7.92
C GLN A 13 1.35 -23.28 -7.49
N LEU A 14 2.61 -23.14 -7.94
CA LEU A 14 3.72 -24.05 -7.59
C LEU A 14 4.49 -23.59 -6.33
N GLU A 15 4.41 -22.30 -5.99
CA GLU A 15 5.04 -21.70 -4.81
C GLU A 15 4.61 -22.36 -3.49
N VAL A 16 3.36 -22.85 -3.40
CA VAL A 16 2.86 -23.59 -2.25
C VAL A 16 3.63 -24.90 -2.00
N GLU A 17 4.14 -25.53 -3.07
CA GLU A 17 5.00 -26.72 -2.99
C GLU A 17 6.45 -26.37 -2.65
N ARG A 18 6.89 -25.19 -3.09
CA ARG A 18 8.22 -24.63 -2.76
C ARG A 18 8.31 -24.30 -1.28
N ARG A 19 7.30 -23.67 -0.68
CA ARG A 19 7.21 -23.37 0.78
C ARG A 19 7.41 -24.60 1.67
N LYS A 20 7.07 -25.81 1.20
CA LYS A 20 7.32 -27.08 1.91
C LYS A 20 8.80 -27.46 1.96
N GLN A 21 9.57 -27.11 0.93
CA GLN A 21 11.01 -27.36 0.75
C GLN A 21 11.90 -26.11 0.95
N LYS A 22 11.33 -24.98 1.36
CA LYS A 22 12.04 -23.72 1.70
C LYS A 22 12.99 -23.94 2.90
N ARG A 23 13.69 -22.87 3.26
CA ARG A 23 14.59 -22.75 4.43
C ARG A 23 13.83 -23.05 5.74
N GLN A 24 14.55 -23.00 6.87
CA GLN A 24 14.00 -23.26 8.21
C GLN A 24 12.73 -22.44 8.48
N ASN A 25 11.87 -22.88 9.42
CA ASN A 25 10.66 -22.15 9.83
C ASN A 25 10.92 -20.69 10.26
N GLN A 26 12.17 -20.32 10.59
CA GLN A 26 12.58 -18.95 10.92
C GLN A 26 12.45 -17.97 9.74
N GLU A 27 12.50 -18.47 8.52
CA GLU A 27 12.29 -17.70 7.27
C GLU A 27 10.81 -17.44 6.94
N VAL A 28 9.89 -18.14 7.63
CA VAL A 28 8.44 -17.93 7.49
C VAL A 28 8.05 -16.51 7.93
N GLU A 29 8.87 -15.84 8.75
CA GLU A 29 8.68 -14.44 9.17
C GLU A 29 8.56 -13.46 8.00
N LYS A 30 9.11 -13.80 6.84
CA LYS A 30 9.00 -13.03 5.58
C LYS A 30 7.55 -12.86 5.11
N GLU A 31 6.64 -13.72 5.59
CA GLU A 31 5.20 -13.64 5.33
C GLU A 31 4.54 -12.39 5.92
N ASN A 32 5.23 -11.66 6.82
CA ASN A 32 4.75 -10.38 7.38
C ASN A 32 4.41 -9.36 6.26
N SER A 33 4.99 -9.49 5.06
CA SER A 33 4.66 -8.65 3.90
C SER A 33 3.18 -8.75 3.51
N HIS A 34 2.53 -9.90 3.75
CA HIS A 34 1.07 -10.06 3.51
C HIS A 34 0.25 -9.16 4.44
N PHE A 35 0.68 -9.00 5.70
CA PHE A 35 0.02 -8.13 6.68
C PHE A 35 -0.05 -6.70 6.17
N PHE A 36 1.05 -6.16 5.63
CA PHE A 36 1.08 -4.84 5.01
C PHE A 36 0.00 -4.67 3.93
N VAL A 37 -0.04 -5.56 2.93
CA VAL A 37 -1.05 -5.49 1.86
C VAL A 37 -2.47 -5.51 2.44
N ALA A 38 -2.70 -6.30 3.50
CA ALA A 38 -3.98 -6.35 4.21
C ALA A 38 -4.35 -5.01 4.89
N THR A 39 -3.50 -4.53 5.82
CA THR A 39 -3.73 -3.28 6.59
C THR A 39 -3.78 -2.04 5.68
N PHE A 40 -2.97 -2.01 4.62
CA PHE A 40 -2.97 -0.96 3.61
C PHE A 40 -4.31 -0.90 2.87
N ALA A 41 -4.74 -2.03 2.27
CA ALA A 41 -6.01 -2.12 1.55
C ALA A 41 -7.22 -1.81 2.45
N ARG A 42 -7.20 -2.26 3.72
CA ARG A 42 -8.21 -1.96 4.73
C ARG A 42 -8.36 -0.45 4.97
N GLU A 43 -7.23 0.26 5.06
CA GLU A 43 -7.19 1.72 5.20
C GLU A 43 -7.68 2.42 3.93
N ARG A 44 -7.08 2.17 2.76
CA ARG A 44 -7.48 2.83 1.50
C ARG A 44 -8.95 2.62 1.14
N ALA A 45 -9.51 1.44 1.44
CA ALA A 45 -10.92 1.11 1.21
C ALA A 45 -11.90 2.09 1.90
N ALA A 46 -11.64 2.46 3.16
CA ALA A 46 -12.43 3.46 3.88
C ALA A 46 -12.36 4.85 3.22
N VAL A 47 -11.17 5.28 2.79
CA VAL A 47 -10.96 6.56 2.07
C VAL A 47 -11.68 6.58 0.71
N GLU A 48 -11.66 5.45 0.00
CA GLU A 48 -12.35 5.26 -1.28
C GLU A 48 -13.88 5.41 -1.15
N GLU A 49 -14.44 5.07 0.02
CA GLU A 49 -15.87 5.26 0.32
C GLU A 49 -16.18 6.74 0.63
N LEU A 50 -15.30 7.42 1.37
CA LEU A 50 -15.41 8.85 1.72
C LEU A 50 -15.50 9.74 0.47
N LEU A 51 -14.55 9.63 -0.47
CA LEU A 51 -14.59 10.43 -1.70
C LEU A 51 -15.86 10.16 -2.53
N GLU A 52 -16.36 8.93 -2.57
CA GLU A 52 -17.61 8.57 -3.23
C GLU A 52 -18.86 9.17 -2.57
N ARG A 53 -18.82 9.40 -1.25
CA ARG A 53 -19.88 10.05 -0.48
C ARG A 53 -19.62 11.56 -0.24
N ALA A 54 -18.68 12.17 -0.97
CA ALA A 54 -18.39 13.60 -0.87
C ALA A 54 -19.54 14.49 -1.38
N GLU A 55 -20.54 14.73 -0.52
CA GLU A 55 -21.69 15.61 -0.77
C GLU A 55 -21.31 17.11 -0.83
N SER A 56 -20.16 17.46 -0.26
CA SER A 56 -19.59 18.82 -0.22
C SER A 56 -18.06 18.79 -0.36
N VAL A 57 -17.47 19.95 -0.65
CA VAL A 57 -16.01 20.16 -0.78
C VAL A 57 -15.23 19.81 0.51
N GLU A 58 -15.89 19.81 1.67
CA GLU A 58 -15.31 19.42 2.97
C GLU A 58 -14.77 17.97 2.94
N ARG A 59 -15.61 17.01 2.53
CA ARG A 59 -15.26 15.59 2.36
C ARG A 59 -14.17 15.40 1.31
N LEU A 60 -14.12 16.28 0.31
CA LEU A 60 -13.09 16.29 -0.72
C LEU A 60 -11.69 16.52 -0.09
N GLU A 61 -11.49 17.65 0.58
CA GLU A 61 -10.23 17.96 1.27
C GLU A 61 -9.89 16.94 2.37
N GLU A 62 -10.89 16.43 3.09
CA GLU A 62 -10.72 15.39 4.11
C GLU A 62 -10.15 14.08 3.53
N ALA A 63 -10.72 13.57 2.44
CA ALA A 63 -10.23 12.36 1.75
C ALA A 63 -8.73 12.45 1.39
N ALA A 64 -8.27 13.62 0.91
CA ALA A 64 -6.86 13.89 0.64
C ALA A 64 -5.95 13.87 1.88
N SER A 65 -6.50 14.07 3.08
CA SER A 65 -5.75 13.97 4.36
C SER A 65 -5.75 12.53 4.88
N ARG A 66 -6.83 11.77 4.66
CA ARG A 66 -6.88 10.33 5.03
C ARG A 66 -5.82 9.52 4.27
N LEU A 67 -5.64 9.76 2.97
CA LEU A 67 -4.60 9.09 2.17
C LEU A 67 -3.17 9.54 2.56
N GLN A 68 -2.97 10.79 2.99
CA GLN A 68 -1.65 11.28 3.43
C GLN A 68 -1.09 10.49 4.63
N GLY A 69 -1.97 9.94 5.46
CA GLY A 69 -1.61 9.06 6.59
C GLY A 69 -1.18 7.66 6.18
N LEU A 70 -1.65 7.14 5.03
CA LEU A 70 -1.22 5.84 4.48
C LEU A 70 0.26 5.81 4.10
N GLN A 71 0.85 6.94 3.72
CA GLN A 71 2.27 7.01 3.37
C GLN A 71 3.17 6.63 4.56
N LYS A 72 2.70 6.91 5.78
CA LYS A 72 3.38 6.62 7.05
C LYS A 72 3.49 5.13 7.36
N LEU A 73 2.52 4.31 6.93
CA LEU A 73 2.53 2.86 7.06
C LEU A 73 3.75 2.27 6.33
N ILE A 74 3.96 2.67 5.06
CA ILE A 74 5.15 2.25 4.31
C ILE A 74 6.41 2.86 4.94
N ASN A 75 6.42 4.17 5.25
CA ASN A 75 7.58 4.87 5.80
C ASN A 75 8.12 4.23 7.11
N ASP A 76 7.25 3.63 7.93
CA ASP A 76 7.63 2.89 9.14
C ASP A 76 8.42 1.61 8.82
N SER A 77 7.91 0.78 7.90
CA SER A 77 8.47 -0.53 7.51
C SER A 77 9.19 -0.47 6.15
N VAL A 78 9.74 0.69 5.75
CA VAL A 78 10.32 0.93 4.42
C VAL A 78 11.52 0.02 4.11
N PHE A 79 12.39 -0.20 5.09
CA PHE A 79 13.53 -1.12 5.00
C PHE A 79 13.11 -2.60 5.12
N PHE A 80 11.83 -2.86 5.38
CA PHE A 80 11.26 -4.21 5.52
C PHE A 80 10.54 -4.63 4.23
N LEU A 81 9.71 -3.75 3.67
CA LEU A 81 9.03 -3.94 2.40
C LEU A 81 10.01 -4.05 1.23
N ALA A 82 9.82 -5.05 0.38
CA ALA A 82 10.60 -5.24 -0.85
C ALA A 82 10.37 -4.07 -1.84
N ALA A 83 11.31 -3.84 -2.76
CA ALA A 83 11.17 -2.79 -3.79
C ALA A 83 9.86 -2.93 -4.60
N TYR A 84 9.47 -4.18 -4.87
CA TYR A 84 8.20 -4.55 -5.52
C TYR A 84 6.99 -4.13 -4.68
N ASP A 85 7.00 -4.44 -3.39
CA ASP A 85 5.90 -4.16 -2.45
C ASP A 85 5.74 -2.65 -2.17
N LEU A 86 6.87 -1.93 -2.06
CA LEU A 86 6.90 -0.48 -1.90
C LEU A 86 6.16 0.16 -3.08
N ARG A 87 6.56 -0.18 -4.30
CA ARG A 87 5.94 0.28 -5.56
C ARG A 87 4.48 -0.15 -5.74
N GLN A 88 4.05 -1.22 -5.08
CA GLN A 88 2.66 -1.69 -5.09
C GLN A 88 1.76 -0.82 -4.18
N GLY A 89 2.22 -0.42 -2.99
CA GLY A 89 1.46 0.42 -2.06
C GLY A 89 1.55 1.91 -2.37
N GLN A 90 2.75 2.43 -2.64
CA GLN A 90 2.96 3.86 -2.94
C GLN A 90 2.17 4.32 -4.18
N GLU A 91 2.04 3.49 -5.21
CA GLU A 91 1.22 3.78 -6.41
C GLU A 91 -0.27 3.94 -6.08
N ALA A 92 -0.74 3.20 -5.08
CA ALA A 92 -2.12 3.18 -4.66
C ALA A 92 -2.56 4.50 -3.98
N LEU A 93 -1.67 5.18 -3.25
CA LEU A 93 -1.97 6.51 -2.65
C LEU A 93 -2.34 7.52 -3.74
N ALA A 94 -1.53 7.55 -4.81
CA ALA A 94 -1.70 8.45 -5.95
C ALA A 94 -3.03 8.20 -6.68
N ARG A 95 -3.47 6.94 -6.68
CA ARG A 95 -4.75 6.50 -7.26
C ARG A 95 -5.93 7.18 -6.56
N LEU A 96 -5.92 7.23 -5.22
CA LEU A 96 -6.93 7.93 -4.41
C LEU A 96 -6.86 9.45 -4.64
N GLN A 97 -5.65 10.01 -4.73
CA GLN A 97 -5.42 11.44 -5.04
C GLN A 97 -6.09 11.84 -6.37
N ALA A 98 -5.94 11.03 -7.42
CA ALA A 98 -6.58 11.26 -8.73
C ALA A 98 -8.10 11.00 -8.71
N ALA A 99 -8.59 9.99 -7.99
CA ALA A 99 -10.03 9.71 -7.84
C ALA A 99 -10.79 10.92 -7.25
N LEU A 100 -10.12 11.69 -6.39
CA LEU A 100 -10.64 12.92 -5.81
C LEU A 100 -10.93 14.02 -6.84
N ALA A 101 -10.04 14.23 -7.81
CA ALA A 101 -10.24 15.19 -8.91
C ALA A 101 -11.50 14.88 -9.77
N GLU A 102 -11.93 13.62 -9.86
CA GLU A 102 -13.16 13.23 -10.55
C GLU A 102 -14.41 13.76 -9.82
N ARG A 103 -14.37 13.81 -8.47
CA ARG A 103 -15.42 14.38 -7.61
C ARG A 103 -15.40 15.91 -7.60
N ARG A 104 -14.20 16.52 -7.68
CA ARG A 104 -14.01 17.98 -7.80
C ARG A 104 -14.84 18.58 -8.95
N ARG A 105 -14.88 17.92 -10.11
CA ARG A 105 -15.65 18.33 -11.31
C ARG A 105 -17.17 18.51 -11.07
N GLY A 106 -17.75 17.79 -10.11
CA GLY A 106 -19.15 17.95 -9.71
C GLY A 106 -19.36 18.89 -8.52
N LEU A 107 -18.38 18.96 -7.60
CA LEU A 107 -18.39 19.80 -6.41
C LEU A 107 -17.97 21.26 -6.70
N GLN A 108 -16.69 21.52 -6.90
CA GLN A 108 -16.11 22.83 -7.26
C GLN A 108 -16.40 23.22 -8.73
N PRO A 109 -16.24 24.51 -9.09
CA PRO A 109 -16.38 24.98 -10.47
C PRO A 109 -15.18 24.56 -11.37
N LYS A 110 -15.40 24.62 -12.69
CA LYS A 110 -14.37 24.35 -13.71
C LYS A 110 -13.34 25.50 -13.81
N LYS A 111 -12.19 25.24 -14.44
CA LYS A 111 -11.14 26.23 -14.72
C LYS A 111 -11.53 27.15 -15.89
N MET A 1 15.06 -14.59 -27.88
CA MET A 1 14.87 -16.01 -28.27
C MET A 1 13.36 -16.34 -28.47
N PRO A 2 12.77 -15.98 -29.64
CA PRO A 2 11.35 -16.21 -29.92
C PRO A 2 11.04 -17.67 -30.26
N GLU A 3 10.61 -18.47 -29.27
CA GLU A 3 10.24 -19.87 -29.45
C GLU A 3 9.18 -20.32 -28.42
N ARG A 4 7.97 -20.67 -28.88
CA ARG A 4 6.81 -21.09 -28.06
C ARG A 4 6.33 -22.50 -28.45
N LEU A 5 6.48 -23.45 -27.53
CA LEU A 5 6.03 -24.85 -27.68
C LEU A 5 4.61 -25.02 -27.12
N GLN A 6 3.70 -25.57 -27.94
CA GLN A 6 2.28 -25.80 -27.63
C GLN A 6 1.93 -27.31 -27.58
N ARG A 7 2.94 -28.17 -27.37
CA ARG A 7 2.82 -29.64 -27.26
C ARG A 7 1.98 -30.05 -26.03
N ARG A 8 1.28 -31.18 -26.10
CA ARG A 8 0.51 -31.78 -25.00
C ARG A 8 1.37 -32.04 -23.74
N GLU A 9 2.67 -32.27 -23.92
CA GLU A 9 3.65 -32.45 -22.86
C GLU A 9 3.73 -31.22 -21.93
N GLN A 10 3.40 -30.02 -22.41
CA GLN A 10 3.35 -28.79 -21.61
C GLN A 10 2.38 -28.90 -20.41
N GLU A 11 1.42 -29.83 -20.42
CA GLU A 11 0.51 -30.08 -19.29
C GLU A 11 1.30 -30.50 -18.03
N ARG A 12 2.51 -31.07 -18.20
CA ARG A 12 3.44 -31.43 -17.11
C ARG A 12 3.90 -30.22 -16.30
N GLN A 13 3.70 -29.01 -16.81
CA GLN A 13 4.01 -27.76 -16.09
C GLN A 13 3.25 -27.68 -14.76
N LEU A 14 2.11 -28.38 -14.61
CA LEU A 14 1.35 -28.45 -13.35
C LEU A 14 2.16 -29.06 -12.19
N GLU A 15 3.21 -29.83 -12.51
CA GLU A 15 4.15 -30.41 -11.54
C GLU A 15 4.92 -29.31 -10.78
N VAL A 16 4.93 -28.07 -11.30
CA VAL A 16 5.53 -26.89 -10.64
C VAL A 16 4.87 -26.60 -9.29
N GLU A 17 3.60 -26.96 -9.09
CA GLU A 17 2.89 -26.81 -7.81
C GLU A 17 3.54 -27.58 -6.66
N ARG A 18 4.30 -28.63 -6.99
CA ARG A 18 5.09 -29.44 -6.05
C ARG A 18 6.35 -28.67 -5.61
N ARG A 19 7.15 -28.17 -6.56
CA ARG A 19 8.34 -27.33 -6.26
C ARG A 19 8.00 -25.95 -5.67
N LYS A 20 6.81 -25.39 -5.92
CA LYS A 20 6.33 -24.12 -5.34
C LYS A 20 6.34 -24.11 -3.81
N GLN A 21 6.11 -25.25 -3.16
CA GLN A 21 6.20 -25.39 -1.70
C GLN A 21 7.64 -25.65 -1.19
N LYS A 22 8.57 -26.03 -2.09
CA LYS A 22 10.01 -26.28 -1.86
C LYS A 22 10.89 -25.07 -2.19
N ARG A 23 10.30 -23.92 -2.54
CA ARG A 23 10.99 -22.63 -2.79
C ARG A 23 11.84 -22.22 -1.58
N GLN A 24 12.76 -21.29 -1.81
CA GLN A 24 13.74 -20.81 -0.82
C GLN A 24 13.06 -20.27 0.45
N ASN A 25 13.76 -20.22 1.59
CA ASN A 25 13.22 -19.68 2.85
C ASN A 25 12.70 -18.22 2.72
N GLN A 26 13.17 -17.49 1.70
CA GLN A 26 12.72 -16.14 1.35
C GLN A 26 11.24 -16.05 0.92
N GLU A 27 10.64 -17.17 0.55
CA GLU A 27 9.22 -17.26 0.19
C GLU A 27 8.28 -17.08 1.40
N VAL A 28 8.79 -17.37 2.59
CA VAL A 28 8.07 -17.21 3.87
C VAL A 28 7.94 -15.73 4.28
N GLU A 29 8.75 -14.84 3.69
CA GLU A 29 8.66 -13.39 3.95
C GLU A 29 7.32 -12.76 3.54
N LYS A 30 6.53 -13.45 2.70
CA LYS A 30 5.19 -13.02 2.31
C LYS A 30 4.20 -13.01 3.48
N GLU A 31 4.44 -13.81 4.52
CA GLU A 31 3.64 -13.85 5.75
C GLU A 31 3.65 -12.49 6.47
N ASN A 32 4.84 -11.92 6.67
CA ASN A 32 5.01 -10.61 7.29
C ASN A 32 4.53 -9.47 6.35
N SER A 33 4.83 -9.55 5.04
CA SER A 33 4.38 -8.54 4.06
C SER A 33 2.85 -8.48 3.94
N HIS A 34 2.14 -9.59 4.17
CA HIS A 34 0.67 -9.64 4.20
C HIS A 34 0.04 -8.72 5.26
N PHE A 35 0.71 -8.48 6.38
CA PHE A 35 0.27 -7.53 7.41
C PHE A 35 0.09 -6.12 6.83
N PHE A 36 1.12 -5.62 6.14
CA PHE A 36 1.09 -4.34 5.43
C PHE A 36 -0.03 -4.29 4.41
N VAL A 37 -0.09 -5.27 3.49
CA VAL A 37 -1.13 -5.31 2.45
C VAL A 37 -2.53 -5.27 3.07
N ALA A 38 -2.75 -5.94 4.21
CA ALA A 38 -4.01 -5.91 4.96
C ALA A 38 -4.34 -4.51 5.53
N THR A 39 -3.45 -3.91 6.33
CA THR A 39 -3.67 -2.59 6.92
C THR A 39 -3.78 -1.48 5.86
N PHE A 40 -2.97 -1.55 4.79
CA PHE A 40 -3.03 -0.65 3.64
C PHE A 40 -4.37 -0.80 2.88
N ALA A 41 -4.82 -2.04 2.63
CA ALA A 41 -6.11 -2.35 2.02
C ALA A 41 -7.32 -1.74 2.76
N ARG A 42 -7.37 -1.89 4.10
CA ARG A 42 -8.44 -1.30 4.91
C ARG A 42 -8.50 0.23 4.78
N GLU A 43 -7.34 0.89 4.86
CA GLU A 43 -7.24 2.33 4.72
C GLU A 43 -7.62 2.80 3.31
N ARG A 44 -7.00 2.27 2.25
CA ARG A 44 -7.29 2.66 0.85
C ARG A 44 -8.76 2.49 0.51
N ALA A 45 -9.37 1.38 0.96
CA ALA A 45 -10.79 1.07 0.73
C ALA A 45 -11.71 2.08 1.41
N ALA A 46 -11.43 2.48 2.65
CA ALA A 46 -12.17 3.51 3.36
C ALA A 46 -12.15 4.83 2.57
N VAL A 47 -10.97 5.27 2.08
CA VAL A 47 -10.85 6.47 1.22
C VAL A 47 -11.66 6.30 -0.07
N GLU A 48 -11.52 5.18 -0.76
CA GLU A 48 -12.20 4.90 -2.02
C GLU A 48 -13.74 4.95 -1.88
N GLU A 49 -14.27 4.53 -0.72
CA GLU A 49 -15.70 4.62 -0.41
C GLU A 49 -16.13 6.05 0.01
N LEU A 50 -15.25 6.79 0.69
CA LEU A 50 -15.48 8.16 1.15
C LEU A 50 -15.84 9.11 -0.01
N LEU A 51 -15.37 8.83 -1.23
CA LEU A 51 -15.69 9.56 -2.47
C LEU A 51 -17.19 9.57 -2.83
N GLU A 52 -17.96 8.55 -2.41
CA GLU A 52 -19.41 8.48 -2.57
C GLU A 52 -20.14 9.05 -1.35
N ARG A 53 -19.54 8.96 -0.15
CA ARG A 53 -20.06 9.55 1.10
C ARG A 53 -19.88 11.08 1.15
N ALA A 54 -18.89 11.62 0.43
CA ALA A 54 -18.63 13.05 0.27
C ALA A 54 -19.58 13.66 -0.78
N GLU A 55 -20.23 14.77 -0.41
CA GLU A 55 -21.15 15.54 -1.29
C GLU A 55 -20.76 17.03 -1.40
N SER A 56 -19.71 17.46 -0.71
CA SER A 56 -19.17 18.82 -0.64
C SER A 56 -17.63 18.82 -0.50
N VAL A 57 -17.00 19.97 -0.76
CA VAL A 57 -15.55 20.21 -0.57
C VAL A 57 -15.09 19.87 0.85
N GLU A 58 -15.94 20.12 1.85
CA GLU A 58 -15.69 19.86 3.28
C GLU A 58 -15.30 18.40 3.56
N ARG A 59 -16.13 17.42 3.16
CA ARG A 59 -15.82 15.99 3.28
C ARG A 59 -14.67 15.54 2.37
N LEU A 60 -14.51 16.18 1.21
CA LEU A 60 -13.41 15.90 0.28
C LEU A 60 -12.03 16.11 0.95
N GLU A 61 -11.87 17.17 1.74
CA GLU A 61 -10.65 17.44 2.52
C GLU A 61 -10.37 16.36 3.59
N GLU A 62 -11.41 15.81 4.23
CA GLU A 62 -11.26 14.72 5.21
C GLU A 62 -10.64 13.47 4.53
N ALA A 63 -11.19 13.04 3.39
CA ALA A 63 -10.65 11.95 2.58
C ALA A 63 -9.21 12.21 2.12
N ALA A 64 -8.87 13.45 1.78
CA ALA A 64 -7.51 13.84 1.40
C ALA A 64 -6.48 13.58 2.51
N SER A 65 -6.89 13.56 3.80
CA SER A 65 -6.01 13.22 4.93
C SER A 65 -5.83 11.71 5.05
N ARG A 66 -6.91 10.93 4.88
CA ARG A 66 -6.87 9.45 4.88
C ARG A 66 -5.93 8.91 3.81
N LEU A 67 -5.99 9.46 2.59
CA LEU A 67 -5.11 9.06 1.48
C LEU A 67 -3.65 9.51 1.69
N GLN A 68 -3.41 10.65 2.32
CA GLN A 68 -2.07 11.16 2.65
C GLN A 68 -1.39 10.33 3.75
N GLY A 69 -2.11 10.08 4.83
CA GLY A 69 -1.68 9.26 5.98
C GLY A 69 -1.24 7.85 5.59
N LEU A 70 -1.73 7.33 4.46
CA LEU A 70 -1.33 6.04 3.93
C LEU A 70 0.16 6.02 3.53
N GLN A 71 0.73 7.14 3.09
CA GLN A 71 2.16 7.22 2.75
C GLN A 71 3.06 7.02 3.98
N LYS A 72 2.63 7.54 5.14
CA LYS A 72 3.33 7.39 6.43
C LYS A 72 3.42 5.95 6.91
N LEU A 73 2.46 5.09 6.57
CA LEU A 73 2.48 3.66 6.87
C LEU A 73 3.72 3.03 6.21
N ILE A 74 3.89 3.23 4.90
CA ILE A 74 5.06 2.73 4.17
C ILE A 74 6.35 3.42 4.60
N ASN A 75 6.35 4.74 4.80
CA ASN A 75 7.53 5.50 5.22
C ASN A 75 8.21 4.91 6.48
N ASP A 76 7.42 4.30 7.37
CA ASP A 76 7.92 3.61 8.57
C ASP A 76 8.57 2.25 8.21
N SER A 77 7.81 1.33 7.61
CA SER A 77 8.22 -0.03 7.21
C SER A 77 8.94 -0.11 5.84
N VAL A 78 9.47 1.00 5.33
CA VAL A 78 10.09 1.10 3.99
C VAL A 78 11.28 0.15 3.79
N PHE A 79 12.13 0.00 4.81
CA PHE A 79 13.27 -0.92 4.81
C PHE A 79 12.86 -2.38 5.08
N PHE A 80 11.58 -2.60 5.40
CA PHE A 80 11.02 -3.93 5.68
C PHE A 80 10.32 -4.49 4.42
N LEU A 81 9.53 -3.65 3.75
CA LEU A 81 8.87 -3.97 2.49
C LEU A 81 9.89 -4.17 1.36
N ALA A 82 9.70 -5.23 0.56
CA ALA A 82 10.51 -5.50 -0.63
C ALA A 82 10.39 -4.34 -1.63
N ALA A 83 11.39 -4.15 -2.51
CA ALA A 83 11.35 -3.12 -3.56
C ALA A 83 10.10 -3.23 -4.46
N TYR A 84 9.61 -4.46 -4.66
CA TYR A 84 8.37 -4.79 -5.40
C TYR A 84 7.14 -4.24 -4.67
N ASP A 85 6.97 -4.63 -3.40
CA ASP A 85 5.83 -4.26 -2.55
C ASP A 85 5.79 -2.75 -2.21
N LEU A 86 6.97 -2.15 -2.04
CA LEU A 86 7.16 -0.72 -1.83
C LEU A 86 6.54 0.06 -3.01
N ARG A 87 6.95 -0.28 -4.24
CA ARG A 87 6.43 0.33 -5.46
C ARG A 87 4.92 0.09 -5.67
N GLN A 88 4.43 -1.07 -5.23
CA GLN A 88 3.01 -1.43 -5.27
C GLN A 88 2.16 -0.51 -4.38
N GLY A 89 2.48 -0.37 -3.10
CA GLY A 89 1.74 0.48 -2.16
C GLY A 89 1.88 1.98 -2.46
N GLN A 90 3.08 2.44 -2.82
CA GLN A 90 3.33 3.85 -3.18
C GLN A 90 2.49 4.29 -4.40
N GLU A 91 2.36 3.47 -5.45
CA GLU A 91 1.49 3.77 -6.61
C GLU A 91 -0.01 3.73 -6.28
N ALA A 92 -0.40 2.91 -5.32
CA ALA A 92 -1.80 2.78 -4.91
C ALA A 92 -2.36 4.09 -4.31
N LEU A 93 -1.54 4.92 -3.65
CA LEU A 93 -1.98 6.23 -3.14
C LEU A 93 -2.49 7.12 -4.30
N ALA A 94 -1.79 7.10 -5.43
CA ALA A 94 -2.12 7.86 -6.65
C ALA A 94 -3.47 7.42 -7.25
N ARG A 95 -3.80 6.12 -7.12
CA ARG A 95 -5.06 5.54 -7.61
C ARG A 95 -6.28 6.19 -6.93
N LEU A 96 -6.17 6.45 -5.62
CA LEU A 96 -7.18 7.15 -4.82
C LEU A 96 -7.23 8.65 -5.17
N GLN A 97 -6.06 9.30 -5.30
CA GLN A 97 -5.91 10.71 -5.70
C GLN A 97 -6.63 11.05 -7.01
N ALA A 98 -6.62 10.16 -8.00
CA ALA A 98 -7.28 10.39 -9.28
C ALA A 98 -8.80 10.56 -9.12
N ALA A 99 -9.46 9.61 -8.46
CA ALA A 99 -10.89 9.71 -8.17
C ALA A 99 -11.22 10.93 -7.27
N LEU A 100 -10.30 11.33 -6.37
CA LEU A 100 -10.42 12.52 -5.53
C LEU A 100 -10.46 13.78 -6.43
N ALA A 101 -9.50 13.91 -7.36
CA ALA A 101 -9.46 15.03 -8.31
C ALA A 101 -10.64 15.04 -9.30
N GLU A 102 -11.12 13.86 -9.73
CA GLU A 102 -12.31 13.70 -10.60
C GLU A 102 -13.56 14.35 -9.97
N ARG A 103 -13.88 14.00 -8.70
CA ARG A 103 -14.98 14.64 -7.97
C ARG A 103 -14.70 16.12 -7.69
N ARG A 104 -13.45 16.49 -7.36
CA ARG A 104 -13.03 17.88 -7.07
C ARG A 104 -13.46 18.86 -8.17
N ARG A 105 -13.34 18.48 -9.46
CA ARG A 105 -13.75 19.31 -10.63
C ARG A 105 -15.20 19.82 -10.57
N GLY A 106 -16.13 19.04 -10.03
CA GLY A 106 -17.54 19.43 -9.84
C GLY A 106 -17.82 20.15 -8.51
N LEU A 107 -16.99 19.89 -7.49
CA LEU A 107 -17.09 20.45 -6.14
C LEU A 107 -16.52 21.89 -6.05
N GLN A 108 -15.22 22.06 -6.27
CA GLN A 108 -14.52 23.35 -6.33
C GLN A 108 -14.97 24.19 -7.56
N PRO A 109 -14.75 25.53 -7.55
CA PRO A 109 -15.04 26.40 -8.69
C PRO A 109 -14.05 26.19 -9.86
N LYS A 110 -14.26 26.91 -10.97
CA LYS A 110 -13.39 26.93 -12.16
C LYS A 110 -11.95 27.32 -11.79
N LYS A 111 -11.02 26.37 -11.80
CA LYS A 111 -9.58 26.54 -11.53
C LYS A 111 -8.90 27.57 -12.45
N MET A 1 27.06 -7.63 24.81
CA MET A 1 27.89 -7.95 23.62
C MET A 1 29.17 -7.09 23.61
N PRO A 2 30.22 -7.47 24.38
CA PRO A 2 31.47 -6.69 24.46
C PRO A 2 32.36 -6.83 23.21
N GLU A 3 32.12 -7.86 22.38
CA GLU A 3 32.85 -8.14 21.14
C GLU A 3 31.91 -8.09 19.94
N ARG A 4 32.15 -7.15 19.03
CA ARG A 4 31.46 -6.98 17.73
C ARG A 4 31.84 -8.06 16.72
N LEU A 5 31.19 -8.05 15.56
CA LEU A 5 31.50 -8.94 14.44
C LEU A 5 32.83 -8.53 13.77
N GLN A 6 33.72 -9.50 13.55
CA GLN A 6 35.00 -9.35 12.83
C GLN A 6 34.90 -10.09 11.48
N ARG A 7 34.45 -9.38 10.44
CA ARG A 7 34.24 -9.86 9.05
C ARG A 7 33.35 -11.11 8.91
N ARG A 8 32.57 -11.44 9.95
CA ARG A 8 31.68 -12.61 10.06
C ARG A 8 30.64 -12.71 8.95
N GLU A 9 30.29 -11.58 8.34
CA GLU A 9 29.39 -11.49 7.19
C GLU A 9 29.90 -12.33 6.00
N GLN A 10 31.23 -12.29 5.73
CA GLN A 10 31.89 -13.10 4.71
C GLN A 10 32.06 -14.57 5.14
N GLU A 11 32.22 -14.83 6.44
CA GLU A 11 32.30 -16.19 7.00
C GLU A 11 30.97 -16.94 6.81
N ARG A 12 29.85 -16.37 7.33
CA ARG A 12 28.51 -16.97 7.19
C ARG A 12 27.99 -17.04 5.75
N GLN A 13 28.60 -16.30 4.82
CA GLN A 13 28.24 -16.31 3.38
C GLN A 13 28.34 -17.72 2.79
N LEU A 14 29.29 -18.55 3.25
CA LEU A 14 29.44 -19.95 2.83
C LEU A 14 28.27 -20.85 3.29
N GLU A 15 27.62 -20.48 4.38
CA GLU A 15 26.47 -21.19 4.98
C GLU A 15 25.14 -20.85 4.29
N VAL A 16 25.05 -19.68 3.65
CA VAL A 16 23.87 -19.26 2.86
C VAL A 16 23.68 -20.23 1.68
N GLU A 17 24.78 -20.66 1.04
CA GLU A 17 24.79 -21.65 -0.03
C GLU A 17 24.32 -23.05 0.41
N ARG A 18 24.54 -23.38 1.68
CA ARG A 18 24.09 -24.63 2.33
C ARG A 18 22.61 -24.58 2.67
N ARG A 19 22.08 -23.43 3.13
CA ARG A 19 20.63 -23.24 3.39
C ARG A 19 19.78 -23.25 2.12
N LYS A 20 20.34 -22.84 0.98
CA LYS A 20 19.67 -22.86 -0.35
C LYS A 20 19.18 -24.25 -0.79
N GLN A 21 19.76 -25.33 -0.26
CA GLN A 21 19.34 -26.72 -0.51
C GLN A 21 18.01 -27.13 0.15
N LYS A 22 17.53 -26.36 1.14
CA LYS A 22 16.28 -26.53 1.88
C LYS A 22 15.44 -25.24 1.85
N ARG A 23 14.35 -25.21 2.65
CA ARG A 23 13.48 -24.04 2.84
C ARG A 23 14.27 -22.89 3.47
N GLN A 24 14.56 -21.86 2.68
CA GLN A 24 15.32 -20.67 3.08
C GLN A 24 14.64 -19.96 4.27
N ASN A 25 15.35 -19.74 5.39
CA ASN A 25 14.79 -19.04 6.55
C ASN A 25 14.35 -17.59 6.23
N GLN A 26 15.00 -16.95 5.24
CA GLN A 26 14.69 -15.58 4.81
C GLN A 26 13.31 -15.44 4.14
N GLU A 27 12.74 -16.54 3.67
CA GLU A 27 11.37 -16.59 3.10
C GLU A 27 10.28 -16.47 4.18
N VAL A 28 10.64 -16.71 5.44
CA VAL A 28 9.73 -16.60 6.59
C VAL A 28 9.51 -15.14 7.01
N GLU A 29 10.43 -14.23 6.68
CA GLU A 29 10.29 -12.79 6.96
C GLU A 29 9.07 -12.14 6.28
N LYS A 30 8.59 -12.78 5.20
CA LYS A 30 7.38 -12.44 4.44
C LYS A 30 6.09 -12.50 5.26
N GLU A 31 6.12 -13.15 6.42
CA GLU A 31 4.99 -13.21 7.36
C GLU A 31 4.50 -11.81 7.80
N ASN A 32 5.43 -10.84 7.88
CA ASN A 32 5.14 -9.45 8.21
C ASN A 32 4.64 -8.64 6.99
N SER A 33 4.96 -9.05 5.75
CA SER A 33 4.46 -8.40 4.54
C SER A 33 2.95 -8.59 4.38
N HIS A 34 2.42 -9.73 4.82
CA HIS A 34 0.98 -10.01 4.84
C HIS A 34 0.22 -9.02 5.72
N PHE A 35 0.78 -8.69 6.90
CA PHE A 35 0.20 -7.68 7.81
C PHE A 35 0.06 -6.32 7.12
N PHE A 36 1.12 -5.85 6.45
CA PHE A 36 1.09 -4.61 5.66
C PHE A 36 -0.03 -4.63 4.62
N VAL A 37 -0.07 -5.65 3.77
CA VAL A 37 -1.11 -5.79 2.73
C VAL A 37 -2.51 -5.73 3.34
N ALA A 38 -2.73 -6.37 4.50
CA ALA A 38 -4.01 -6.33 5.23
C ALA A 38 -4.37 -4.92 5.74
N THR A 39 -3.49 -4.28 6.52
CA THR A 39 -3.74 -2.92 7.05
C THR A 39 -3.88 -1.89 5.92
N PHE A 40 -3.05 -1.98 4.88
CA PHE A 40 -3.12 -1.15 3.68
C PHE A 40 -4.44 -1.35 2.92
N ALA A 41 -4.92 -2.60 2.74
CA ALA A 41 -6.21 -2.91 2.13
C ALA A 41 -7.41 -2.27 2.86
N ARG A 42 -7.46 -2.38 4.20
CA ARG A 42 -8.50 -1.72 5.01
C ARG A 42 -8.48 -0.20 4.87
N GLU A 43 -7.30 0.42 4.90
CA GLU A 43 -7.15 1.87 4.75
C GLU A 43 -7.50 2.35 3.33
N ARG A 44 -6.90 1.77 2.28
CA ARG A 44 -7.10 2.17 0.87
C ARG A 44 -8.59 2.15 0.50
N ALA A 45 -9.31 1.11 0.92
CA ALA A 45 -10.74 0.97 0.70
C ALA A 45 -11.56 2.03 1.46
N ALA A 46 -11.22 2.32 2.72
CA ALA A 46 -11.84 3.37 3.51
C ALA A 46 -11.68 4.75 2.85
N VAL A 47 -10.47 5.08 2.35
CA VAL A 47 -10.24 6.33 1.61
C VAL A 47 -11.04 6.35 0.31
N GLU A 48 -11.09 5.25 -0.45
CA GLU A 48 -11.87 5.14 -1.68
C GLU A 48 -13.37 5.41 -1.44
N GLU A 49 -13.95 4.81 -0.40
CA GLU A 49 -15.37 4.97 -0.05
C GLU A 49 -15.72 6.42 0.28
N LEU A 50 -14.82 7.15 0.96
CA LEU A 50 -15.02 8.56 1.33
C LEU A 50 -15.15 9.47 0.09
N LEU A 51 -14.50 9.11 -1.03
CA LEU A 51 -14.58 9.82 -2.31
C LEU A 51 -15.94 9.58 -2.99
N GLU A 52 -16.45 8.34 -3.01
CA GLU A 52 -17.78 8.02 -3.54
C GLU A 52 -18.92 8.60 -2.68
N ARG A 53 -18.75 8.63 -1.35
CA ARG A 53 -19.70 9.21 -0.38
C ARG A 53 -19.55 10.74 -0.20
N ALA A 54 -18.64 11.39 -0.94
CA ALA A 54 -18.48 12.85 -0.93
C ALA A 54 -19.68 13.57 -1.58
N GLU A 55 -20.30 14.50 -0.85
CA GLU A 55 -21.43 15.33 -1.30
C GLU A 55 -21.10 16.83 -1.36
N SER A 56 -20.02 17.25 -0.67
CA SER A 56 -19.52 18.62 -0.60
C SER A 56 -17.99 18.65 -0.50
N VAL A 57 -17.40 19.85 -0.58
CA VAL A 57 -15.95 20.10 -0.43
C VAL A 57 -15.44 19.70 0.97
N GLU A 58 -16.31 19.65 1.99
CA GLU A 58 -15.97 19.25 3.36
C GLU A 58 -15.46 17.80 3.42
N ARG A 59 -16.24 16.85 2.88
CA ARG A 59 -15.84 15.42 2.79
C ARG A 59 -14.70 15.20 1.79
N LEU A 60 -14.59 16.07 0.78
CA LEU A 60 -13.51 16.06 -0.20
C LEU A 60 -12.14 16.31 0.47
N GLU A 61 -11.97 17.44 1.17
CA GLU A 61 -10.73 17.74 1.88
C GLU A 61 -10.37 16.69 2.94
N GLU A 62 -11.36 16.07 3.58
CA GLU A 62 -11.16 14.96 4.54
C GLU A 62 -10.47 13.75 3.87
N ALA A 63 -10.84 13.40 2.64
CA ALA A 63 -10.22 12.32 1.87
C ALA A 63 -8.70 12.50 1.69
N ALA A 64 -8.24 13.75 1.54
CA ALA A 64 -6.81 14.05 1.47
C ALA A 64 -6.08 13.72 2.79
N SER A 65 -6.71 13.98 3.94
CA SER A 65 -6.17 13.65 5.27
C SER A 65 -6.11 12.14 5.51
N ARG A 66 -7.06 11.37 4.94
CA ARG A 66 -7.03 9.90 5.02
C ARG A 66 -5.82 9.32 4.29
N LEU A 67 -5.53 9.80 3.07
CA LEU A 67 -4.36 9.36 2.28
C LEU A 67 -3.02 9.68 2.97
N GLN A 68 -2.94 10.80 3.69
CA GLN A 68 -1.76 11.23 4.45
C GLN A 68 -1.29 10.19 5.49
N GLY A 69 -2.23 9.44 6.06
CA GLY A 69 -1.97 8.34 6.99
C GLY A 69 -1.41 7.09 6.30
N LEU A 70 -1.90 6.77 5.11
CA LEU A 70 -1.39 5.65 4.30
C LEU A 70 0.09 5.85 3.90
N GLN A 71 0.51 7.06 3.48
CA GLN A 71 1.91 7.31 3.13
C GLN A 71 2.84 7.03 4.32
N LYS A 72 2.40 7.37 5.54
CA LYS A 72 3.13 7.15 6.78
C LYS A 72 3.30 5.66 7.15
N LEU A 73 2.36 4.79 6.78
CA LEU A 73 2.44 3.35 6.97
C LEU A 73 3.66 2.79 6.22
N ILE A 74 3.77 3.06 4.92
CA ILE A 74 4.93 2.62 4.13
C ILE A 74 6.22 3.32 4.58
N ASN A 75 6.19 4.63 4.87
CA ASN A 75 7.37 5.36 5.37
C ASN A 75 8.04 4.70 6.60
N ASP A 76 7.27 3.98 7.44
CA ASP A 76 7.80 3.23 8.57
C ASP A 76 8.59 1.97 8.13
N SER A 77 7.93 1.06 7.42
CA SER A 77 8.47 -0.23 6.92
C SER A 77 9.10 -0.15 5.51
N VAL A 78 9.50 1.03 5.03
CA VAL A 78 9.99 1.25 3.66
C VAL A 78 11.24 0.41 3.32
N PHE A 79 12.19 0.30 4.25
CA PHE A 79 13.39 -0.52 4.11
C PHE A 79 13.12 -2.01 4.34
N PHE A 80 11.91 -2.36 4.75
CA PHE A 80 11.45 -3.75 4.96
C PHE A 80 10.70 -4.28 3.72
N LEU A 81 9.75 -3.50 3.20
CA LEU A 81 8.98 -3.84 2.01
C LEU A 81 9.90 -3.97 0.78
N ALA A 82 9.72 -5.05 0.01
CA ALA A 82 10.44 -5.26 -1.24
C ALA A 82 10.14 -4.13 -2.25
N ALA A 83 11.04 -3.89 -3.22
CA ALA A 83 10.82 -2.89 -4.28
C ALA A 83 9.47 -3.08 -5.01
N TYR A 84 9.05 -4.33 -5.19
CA TYR A 84 7.78 -4.73 -5.77
C TYR A 84 6.59 -4.22 -4.92
N ASP A 85 6.57 -4.56 -3.63
CA ASP A 85 5.49 -4.23 -2.69
C ASP A 85 5.43 -2.72 -2.38
N LEU A 86 6.60 -2.09 -2.23
CA LEU A 86 6.77 -0.65 -2.03
C LEU A 86 6.11 0.12 -3.18
N ARG A 87 6.44 -0.24 -4.43
CA ARG A 87 5.82 0.35 -5.63
C ARG A 87 4.32 0.11 -5.71
N GLN A 88 3.88 -1.09 -5.34
CA GLN A 88 2.47 -1.49 -5.28
C GLN A 88 1.65 -0.70 -4.24
N GLY A 89 2.24 -0.32 -3.09
CA GLY A 89 1.59 0.52 -2.08
C GLY A 89 1.58 2.00 -2.44
N GLN A 90 2.73 2.58 -2.77
CA GLN A 90 2.82 4.00 -3.14
C GLN A 90 1.93 4.37 -4.34
N GLU A 91 1.84 3.53 -5.38
CA GLU A 91 0.98 3.80 -6.54
C GLU A 91 -0.51 3.80 -6.22
N ALA A 92 -0.91 2.98 -5.24
CA ALA A 92 -2.30 2.88 -4.78
C ALA A 92 -2.78 4.22 -4.20
N LEU A 93 -2.00 4.93 -3.37
CA LEU A 93 -2.41 6.26 -2.89
C LEU A 93 -2.76 7.21 -4.06
N ALA A 94 -1.91 7.23 -5.09
CA ALA A 94 -2.10 8.04 -6.29
C ALA A 94 -3.32 7.61 -7.11
N ARG A 95 -3.58 6.30 -7.19
CA ARG A 95 -4.76 5.72 -7.84
C ARG A 95 -6.06 6.24 -7.21
N LEU A 96 -6.15 6.25 -5.87
CA LEU A 96 -7.30 6.80 -5.12
C LEU A 96 -7.40 8.32 -5.29
N GLN A 97 -6.27 9.05 -5.24
CA GLN A 97 -6.19 10.49 -5.49
C GLN A 97 -6.83 10.94 -6.82
N ALA A 98 -6.88 10.06 -7.82
CA ALA A 98 -7.56 10.34 -9.09
C ALA A 98 -9.05 10.66 -8.89
N ALA A 99 -9.75 9.96 -7.98
CA ALA A 99 -11.15 10.25 -7.66
C ALA A 99 -11.31 11.65 -7.00
N LEU A 100 -10.31 12.10 -6.24
CA LEU A 100 -10.27 13.44 -5.65
C LEU A 100 -10.23 14.51 -6.75
N ALA A 101 -9.36 14.34 -7.74
CA ALA A 101 -9.26 15.20 -8.92
C ALA A 101 -10.50 15.14 -9.84
N GLU A 102 -11.32 14.09 -9.72
CA GLU A 102 -12.56 13.87 -10.49
C GLU A 102 -13.80 14.41 -9.77
N ARG A 103 -13.78 14.50 -8.43
CA ARG A 103 -14.84 15.09 -7.61
C ARG A 103 -14.64 16.61 -7.46
N ARG A 104 -13.39 17.07 -7.30
CA ARG A 104 -13.05 18.51 -7.15
C ARG A 104 -13.60 19.37 -8.28
N ARG A 105 -13.44 18.93 -9.53
CA ARG A 105 -13.87 19.62 -10.77
C ARG A 105 -15.38 19.95 -10.82
N GLY A 106 -16.21 19.16 -10.13
CA GLY A 106 -17.66 19.34 -10.00
C GLY A 106 -18.10 19.98 -8.67
N LEU A 107 -17.16 20.22 -7.75
CA LEU A 107 -17.36 20.80 -6.41
C LEU A 107 -16.74 22.20 -6.32
N GLN A 108 -15.41 22.28 -6.23
CA GLN A 108 -14.63 23.52 -6.23
C GLN A 108 -14.47 24.07 -7.67
N PRO A 109 -14.68 25.38 -7.91
CA PRO A 109 -14.45 25.99 -9.22
C PRO A 109 -12.96 26.09 -9.58
N LYS A 110 -12.64 26.18 -10.87
CA LYS A 110 -11.26 26.38 -11.39
C LYS A 110 -10.99 27.88 -11.66
N LYS A 111 -9.71 28.27 -11.67
CA LYS A 111 -9.25 29.62 -11.99
C LYS A 111 -9.27 29.89 -13.51
N MET A 1 34.96 -11.23 -7.54
CA MET A 1 34.27 -12.07 -8.57
C MET A 1 33.00 -11.36 -9.10
N PRO A 2 33.13 -10.34 -9.98
CA PRO A 2 31.98 -9.58 -10.48
C PRO A 2 31.13 -10.40 -11.46
N GLU A 3 29.86 -10.61 -11.14
CA GLU A 3 28.90 -11.31 -12.01
C GLU A 3 28.75 -10.60 -13.38
N ARG A 4 28.53 -11.37 -14.45
CA ARG A 4 28.34 -10.85 -15.82
C ARG A 4 27.03 -10.05 -15.95
N LEU A 5 26.94 -9.21 -16.98
CA LEU A 5 25.72 -8.44 -17.31
C LEU A 5 24.54 -9.34 -17.70
N GLN A 6 24.81 -10.50 -18.33
CA GLN A 6 23.79 -11.48 -18.71
C GLN A 6 23.19 -12.18 -17.47
N ARG A 7 21.87 -12.07 -17.32
CA ARG A 7 21.08 -12.63 -16.19
C ARG A 7 20.52 -14.04 -16.45
N ARG A 8 21.24 -14.90 -17.19
CA ARG A 8 20.82 -16.26 -17.57
C ARG A 8 20.33 -17.14 -16.41
N GLU A 9 20.78 -16.87 -15.18
CA GLU A 9 20.34 -17.54 -13.95
C GLU A 9 18.81 -17.44 -13.74
N GLN A 10 18.14 -16.46 -14.36
CA GLN A 10 16.68 -16.30 -14.33
C GLN A 10 15.96 -17.53 -14.93
N GLU A 11 16.62 -18.28 -15.83
CA GLU A 11 16.11 -19.53 -16.40
C GLU A 11 16.09 -20.61 -15.32
N ARG A 12 17.24 -20.84 -14.64
CA ARG A 12 17.37 -21.79 -13.52
C ARG A 12 16.44 -21.49 -12.34
N GLN A 13 15.85 -20.30 -12.26
CA GLN A 13 14.86 -19.94 -11.25
C GLN A 13 13.61 -20.85 -11.31
N LEU A 14 13.36 -21.52 -12.46
CA LEU A 14 12.29 -22.51 -12.64
C LEU A 14 12.41 -23.72 -11.72
N GLU A 15 13.63 -24.02 -11.26
CA GLU A 15 13.95 -25.08 -10.29
C GLU A 15 13.81 -24.58 -8.84
N VAL A 16 14.04 -23.28 -8.60
CA VAL A 16 13.88 -22.65 -7.28
C VAL A 16 12.41 -22.68 -6.84
N GLU A 17 11.48 -22.23 -7.70
CA GLU A 17 10.03 -22.28 -7.42
C GLU A 17 9.49 -23.71 -7.19
N ARG A 18 10.18 -24.71 -7.75
CA ARG A 18 9.84 -26.14 -7.65
C ARG A 18 9.95 -26.64 -6.21
N ARG A 19 11.10 -26.42 -5.55
CA ARG A 19 11.33 -26.76 -4.14
C ARG A 19 10.69 -25.75 -3.19
N LYS A 20 10.64 -24.45 -3.53
CA LYS A 20 9.94 -23.42 -2.73
C LYS A 20 8.44 -23.69 -2.54
N GLN A 21 7.81 -24.50 -3.40
CA GLN A 21 6.41 -24.92 -3.27
C GLN A 21 6.17 -25.84 -2.06
N LYS A 22 7.22 -26.49 -1.54
CA LYS A 22 7.20 -27.33 -0.33
C LYS A 22 7.26 -26.45 0.92
N ARG A 23 6.52 -26.82 1.99
CA ARG A 23 6.51 -26.09 3.26
C ARG A 23 7.92 -26.04 3.89
N GLN A 24 8.26 -24.90 4.49
CA GLN A 24 9.54 -24.62 5.17
C GLN A 24 9.39 -23.48 6.18
N ASN A 25 10.44 -23.20 6.96
CA ASN A 25 10.50 -22.07 7.89
C ASN A 25 10.87 -20.76 7.16
N GLN A 26 11.62 -20.84 6.05
CA GLN A 26 12.09 -19.66 5.29
C GLN A 26 11.00 -18.97 4.47
N GLU A 27 9.95 -19.70 4.12
CA GLU A 27 8.78 -19.16 3.42
C GLU A 27 7.87 -18.32 4.32
N VAL A 28 7.87 -18.58 5.62
CA VAL A 28 7.05 -17.89 6.63
C VAL A 28 7.44 -16.41 6.76
N GLU A 29 8.67 -16.07 6.38
CA GLU A 29 9.15 -14.68 6.34
C GLU A 29 8.47 -13.81 5.27
N LYS A 30 7.86 -14.43 4.24
CA LYS A 30 7.07 -13.75 3.20
C LYS A 30 5.69 -13.32 3.68
N GLU A 31 5.12 -14.06 4.63
CA GLU A 31 3.83 -13.75 5.27
C GLU A 31 3.87 -12.47 6.12
N ASN A 32 5.06 -11.98 6.50
CA ASN A 32 5.18 -10.70 7.22
C ASN A 32 4.73 -9.51 6.33
N SER A 33 4.98 -9.57 5.02
CA SER A 33 4.51 -8.54 4.06
C SER A 33 2.97 -8.53 3.95
N HIS A 34 2.31 -9.68 4.14
CA HIS A 34 0.85 -9.77 4.15
C HIS A 34 0.22 -8.90 5.27
N PHE A 35 0.90 -8.69 6.39
CA PHE A 35 0.44 -7.79 7.47
C PHE A 35 0.26 -6.37 6.95
N PHE A 36 1.29 -5.81 6.30
CA PHE A 36 1.24 -4.51 5.65
C PHE A 36 0.11 -4.43 4.62
N VAL A 37 0.07 -5.37 3.66
CA VAL A 37 -0.97 -5.39 2.63
C VAL A 37 -2.37 -5.43 3.26
N ALA A 38 -2.56 -6.18 4.35
CA ALA A 38 -3.83 -6.26 5.08
C ALA A 38 -4.23 -4.91 5.73
N THR A 39 -3.35 -4.33 6.57
CA THR A 39 -3.61 -3.06 7.25
C THR A 39 -3.78 -1.91 6.26
N PHE A 40 -2.97 -1.87 5.19
CA PHE A 40 -3.08 -0.89 4.11
C PHE A 40 -4.40 -1.07 3.34
N ALA A 41 -4.78 -2.30 2.97
CA ALA A 41 -6.04 -2.61 2.28
C ALA A 41 -7.28 -2.13 3.06
N ARG A 42 -7.42 -2.51 4.34
CA ARG A 42 -8.56 -2.09 5.17
C ARG A 42 -8.71 -0.56 5.25
N GLU A 43 -7.60 0.16 5.40
CA GLU A 43 -7.58 1.62 5.39
C GLU A 43 -7.92 2.19 4.00
N ARG A 44 -7.17 1.81 2.95
CA ARG A 44 -7.29 2.35 1.59
C ARG A 44 -8.69 2.12 0.99
N ALA A 45 -9.30 0.98 1.30
CA ALA A 45 -10.68 0.64 0.91
C ALA A 45 -11.72 1.54 1.58
N ALA A 46 -11.59 1.81 2.89
CA ALA A 46 -12.47 2.74 3.62
C ALA A 46 -12.39 4.16 3.04
N VAL A 47 -11.19 4.67 2.73
CA VAL A 47 -11.02 5.98 2.08
C VAL A 47 -11.65 6.00 0.68
N GLU A 48 -11.51 4.93 -0.11
CA GLU A 48 -12.15 4.80 -1.43
C GLU A 48 -13.69 4.93 -1.38
N GLU A 49 -14.33 4.47 -0.30
CA GLU A 49 -15.77 4.64 -0.07
C GLU A 49 -16.17 6.07 0.31
N LEU A 50 -15.34 6.77 1.10
CA LEU A 50 -15.55 8.18 1.47
C LEU A 50 -15.60 9.12 0.23
N LEU A 51 -14.95 8.74 -0.87
CA LEU A 51 -15.00 9.50 -2.13
C LEU A 51 -16.42 9.58 -2.73
N GLU A 52 -17.25 8.54 -2.59
CA GLU A 52 -18.65 8.54 -3.03
C GLU A 52 -19.56 9.40 -2.13
N ARG A 53 -19.22 9.50 -0.84
CA ARG A 53 -19.93 10.31 0.18
C ARG A 53 -19.57 11.80 0.15
N ALA A 54 -18.63 12.22 -0.71
CA ALA A 54 -18.24 13.61 -0.93
C ALA A 54 -19.35 14.42 -1.66
N GLU A 55 -20.37 14.87 -0.93
CA GLU A 55 -21.45 15.74 -1.43
C GLU A 55 -21.00 17.22 -1.55
N SER A 56 -19.91 17.58 -0.88
CA SER A 56 -19.28 18.91 -0.89
C SER A 56 -17.76 18.82 -0.67
N VAL A 57 -17.06 19.93 -0.92
CA VAL A 57 -15.59 20.05 -0.73
C VAL A 57 -15.17 19.76 0.72
N GLU A 58 -16.03 20.04 1.70
CA GLU A 58 -15.79 19.77 3.13
C GLU A 58 -15.39 18.31 3.41
N ARG A 59 -16.09 17.34 2.81
CA ARG A 59 -15.78 15.90 2.93
C ARG A 59 -14.66 15.45 1.99
N LEU A 60 -14.54 16.09 0.83
CA LEU A 60 -13.49 15.85 -0.17
C LEU A 60 -12.09 16.12 0.42
N GLU A 61 -11.92 17.25 1.10
CA GLU A 61 -10.70 17.65 1.82
C GLU A 61 -10.35 16.71 2.99
N GLU A 62 -11.36 16.21 3.72
CA GLU A 62 -11.14 15.22 4.79
C GLU A 62 -10.56 13.91 4.23
N ALA A 63 -11.15 13.39 3.15
CA ALA A 63 -10.68 12.17 2.48
C ALA A 63 -9.20 12.27 2.05
N ALA A 64 -8.77 13.44 1.57
CA ALA A 64 -7.38 13.72 1.20
C ALA A 64 -6.40 13.74 2.41
N SER A 65 -6.91 13.91 3.64
CA SER A 65 -6.13 13.84 4.88
C SER A 65 -5.98 12.40 5.36
N ARG A 66 -7.01 11.57 5.16
CA ARG A 66 -6.98 10.12 5.47
C ARG A 66 -5.90 9.40 4.66
N LEU A 67 -5.83 9.68 3.35
CA LEU A 67 -4.82 9.09 2.45
C LEU A 67 -3.39 9.53 2.80
N GLN A 68 -3.18 10.78 3.24
CA GLN A 68 -1.88 11.30 3.66
C GLN A 68 -1.23 10.51 4.82
N GLY A 69 -2.06 9.92 5.70
CA GLY A 69 -1.63 9.05 6.80
C GLY A 69 -1.16 7.65 6.35
N LEU A 70 -1.80 7.09 5.32
CA LEU A 70 -1.41 5.79 4.73
C LEU A 70 0.00 5.84 4.12
N GLN A 71 0.40 6.91 3.43
CA GLN A 71 1.75 7.05 2.89
C GLN A 71 2.86 6.92 3.96
N LYS A 72 2.54 7.29 5.22
CA LYS A 72 3.44 7.18 6.37
C LYS A 72 3.58 5.76 6.93
N LEU A 73 2.60 4.88 6.72
CA LEU A 73 2.65 3.46 7.10
C LEU A 73 3.81 2.77 6.36
N ILE A 74 3.91 2.98 5.04
CA ILE A 74 5.03 2.47 4.24
C ILE A 74 6.37 3.06 4.72
N ASN A 75 6.43 4.35 5.04
CA ASN A 75 7.66 5.01 5.50
C ASN A 75 8.32 4.33 6.72
N ASP A 76 7.54 3.67 7.58
CA ASP A 76 8.05 2.89 8.73
C ASP A 76 8.76 1.59 8.26
N SER A 77 8.06 0.76 7.48
CA SER A 77 8.52 -0.54 6.94
C SER A 77 9.17 -0.44 5.55
N VAL A 78 9.62 0.74 5.12
CA VAL A 78 10.15 1.01 3.78
C VAL A 78 11.35 0.13 3.39
N PHE A 79 12.29 -0.07 4.32
CA PHE A 79 13.45 -0.94 4.16
C PHE A 79 13.13 -2.43 4.31
N PHE A 80 11.87 -2.74 4.69
CA PHE A 80 11.38 -4.12 4.87
C PHE A 80 10.62 -4.59 3.62
N LEU A 81 9.73 -3.74 3.10
CA LEU A 81 8.98 -3.99 1.87
C LEU A 81 9.92 -4.11 0.66
N ALA A 82 9.66 -5.11 -0.19
CA ALA A 82 10.40 -5.31 -1.43
C ALA A 82 10.27 -4.09 -2.37
N ALA A 83 11.18 -3.96 -3.35
CA ALA A 83 11.11 -2.90 -4.37
C ALA A 83 9.76 -2.88 -5.11
N TYR A 84 9.14 -4.05 -5.31
CA TYR A 84 7.81 -4.21 -5.90
C TYR A 84 6.72 -3.65 -4.95
N ASP A 85 6.70 -4.12 -3.71
CA ASP A 85 5.66 -3.82 -2.70
C ASP A 85 5.68 -2.35 -2.25
N LEU A 86 6.88 -1.77 -2.09
CA LEU A 86 7.09 -0.35 -1.77
C LEU A 86 6.47 0.54 -2.86
N ARG A 87 6.81 0.26 -4.13
CA ARG A 87 6.28 0.98 -5.29
C ARG A 87 4.77 0.80 -5.44
N GLN A 88 4.26 -0.38 -5.10
CA GLN A 88 2.83 -0.71 -5.06
C GLN A 88 2.07 0.16 -4.05
N GLY A 89 2.54 0.25 -2.80
CA GLY A 89 1.90 1.03 -1.73
C GLY A 89 1.80 2.53 -2.05
N GLN A 90 2.88 3.12 -2.57
CA GLN A 90 2.88 4.52 -3.01
C GLN A 90 1.97 4.75 -4.24
N GLU A 91 1.99 3.88 -5.25
CA GLU A 91 1.09 3.98 -6.41
C GLU A 91 -0.40 3.83 -6.07
N ALA A 92 -0.71 2.99 -5.08
CA ALA A 92 -2.08 2.75 -4.62
C ALA A 92 -2.74 4.05 -4.17
N LEU A 93 -2.11 4.82 -3.28
CA LEU A 93 -2.63 6.13 -2.87
C LEU A 93 -2.86 7.09 -4.05
N ALA A 94 -1.96 7.11 -5.03
CA ALA A 94 -2.12 7.92 -6.23
C ALA A 94 -3.42 7.58 -7.00
N ARG A 95 -3.75 6.29 -7.10
CA ARG A 95 -4.95 5.79 -7.78
C ARG A 95 -6.24 6.32 -7.12
N LEU A 96 -6.27 6.32 -5.79
CA LEU A 96 -7.37 6.82 -4.96
C LEU A 96 -7.48 8.35 -5.02
N GLN A 97 -6.34 9.05 -4.98
CA GLN A 97 -6.26 10.51 -5.11
C GLN A 97 -6.74 11.00 -6.49
N ALA A 98 -6.52 10.22 -7.55
CA ALA A 98 -7.02 10.54 -8.89
C ALA A 98 -8.57 10.59 -8.94
N ALA A 99 -9.25 9.68 -8.23
CA ALA A 99 -10.72 9.69 -8.15
C ALA A 99 -11.25 10.96 -7.45
N LEU A 100 -10.48 11.54 -6.52
CA LEU A 100 -10.81 12.81 -5.87
C LEU A 100 -10.66 13.99 -6.83
N ALA A 101 -9.52 14.10 -7.49
CA ALA A 101 -9.25 15.18 -8.45
C ALA A 101 -10.30 15.22 -9.59
N GLU A 102 -10.82 14.05 -10.00
CA GLU A 102 -11.90 13.92 -10.99
C GLU A 102 -13.23 14.52 -10.49
N ARG A 103 -13.65 14.21 -9.25
CA ARG A 103 -14.87 14.78 -8.64
C ARG A 103 -14.72 16.26 -8.26
N ARG A 104 -13.51 16.69 -7.88
CA ARG A 104 -13.16 18.08 -7.57
C ARG A 104 -13.57 19.04 -8.69
N ARG A 105 -13.41 18.67 -9.98
CA ARG A 105 -13.84 19.46 -11.14
C ARG A 105 -15.34 19.82 -11.18
N GLY A 106 -16.20 19.04 -10.53
CA GLY A 106 -17.64 19.29 -10.43
C GLY A 106 -18.08 19.94 -9.11
N LEU A 107 -17.24 19.88 -8.08
CA LEU A 107 -17.49 20.38 -6.72
C LEU A 107 -16.80 21.73 -6.45
N GLN A 108 -15.46 21.74 -6.42
CA GLN A 108 -14.64 22.94 -6.27
C GLN A 108 -14.81 23.88 -7.49
N PRO A 109 -14.99 25.19 -7.29
CA PRO A 109 -15.07 26.17 -8.38
C PRO A 109 -13.70 26.31 -9.08
N LYS A 110 -13.52 25.63 -10.22
CA LYS A 110 -12.30 25.74 -11.05
C LYS A 110 -12.03 27.17 -11.55
N LYS A 111 -10.75 27.48 -11.80
CA LYS A 111 -10.23 28.79 -12.23
C LYS A 111 -10.65 29.14 -13.66
N MET A 1 30.12 -4.67 -16.28
CA MET A 1 30.54 -5.91 -15.56
C MET A 1 31.78 -6.53 -16.22
N PRO A 2 32.64 -7.23 -15.46
CA PRO A 2 33.88 -7.84 -15.98
C PRO A 2 33.63 -9.02 -16.94
N GLU A 3 32.50 -9.71 -16.78
CA GLU A 3 32.03 -10.84 -17.58
C GLU A 3 30.54 -10.67 -17.95
N ARG A 4 30.07 -11.45 -18.93
CA ARG A 4 28.67 -11.50 -19.40
C ARG A 4 28.30 -12.91 -19.86
N LEU A 5 27.00 -13.15 -20.06
CA LEU A 5 26.39 -14.39 -20.56
C LEU A 5 26.84 -15.68 -19.81
N GLN A 6 27.27 -15.55 -18.55
CA GLN A 6 27.90 -16.61 -17.77
C GLN A 6 26.96 -17.81 -17.49
N ARG A 7 27.57 -19.00 -17.40
CA ARG A 7 26.89 -20.29 -17.18
C ARG A 7 26.64 -20.62 -15.70
N ARG A 8 27.12 -19.76 -14.79
CA ARG A 8 26.94 -19.81 -13.32
C ARG A 8 25.47 -19.90 -12.91
N GLU A 9 24.61 -19.07 -13.48
CA GLU A 9 23.18 -19.05 -13.17
C GLU A 9 22.50 -20.39 -13.50
N GLN A 10 22.85 -21.02 -14.63
CA GLN A 10 22.35 -22.35 -15.02
C GLN A 10 22.74 -23.44 -14.01
N GLU A 11 23.95 -23.41 -13.48
CA GLU A 11 24.40 -24.33 -12.42
C GLU A 11 23.64 -24.06 -11.10
N ARG A 12 23.56 -22.79 -10.68
CA ARG A 12 22.86 -22.38 -9.45
C ARG A 12 21.36 -22.68 -9.47
N GLN A 13 20.74 -22.58 -10.63
CA GLN A 13 19.33 -22.91 -10.92
C GLN A 13 19.03 -24.38 -10.61
N LEU A 14 19.91 -25.31 -10.99
CA LEU A 14 19.75 -26.74 -10.69
C LEU A 14 19.87 -27.08 -9.18
N GLU A 15 20.69 -26.32 -8.47
CA GLU A 15 20.89 -26.43 -7.01
C GLU A 15 19.70 -25.86 -6.21
N VAL A 16 19.27 -24.62 -6.51
CA VAL A 16 18.11 -24.01 -5.84
C VAL A 16 16.82 -24.81 -6.07
N GLU A 17 16.64 -25.41 -7.25
CA GLU A 17 15.49 -26.29 -7.55
C GLU A 17 15.40 -27.49 -6.58
N ARG A 18 16.56 -28.03 -6.19
CA ARG A 18 16.72 -29.14 -5.23
C ARG A 18 16.32 -28.74 -3.81
N ARG A 19 16.72 -27.55 -3.34
CA ARG A 19 16.31 -27.00 -2.02
C ARG A 19 14.84 -26.56 -1.99
N LYS A 20 14.27 -26.17 -3.14
CA LYS A 20 12.86 -25.81 -3.32
C LYS A 20 11.88 -26.99 -3.40
N GLN A 21 12.36 -28.25 -3.54
CA GLN A 21 11.48 -29.44 -3.54
C GLN A 21 10.74 -29.67 -2.21
N LYS A 22 11.26 -29.12 -1.11
CA LYS A 22 10.68 -29.13 0.24
C LYS A 22 10.28 -27.71 0.68
N ARG A 23 9.56 -27.66 1.79
CA ARG A 23 9.07 -26.43 2.43
C ARG A 23 10.16 -25.78 3.28
N GLN A 24 10.55 -24.56 2.91
CA GLN A 24 11.50 -23.72 3.65
C GLN A 24 10.78 -22.91 4.74
N ASN A 25 11.50 -22.52 5.79
CA ASN A 25 10.98 -21.65 6.87
C ASN A 25 10.91 -20.15 6.48
N GLN A 26 11.43 -19.77 5.30
CA GLN A 26 11.38 -18.39 4.78
C GLN A 26 9.96 -17.86 4.56
N GLU A 27 8.96 -18.74 4.57
CA GLU A 27 7.54 -18.39 4.47
C GLU A 27 6.99 -17.71 5.74
N VAL A 28 7.68 -17.89 6.87
CA VAL A 28 7.30 -17.31 8.17
C VAL A 28 7.57 -15.81 8.23
N GLU A 29 8.49 -15.29 7.41
CA GLU A 29 8.76 -13.85 7.32
C GLU A 29 7.60 -13.06 6.69
N LYS A 30 6.75 -13.74 5.90
CA LYS A 30 5.55 -13.15 5.27
C LYS A 30 4.44 -12.81 6.26
N GLU A 31 4.54 -13.25 7.52
CA GLU A 31 3.57 -12.88 8.57
C GLU A 31 3.52 -11.35 8.77
N ASN A 32 4.66 -10.68 8.58
CA ASN A 32 4.80 -9.22 8.63
C ASN A 32 4.32 -8.53 7.33
N SER A 33 4.69 -9.04 6.15
CA SER A 33 4.26 -8.46 4.86
C SER A 33 2.75 -8.61 4.63
N HIS A 34 2.17 -9.75 5.03
CA HIS A 34 0.72 -9.98 4.98
C HIS A 34 -0.04 -8.95 5.81
N PHE A 35 0.44 -8.62 7.02
CA PHE A 35 -0.15 -7.57 7.86
C PHE A 35 -0.21 -6.23 7.12
N PHE A 36 0.90 -5.80 6.50
CA PHE A 36 0.95 -4.59 5.69
C PHE A 36 -0.09 -4.61 4.57
N VAL A 37 -0.06 -5.63 3.70
CA VAL A 37 -0.99 -5.76 2.57
C VAL A 37 -2.45 -5.73 3.05
N ALA A 38 -2.75 -6.42 4.16
CA ALA A 38 -4.08 -6.50 4.76
C ALA A 38 -4.56 -5.13 5.28
N THR A 39 -3.78 -4.48 6.15
CA THR A 39 -4.11 -3.17 6.72
C THR A 39 -4.18 -2.09 5.64
N PHE A 40 -3.23 -2.07 4.68
CA PHE A 40 -3.22 -1.16 3.53
C PHE A 40 -4.50 -1.27 2.71
N ALA A 41 -4.94 -2.49 2.37
CA ALA A 41 -6.19 -2.74 1.64
C ALA A 41 -7.44 -2.19 2.35
N ARG A 42 -7.57 -2.44 3.66
CA ARG A 42 -8.69 -1.92 4.48
C ARG A 42 -8.69 -0.40 4.61
N GLU A 43 -7.51 0.20 4.75
CA GLU A 43 -7.33 1.66 4.82
C GLU A 43 -7.66 2.33 3.48
N ARG A 44 -7.05 1.89 2.36
CA ARG A 44 -7.33 2.45 1.02
C ARG A 44 -8.81 2.35 0.67
N ALA A 45 -9.46 1.26 1.06
CA ALA A 45 -10.90 1.06 0.86
C ALA A 45 -11.72 2.12 1.60
N ALA A 46 -11.46 2.38 2.89
CA ALA A 46 -12.14 3.42 3.66
C ALA A 46 -12.03 4.80 2.99
N VAL A 47 -10.85 5.16 2.46
CA VAL A 47 -10.65 6.42 1.73
C VAL A 47 -11.43 6.44 0.41
N GLU A 48 -11.31 5.40 -0.41
CA GLU A 48 -11.96 5.30 -1.72
C GLU A 48 -13.49 5.30 -1.61
N GLU A 49 -14.06 4.77 -0.52
CA GLU A 49 -15.49 4.77 -0.21
C GLU A 49 -15.98 6.15 0.28
N LEU A 50 -15.14 6.90 1.02
CA LEU A 50 -15.42 8.28 1.48
C LEU A 50 -15.64 9.26 0.31
N LEU A 51 -15.13 8.96 -0.89
CA LEU A 51 -15.36 9.75 -2.12
C LEU A 51 -16.85 9.81 -2.49
N GLU A 52 -17.62 8.74 -2.28
CA GLU A 52 -19.07 8.70 -2.49
C GLU A 52 -19.85 9.44 -1.39
N ARG A 53 -19.35 9.43 -0.14
CA ARG A 53 -19.90 10.17 1.00
C ARG A 53 -19.60 11.67 0.96
N ALA A 54 -18.63 12.11 0.15
CA ALA A 54 -18.27 13.51 -0.05
C ALA A 54 -19.32 14.30 -0.85
N GLU A 55 -20.42 14.66 -0.21
CA GLU A 55 -21.49 15.50 -0.76
C GLU A 55 -21.07 16.97 -1.03
N SER A 56 -20.00 17.44 -0.36
CA SER A 56 -19.45 18.79 -0.46
C SER A 56 -17.92 18.77 -0.39
N VAL A 57 -17.28 19.89 -0.79
CA VAL A 57 -15.82 20.09 -0.78
C VAL A 57 -15.21 19.88 0.63
N GLU A 58 -15.97 20.18 1.69
CA GLU A 58 -15.63 19.96 3.10
C GLU A 58 -15.24 18.50 3.39
N ARG A 59 -16.11 17.55 3.05
CA ARG A 59 -15.90 16.10 3.17
C ARG A 59 -14.86 15.57 2.18
N LEU A 60 -14.77 16.17 0.99
CA LEU A 60 -13.78 15.83 -0.03
C LEU A 60 -12.34 16.06 0.45
N GLU A 61 -12.05 17.21 1.06
CA GLU A 61 -10.71 17.50 1.62
C GLU A 61 -10.31 16.51 2.73
N GLU A 62 -11.28 15.93 3.45
CA GLU A 62 -11.01 14.89 4.45
C GLU A 62 -10.48 13.61 3.79
N ALA A 63 -11.06 13.17 2.67
CA ALA A 63 -10.57 12.02 1.89
C ALA A 63 -9.10 12.20 1.46
N ALA A 64 -8.72 13.38 0.99
CA ALA A 64 -7.32 13.71 0.64
C ALA A 64 -6.35 13.69 1.84
N SER A 65 -6.85 13.79 3.07
CA SER A 65 -6.09 13.68 4.31
C SER A 65 -5.94 12.21 4.73
N ARG A 66 -7.00 11.40 4.57
CA ARG A 66 -6.95 9.95 4.83
C ARG A 66 -5.87 9.26 3.98
N LEU A 67 -5.77 9.57 2.68
CA LEU A 67 -4.73 8.99 1.81
C LEU A 67 -3.32 9.45 2.17
N GLN A 68 -3.14 10.69 2.62
CA GLN A 68 -1.85 11.21 3.10
C GLN A 68 -1.31 10.43 4.31
N GLY A 69 -2.22 9.91 5.15
CA GLY A 69 -1.92 9.06 6.29
C GLY A 69 -1.42 7.65 5.91
N LEU A 70 -1.84 7.12 4.74
CA LEU A 70 -1.38 5.81 4.24
C LEU A 70 0.12 5.81 3.90
N GLN A 71 0.72 6.94 3.51
CA GLN A 71 2.15 7.01 3.15
C GLN A 71 3.06 6.67 4.35
N LYS A 72 2.62 7.05 5.56
CA LYS A 72 3.30 6.85 6.84
C LYS A 72 3.46 5.37 7.22
N LEU A 73 2.51 4.51 6.81
CA LEU A 73 2.54 3.06 6.99
C LEU A 73 3.75 2.47 6.26
N ILE A 74 3.87 2.72 4.95
CA ILE A 74 5.02 2.26 4.17
C ILE A 74 6.31 2.91 4.69
N ASN A 75 6.31 4.20 5.03
CA ASN A 75 7.49 4.91 5.54
C ASN A 75 8.10 4.26 6.81
N ASP A 76 7.30 3.53 7.61
CA ASP A 76 7.79 2.78 8.79
C ASP A 76 8.53 1.49 8.37
N SER A 77 7.92 0.65 7.53
CA SER A 77 8.43 -0.64 7.02
C SER A 77 9.14 -0.53 5.67
N VAL A 78 9.58 0.66 5.24
CA VAL A 78 10.13 0.92 3.90
C VAL A 78 11.38 0.09 3.59
N PHE A 79 12.28 -0.07 4.56
CA PHE A 79 13.48 -0.91 4.45
C PHE A 79 13.18 -2.40 4.61
N PHE A 80 11.93 -2.75 4.91
CA PHE A 80 11.46 -4.15 5.06
C PHE A 80 10.76 -4.62 3.79
N LEU A 81 9.85 -3.81 3.24
CA LEU A 81 9.13 -4.08 2.01
C LEU A 81 10.10 -4.17 0.81
N ALA A 82 9.94 -5.20 -0.02
CA ALA A 82 10.70 -5.36 -1.26
C ALA A 82 10.48 -4.16 -2.20
N ALA A 83 11.41 -3.92 -3.13
CA ALA A 83 11.28 -2.83 -4.12
C ALA A 83 9.95 -2.91 -4.90
N TYR A 84 9.50 -4.14 -5.18
CA TYR A 84 8.23 -4.49 -5.82
C TYR A 84 7.04 -3.99 -4.99
N ASP A 85 6.93 -4.42 -3.74
CA ASP A 85 5.83 -4.10 -2.81
C ASP A 85 5.79 -2.61 -2.44
N LEU A 86 6.97 -2.01 -2.23
CA LEU A 86 7.15 -0.59 -1.96
C LEU A 86 6.55 0.25 -3.09
N ARG A 87 6.91 -0.06 -4.35
CA ARG A 87 6.39 0.58 -5.55
C ARG A 87 4.89 0.38 -5.75
N GLN A 88 4.39 -0.80 -5.38
CA GLN A 88 2.95 -1.15 -5.38
C GLN A 88 2.13 -0.35 -4.35
N GLY A 89 2.68 -0.06 -3.16
CA GLY A 89 2.01 0.74 -2.14
C GLY A 89 2.00 2.24 -2.46
N GLN A 90 3.15 2.80 -2.83
CA GLN A 90 3.25 4.22 -3.20
C GLN A 90 2.36 4.61 -4.39
N GLU A 91 2.29 3.81 -5.45
CA GLU A 91 1.44 4.12 -6.62
C GLU A 91 -0.07 4.04 -6.33
N ALA A 92 -0.46 3.20 -5.39
CA ALA A 92 -1.84 3.06 -4.94
C ALA A 92 -2.37 4.34 -4.26
N LEU A 93 -1.56 5.08 -3.50
CA LEU A 93 -1.98 6.37 -2.92
C LEU A 93 -2.40 7.36 -4.03
N ALA A 94 -1.60 7.43 -5.10
CA ALA A 94 -1.86 8.29 -6.26
C ALA A 94 -3.15 7.92 -6.98
N ARG A 95 -3.51 6.63 -6.97
CA ARG A 95 -4.74 6.11 -7.56
C ARG A 95 -5.98 6.74 -6.89
N LEU A 96 -5.94 6.88 -5.57
CA LEU A 96 -6.98 7.55 -4.78
C LEU A 96 -6.99 9.07 -5.03
N GLN A 97 -5.81 9.71 -5.12
CA GLN A 97 -5.64 11.13 -5.46
C GLN A 97 -6.31 11.52 -6.80
N ALA A 98 -6.18 10.69 -7.84
CA ALA A 98 -6.79 10.99 -9.14
C ALA A 98 -8.32 11.04 -9.08
N ALA A 99 -8.93 10.11 -8.33
CA ALA A 99 -10.37 10.10 -8.09
C ALA A 99 -10.82 11.36 -7.30
N LEU A 100 -10.00 11.82 -6.36
CA LEU A 100 -10.19 13.05 -5.59
C LEU A 100 -10.30 14.27 -6.53
N ALA A 101 -9.32 14.45 -7.42
CA ALA A 101 -9.32 15.54 -8.40
C ALA A 101 -10.54 15.49 -9.34
N GLU A 102 -10.85 14.33 -9.93
CA GLU A 102 -12.05 14.15 -10.77
C GLU A 102 -13.35 14.46 -10.03
N ARG A 103 -13.52 13.97 -8.79
CA ARG A 103 -14.67 14.26 -7.92
C ARG A 103 -14.80 15.75 -7.62
N ARG A 104 -13.67 16.47 -7.42
CA ARG A 104 -13.63 17.92 -7.19
C ARG A 104 -14.19 18.75 -8.35
N ARG A 105 -14.04 18.30 -9.60
CA ARG A 105 -14.57 19.00 -10.81
C ARG A 105 -16.08 19.21 -10.79
N GLY A 106 -16.84 18.31 -10.15
CA GLY A 106 -18.29 18.42 -9.98
C GLY A 106 -18.72 19.13 -8.69
N LEU A 107 -17.88 19.09 -7.64
CA LEU A 107 -18.13 19.70 -6.32
C LEU A 107 -17.77 21.19 -6.26
N GLN A 108 -16.51 21.52 -6.52
CA GLN A 108 -15.99 22.90 -6.55
C GLN A 108 -16.71 23.74 -7.62
N PRO A 109 -17.11 24.99 -7.35
CA PRO A 109 -17.74 25.86 -8.34
C PRO A 109 -16.75 26.31 -9.42
N LYS A 110 -17.27 26.59 -10.63
CA LYS A 110 -16.50 27.13 -11.76
C LYS A 110 -16.30 28.65 -11.63
N LYS A 111 -15.05 29.08 -11.46
CA LYS A 111 -14.63 30.49 -11.34
C LYS A 111 -15.03 31.33 -12.57
N MET A 1 -2.97 -25.60 9.16
CA MET A 1 -3.24 -24.14 9.17
C MET A 1 -4.41 -23.81 10.10
N PRO A 2 -4.20 -23.78 11.44
CA PRO A 2 -5.24 -23.48 12.42
C PRO A 2 -5.63 -21.98 12.47
N GLU A 3 -6.65 -21.66 13.26
CA GLU A 3 -7.14 -20.28 13.49
C GLU A 3 -7.14 -19.88 14.97
N ARG A 4 -7.70 -20.73 15.86
CA ARG A 4 -7.73 -20.49 17.31
C ARG A 4 -6.32 -20.43 17.92
N LEU A 5 -6.11 -19.46 18.81
CA LEU A 5 -4.87 -19.19 19.55
C LEU A 5 -4.99 -19.56 21.05
N GLN A 6 -6.12 -19.27 21.69
CA GLN A 6 -6.41 -19.66 23.08
C GLN A 6 -6.80 -21.14 23.16
N ARG A 7 -5.79 -22.02 23.27
CA ARG A 7 -5.96 -23.48 23.38
C ARG A 7 -4.91 -24.09 24.32
N ARG A 8 -5.31 -25.09 25.11
CA ARG A 8 -4.45 -25.79 26.09
C ARG A 8 -3.29 -26.55 25.43
N GLU A 9 -3.44 -26.96 24.17
CA GLU A 9 -2.37 -27.60 23.39
C GLU A 9 -1.44 -26.59 22.71
N GLN A 10 -1.94 -25.42 22.27
CA GLN A 10 -1.12 -24.37 21.65
C GLN A 10 -0.01 -23.88 22.59
N GLU A 11 -0.32 -23.65 23.87
CA GLU A 11 0.70 -23.28 24.87
C GLU A 11 1.75 -24.39 25.12
N ARG A 12 1.40 -25.66 24.90
CA ARG A 12 2.33 -26.82 24.99
C ARG A 12 3.17 -27.03 23.73
N GLN A 13 2.65 -26.65 22.56
CA GLN A 13 3.36 -26.68 21.27
C GLN A 13 4.58 -25.73 21.23
N LEU A 14 4.60 -24.67 22.04
CA LEU A 14 5.74 -23.74 22.18
C LEU A 14 7.05 -24.42 22.63
N GLU A 15 6.92 -25.52 23.37
CA GLU A 15 8.05 -26.36 23.82
C GLU A 15 8.75 -27.05 22.62
N VAL A 16 7.98 -27.43 21.59
CA VAL A 16 8.49 -28.02 20.34
C VAL A 16 8.99 -26.95 19.36
N GLU A 17 8.32 -25.78 19.32
CA GLU A 17 8.74 -24.65 18.46
C GLU A 17 10.16 -24.16 18.76
N ARG A 18 10.64 -24.35 19.98
CA ARG A 18 12.01 -24.05 20.43
C ARG A 18 13.08 -24.73 19.57
N ARG A 19 12.84 -25.97 19.12
CA ARG A 19 13.69 -26.74 18.19
C ARG A 19 13.50 -26.31 16.74
N LYS A 20 12.30 -25.93 16.33
CA LYS A 20 12.00 -25.43 14.98
C LYS A 20 12.60 -24.05 14.71
N GLN A 21 12.72 -23.21 15.74
CA GLN A 21 13.35 -21.88 15.70
C GLN A 21 14.84 -21.91 15.31
N LYS A 22 15.50 -23.08 15.40
CA LYS A 22 16.89 -23.32 14.98
C LYS A 22 17.10 -23.26 13.45
N ARG A 23 16.03 -23.40 12.67
CA ARG A 23 15.99 -23.28 11.21
C ARG A 23 16.15 -21.81 10.76
N GLN A 24 16.08 -21.54 9.46
CA GLN A 24 16.15 -20.19 8.87
C GLN A 24 15.10 -19.24 9.49
N ASN A 25 15.54 -18.18 10.19
CA ASN A 25 14.62 -17.16 10.73
C ASN A 25 14.04 -16.21 9.66
N GLN A 26 14.61 -16.19 8.44
CA GLN A 26 14.13 -15.38 7.30
C GLN A 26 12.72 -15.73 6.83
N GLU A 27 12.22 -16.92 7.19
CA GLU A 27 10.85 -17.36 6.91
C GLU A 27 9.78 -16.54 7.64
N VAL A 28 10.16 -15.91 8.74
CA VAL A 28 9.29 -15.08 9.58
C VAL A 28 9.06 -13.70 8.96
N GLU A 29 9.91 -13.26 8.04
CA GLU A 29 9.75 -11.96 7.34
C GLU A 29 8.42 -11.88 6.57
N LYS A 30 7.98 -13.02 6.04
CA LYS A 30 6.72 -13.20 5.29
C LYS A 30 5.46 -12.93 6.11
N GLU A 31 5.53 -13.17 7.42
CA GLU A 31 4.45 -12.88 8.38
C GLU A 31 4.14 -11.38 8.43
N ASN A 32 5.18 -10.54 8.45
CA ASN A 32 5.07 -9.09 8.43
C ASN A 32 4.73 -8.53 7.03
N SER A 33 5.25 -9.13 5.94
CA SER A 33 4.94 -8.72 4.56
C SER A 33 3.44 -8.85 4.25
N HIS A 34 2.83 -9.98 4.63
CA HIS A 34 1.39 -10.20 4.48
C HIS A 34 0.57 -9.23 5.36
N PHE A 35 1.02 -8.95 6.58
CA PHE A 35 0.37 -8.00 7.49
C PHE A 35 0.21 -6.61 6.85
N PHE A 36 1.26 -6.09 6.19
CA PHE A 36 1.21 -4.84 5.45
C PHE A 36 0.07 -4.83 4.42
N VAL A 37 0.03 -5.82 3.53
CA VAL A 37 -1.02 -5.94 2.50
C VAL A 37 -2.42 -5.92 3.12
N ALA A 38 -2.61 -6.62 4.25
CA ALA A 38 -3.88 -6.60 4.99
C ALA A 38 -4.23 -5.21 5.52
N THR A 39 -3.38 -4.60 6.35
CA THR A 39 -3.64 -3.26 6.93
C THR A 39 -3.79 -2.18 5.84
N PHE A 40 -2.96 -2.21 4.79
CA PHE A 40 -3.01 -1.29 3.65
C PHE A 40 -4.32 -1.43 2.86
N ALA A 41 -4.73 -2.66 2.50
CA ALA A 41 -5.99 -2.93 1.81
C ALA A 41 -7.21 -2.40 2.59
N ARG A 42 -7.25 -2.62 3.90
CA ARG A 42 -8.33 -2.16 4.79
C ARG A 42 -8.33 -0.64 4.95
N GLU A 43 -7.16 0.00 5.05
CA GLU A 43 -7.02 1.46 5.10
C GLU A 43 -7.49 2.11 3.79
N ARG A 44 -6.96 1.66 2.64
CA ARG A 44 -7.33 2.21 1.31
C ARG A 44 -8.84 2.14 1.08
N ALA A 45 -9.50 1.09 1.55
CA ALA A 45 -10.94 0.87 1.40
C ALA A 45 -11.78 1.97 2.06
N ALA A 46 -11.46 2.33 3.31
CA ALA A 46 -12.15 3.40 4.03
C ALA A 46 -12.03 4.75 3.31
N VAL A 47 -10.85 5.03 2.74
CA VAL A 47 -10.61 6.23 1.91
C VAL A 47 -11.42 6.17 0.62
N GLU A 48 -11.34 5.06 -0.12
CA GLU A 48 -12.03 4.83 -1.40
C GLU A 48 -13.56 5.04 -1.28
N GLU A 49 -14.15 4.65 -0.15
CA GLU A 49 -15.56 4.87 0.16
C GLU A 49 -15.90 6.35 0.42
N LEU A 50 -15.02 7.08 1.10
CA LEU A 50 -15.15 8.53 1.36
C LEU A 50 -15.26 9.31 0.03
N LEU A 51 -14.58 8.86 -1.03
CA LEU A 51 -14.64 9.47 -2.36
C LEU A 51 -16.06 9.48 -2.98
N GLU A 52 -16.91 8.51 -2.64
CA GLU A 52 -18.32 8.46 -3.08
C GLU A 52 -19.22 9.31 -2.15
N ARG A 53 -18.88 9.39 -0.86
CA ARG A 53 -19.55 10.20 0.17
C ARG A 53 -19.20 11.70 0.11
N ALA A 54 -18.26 12.11 -0.73
CA ALA A 54 -17.83 13.49 -0.92
C ALA A 54 -18.82 14.33 -1.78
N GLU A 55 -20.01 14.59 -1.25
CA GLU A 55 -21.03 15.45 -1.90
C GLU A 55 -20.68 16.95 -1.87
N SER A 56 -19.76 17.36 -0.99
CA SER A 56 -19.27 18.73 -0.81
C SER A 56 -17.75 18.76 -0.60
N VAL A 57 -17.13 19.92 -0.85
CA VAL A 57 -15.67 20.14 -0.71
C VAL A 57 -15.16 19.85 0.72
N GLU A 58 -15.99 20.08 1.74
CA GLU A 58 -15.69 19.77 3.15
C GLU A 58 -15.31 18.29 3.39
N ARG A 59 -16.01 17.36 2.73
CA ARG A 59 -15.73 15.91 2.74
C ARG A 59 -14.64 15.56 1.73
N LEU A 60 -14.58 16.24 0.58
CA LEU A 60 -13.55 16.07 -0.43
C LEU A 60 -12.14 16.31 0.14
N GLU A 61 -11.94 17.36 0.95
CA GLU A 61 -10.67 17.63 1.64
C GLU A 61 -10.34 16.57 2.72
N GLU A 62 -11.35 16.02 3.39
CA GLU A 62 -11.17 14.96 4.42
C GLU A 62 -10.59 13.67 3.83
N ALA A 63 -10.98 13.27 2.61
CA ALA A 63 -10.42 12.11 1.91
C ALA A 63 -8.89 12.14 1.80
N ALA A 64 -8.29 13.28 1.43
CA ALA A 64 -6.83 13.42 1.41
C ALA A 64 -6.21 13.20 2.80
N SER A 65 -6.90 13.59 3.87
CA SER A 65 -6.41 13.42 5.24
C SER A 65 -6.52 11.97 5.74
N ARG A 66 -7.24 11.09 5.03
CA ARG A 66 -7.32 9.66 5.35
C ARG A 66 -6.16 8.94 4.66
N LEU A 67 -5.89 9.29 3.39
CA LEU A 67 -4.78 8.77 2.59
C LEU A 67 -3.40 9.30 3.02
N GLN A 68 -3.33 10.48 3.64
CA GLN A 68 -2.06 11.05 4.16
C GLN A 68 -1.38 10.11 5.17
N GLY A 69 -2.19 9.42 5.98
CA GLY A 69 -1.77 8.42 6.97
C GLY A 69 -1.33 7.10 6.35
N LEU A 70 -1.88 6.74 5.19
CA LEU A 70 -1.46 5.55 4.44
C LEU A 70 -0.01 5.66 3.99
N GLN A 71 0.46 6.87 3.60
CA GLN A 71 1.86 7.07 3.19
C GLN A 71 2.83 6.75 4.34
N LYS A 72 2.44 7.09 5.58
CA LYS A 72 3.20 6.84 6.81
C LYS A 72 3.44 5.35 7.08
N LEU A 73 2.47 4.48 6.78
CA LEU A 73 2.56 3.03 6.93
C LEU A 73 3.74 2.47 6.12
N ILE A 74 3.81 2.79 4.82
CA ILE A 74 4.96 2.39 4.00
C ILE A 74 6.23 3.10 4.46
N ASN A 75 6.19 4.42 4.70
CA ASN A 75 7.34 5.22 5.14
C ASN A 75 8.03 4.68 6.41
N ASP A 76 7.29 4.03 7.33
CA ASP A 76 7.84 3.38 8.51
C ASP A 76 8.64 2.10 8.17
N SER A 77 8.06 1.22 7.35
CA SER A 77 8.64 -0.09 6.95
C SER A 77 9.24 -0.08 5.53
N VAL A 78 9.68 1.07 5.02
CA VAL A 78 10.13 1.26 3.63
C VAL A 78 11.35 0.42 3.27
N PHE A 79 12.33 0.33 4.18
CA PHE A 79 13.51 -0.52 4.01
C PHE A 79 13.22 -2.01 4.30
N PHE A 80 12.00 -2.33 4.72
CA PHE A 80 11.53 -3.69 4.98
C PHE A 80 10.75 -4.26 3.78
N LEU A 81 9.79 -3.49 3.25
CA LEU A 81 9.02 -3.83 2.06
C LEU A 81 9.92 -4.00 0.83
N ALA A 82 9.65 -5.04 0.02
CA ALA A 82 10.36 -5.28 -1.24
C ALA A 82 10.18 -4.11 -2.22
N ALA A 83 11.12 -3.91 -3.13
CA ALA A 83 11.06 -2.86 -4.17
C ALA A 83 9.74 -2.87 -4.97
N TYR A 84 9.15 -4.07 -5.16
CA TYR A 84 7.85 -4.29 -5.79
C TYR A 84 6.71 -3.76 -4.91
N ASP A 85 6.55 -4.34 -3.71
CA ASP A 85 5.47 -4.03 -2.75
C ASP A 85 5.45 -2.55 -2.33
N LEU A 86 6.65 -1.95 -2.24
CA LEU A 86 6.84 -0.54 -1.96
C LEU A 86 6.17 0.32 -3.05
N ARG A 87 6.62 0.17 -4.30
CA ARG A 87 6.07 0.89 -5.46
C ARG A 87 4.59 0.60 -5.68
N GLN A 88 4.16 -0.62 -5.36
CA GLN A 88 2.76 -1.07 -5.41
C GLN A 88 1.88 -0.27 -4.43
N GLY A 89 2.28 -0.15 -3.15
CA GLY A 89 1.55 0.60 -2.14
C GLY A 89 1.52 2.10 -2.42
N GLN A 90 2.66 2.72 -2.74
CA GLN A 90 2.70 4.15 -3.09
C GLN A 90 1.82 4.50 -4.32
N GLU A 91 1.74 3.63 -5.32
CA GLU A 91 0.85 3.83 -6.48
C GLU A 91 -0.64 3.83 -6.13
N ALA A 92 -1.04 3.04 -5.13
CA ALA A 92 -2.41 2.96 -4.65
C ALA A 92 -2.91 4.27 -4.01
N LEU A 93 -2.09 4.98 -3.24
CA LEU A 93 -2.46 6.31 -2.70
C LEU A 93 -2.91 7.28 -3.79
N ALA A 94 -2.16 7.33 -4.89
CA ALA A 94 -2.43 8.19 -6.04
C ALA A 94 -3.74 7.81 -6.74
N ARG A 95 -4.10 6.52 -6.72
CA ARG A 95 -5.34 5.99 -7.29
C ARG A 95 -6.57 6.59 -6.60
N LEU A 96 -6.52 6.71 -5.28
CA LEU A 96 -7.54 7.36 -4.43
C LEU A 96 -7.55 8.89 -4.68
N GLN A 97 -6.38 9.53 -4.79
CA GLN A 97 -6.22 10.96 -5.12
C GLN A 97 -6.85 11.34 -6.47
N ALA A 98 -6.67 10.52 -7.51
CA ALA A 98 -7.23 10.77 -8.84
C ALA A 98 -8.77 10.84 -8.81
N ALA A 99 -9.43 9.84 -8.23
CA ALA A 99 -10.89 9.83 -8.04
C ALA A 99 -11.40 11.05 -7.24
N LEU A 100 -10.58 11.65 -6.38
CA LEU A 100 -10.90 12.86 -5.65
C LEU A 100 -10.92 14.08 -6.59
N ALA A 101 -9.85 14.24 -7.39
CA ALA A 101 -9.74 15.29 -8.40
C ALA A 101 -10.81 15.20 -9.52
N GLU A 102 -11.28 13.98 -9.84
CA GLU A 102 -12.37 13.76 -10.81
C GLU A 102 -13.66 14.50 -10.41
N ARG A 103 -14.11 14.36 -9.15
CA ARG A 103 -15.27 15.11 -8.62
C ARG A 103 -14.92 16.55 -8.26
N ARG A 104 -13.66 16.85 -7.89
CA ARG A 104 -13.19 18.22 -7.62
C ARG A 104 -13.53 19.18 -8.76
N ARG A 105 -13.40 18.75 -10.03
CA ARG A 105 -13.69 19.56 -11.22
C ARG A 105 -15.11 20.14 -11.28
N GLY A 106 -16.09 19.48 -10.65
CA GLY A 106 -17.47 19.95 -10.51
C GLY A 106 -17.80 20.57 -9.14
N LEU A 107 -17.08 20.18 -8.09
CA LEU A 107 -17.25 20.67 -6.70
C LEU A 107 -16.53 22.02 -6.47
N GLN A 108 -15.20 22.00 -6.38
CA GLN A 108 -14.36 23.19 -6.17
C GLN A 108 -14.17 23.95 -7.51
N PRO A 109 -14.32 25.29 -7.54
CA PRO A 109 -14.08 26.07 -8.75
C PRO A 109 -12.59 26.10 -9.14
N LYS A 110 -12.31 26.42 -10.42
CA LYS A 110 -10.94 26.59 -10.94
C LYS A 110 -10.28 27.87 -10.40
N LYS A 111 -8.98 28.05 -10.68
CA LYS A 111 -8.19 29.25 -10.34
C LYS A 111 -8.80 30.53 -10.91
#